data_7EPP
# 
_entry.id   7EPP 
# 
_audit_conform.dict_name       mmcif_pdbx.dic 
_audit_conform.dict_version    5.392 
_audit_conform.dict_location   http://mmcif.pdb.org/dictionaries/ascii/mmcif_pdbx.dic 
# 
loop_
_database_2.database_id 
_database_2.database_code 
_database_2.pdbx_database_accession 
_database_2.pdbx_DOI 
PDB   7EPP         pdb_00007epp 10.2210/pdb7epp/pdb 
WWPDB D_1300021937 ?            ?                   
EMDB  EMD-31248    ?            ?                   
# 
loop_
_pdbx_audit_revision_history.ordinal 
_pdbx_audit_revision_history.data_content_type 
_pdbx_audit_revision_history.major_revision 
_pdbx_audit_revision_history.minor_revision 
_pdbx_audit_revision_history.revision_date 
1 'Structure model' 1 0 2021-11-17 
2 'Structure model' 1 1 2024-06-05 
# 
_pdbx_audit_revision_details.ordinal             1 
_pdbx_audit_revision_details.revision_ordinal    1 
_pdbx_audit_revision_details.data_content_type   'Structure model' 
_pdbx_audit_revision_details.provider            repository 
_pdbx_audit_revision_details.type                'Initial release' 
_pdbx_audit_revision_details.description         ? 
_pdbx_audit_revision_details.details             ? 
# 
loop_
_pdbx_audit_revision_group.ordinal 
_pdbx_audit_revision_group.revision_ordinal 
_pdbx_audit_revision_group.data_content_type 
_pdbx_audit_revision_group.group 
1 2 'Structure model' 'Data collection'      
2 2 'Structure model' 'Derived calculations' 
# 
loop_
_pdbx_audit_revision_category.ordinal 
_pdbx_audit_revision_category.revision_ordinal 
_pdbx_audit_revision_category.data_content_type 
_pdbx_audit_revision_category.category 
1 2 'Structure model' chem_comp_atom        
2 2 'Structure model' chem_comp_bond        
3 2 'Structure model' pdbx_struct_oper_list 
# 
loop_
_pdbx_audit_revision_item.ordinal 
_pdbx_audit_revision_item.revision_ordinal 
_pdbx_audit_revision_item.data_content_type 
_pdbx_audit_revision_item.item 
1 2 'Structure model' '_pdbx_struct_oper_list.name'               
2 2 'Structure model' '_pdbx_struct_oper_list.symmetry_operation' 
3 2 'Structure model' '_pdbx_struct_oper_list.type'               
# 
_pdbx_database_status.status_code                     REL 
_pdbx_database_status.status_code_sf                  ? 
_pdbx_database_status.status_code_mr                  ? 
_pdbx_database_status.entry_id                        7EPP 
_pdbx_database_status.recvd_initial_deposition_date   2021-04-27 
_pdbx_database_status.SG_entry                        N 
_pdbx_database_status.deposit_site                    PDBJ 
_pdbx_database_status.process_site                    PDBJ 
_pdbx_database_status.status_code_cs                  ? 
_pdbx_database_status.status_code_nmr_data            ? 
_pdbx_database_status.methods_development_category    ? 
_pdbx_database_status.pdb_format_compatible           Y 
# 
_pdbx_database_related.db_name        EMDB 
_pdbx_database_related.details        'recombinant Alfalfa Mosaic virus coat protein virus-like particle (rAMV-CP VLP)' 
_pdbx_database_related.db_id          EMD-31248 
_pdbx_database_related.content_type   'associated EM volume' 
# 
loop_
_audit_author.name 
_audit_author.pdbx_ordinal 
_audit_author.identifier_ORCID 
'Jeong, H.' 1 0000-0003-0095-3402 
'Lee, S.'   2 0000-0001-8777-6220 
# 
_citation.abstract                  ? 
_citation.abstract_id_CAS           ? 
_citation.book_id_ISBN              ? 
_citation.book_publisher            ? 
_citation.book_publisher_city       ? 
_citation.book_title                ? 
_citation.coordinate_linkage        ? 
_citation.country                   US 
_citation.database_id_Medline       ? 
_citation.details                   ? 
_citation.id                        primary 
_citation.journal_abbrev            Biochem.Biophys.Res.Commun. 
_citation.journal_id_ASTM           BBRCA9 
_citation.journal_id_CSD            0146 
_citation.journal_id_ISSN           1090-2104 
_citation.journal_full              ? 
_citation.journal_issue             ? 
_citation.journal_volume            559 
_citation.language                  ? 
_citation.page_first                161 
_citation.page_last                 167 
_citation.title                     'Characterization of alfalfa mosaic virus capsid protein using Cryo-EM.' 
_citation.year                      2021 
_citation.database_id_CSD           ? 
_citation.pdbx_database_id_DOI      10.1016/j.bbrc.2021.04.060 
_citation.pdbx_database_id_PubMed   33940388 
_citation.pdbx_database_id_patent   ? 
_citation.unpublished_flag          ? 
# 
loop_
_citation_author.citation_id 
_citation_author.name 
_citation_author.ordinal 
_citation_author.identifier_ORCID 
primary 'Jeong, H.'  1 ? 
primary 'Park, Y.'   2 ? 
primary 'Song, S.'   3 ? 
primary 'Min, K.'    4 ? 
primary 'Woo, J.S.'  5 ? 
primary 'Lee, Y.H.'  6 ? 
primary 'Sohn, E.J.' 7 ? 
primary 'Lee, S.'    8 ? 
# 
loop_
_entity.id 
_entity.type 
_entity.src_method 
_entity.pdbx_description 
_entity.formula_weight 
_entity.pdbx_number_of_molecules 
_entity.pdbx_ec 
_entity.pdbx_mutation 
_entity.pdbx_fragment 
_entity.details 
1 polymer man 'Capsid protein' 28373.334 1  ? ? ? ? 
2 water   nat water            18.015    30 ? ? ? ? 
# 
_entity_name_com.entity_id   1 
_entity_name_com.name        'CP,Coat protein' 
# 
_entity_poly.entity_id                      1 
_entity_poly.type                           'polypeptide(L)' 
_entity_poly.nstd_linkage                   no 
_entity_poly.nstd_monomer                   no 
_entity_poly.pdbx_seq_one_letter_code       
;CMQVWPPIGKKKFETLSYLPDLTGSMSSSQKKAGGKAGKPTKRSQNYAALRKAQLPKPPALKVPVVKPTNTILPQTGCVW
QSLGTPLSLSSFNGLGVRFLYSFLKDFAGPRILEEDLIYRMVFSITPSYAGTFCLTDDVTTEDGRAVAHGNPMQEFPHGA
FHANEKFGFELVFTAPTHAGMQNQNFKHSYAVALCLDFDAQPEGSKNPSYRFNEVWVERKAFPRAGPLRSLITVGLLDEA
DDLDRHPRGHHHHHH
;
_entity_poly.pdbx_seq_one_letter_code_can   
;CMQVWPPIGKKKFETLSYLPDLTGSMSSSQKKAGGKAGKPTKRSQNYAALRKAQLPKPPALKVPVVKPTNTILPQTGCVW
QSLGTPLSLSSFNGLGVRFLYSFLKDFAGPRILEEDLIYRMVFSITPSYAGTFCLTDDVTTEDGRAVAHGNPMQEFPHGA
FHANEKFGFELVFTAPTHAGMQNQNFKHSYAVALCLDFDAQPEGSKNPSYRFNEVWVERKAFPRAGPLRSLITVGLLDEA
DDLDRHPRGHHHHHH
;
_entity_poly.pdbx_strand_id                 a 
_entity_poly.pdbx_target_identifier         ? 
# 
_pdbx_entity_nonpoly.entity_id   2 
_pdbx_entity_nonpoly.name        water 
_pdbx_entity_nonpoly.comp_id     HOH 
# 
loop_
_entity_poly_seq.entity_id 
_entity_poly_seq.num 
_entity_poly_seq.mon_id 
_entity_poly_seq.hetero 
1 1   CYS n 
1 2   MET n 
1 3   GLN n 
1 4   VAL n 
1 5   TRP n 
1 6   PRO n 
1 7   PRO n 
1 8   ILE n 
1 9   GLY n 
1 10  LYS n 
1 11  LYS n 
1 12  LYS n 
1 13  PHE n 
1 14  GLU n 
1 15  THR n 
1 16  LEU n 
1 17  SER n 
1 18  TYR n 
1 19  LEU n 
1 20  PRO n 
1 21  ASP n 
1 22  LEU n 
1 23  THR n 
1 24  GLY n 
1 25  SER n 
1 26  MET n 
1 27  SER n 
1 28  SER n 
1 29  SER n 
1 30  GLN n 
1 31  LYS n 
1 32  LYS n 
1 33  ALA n 
1 34  GLY n 
1 35  GLY n 
1 36  LYS n 
1 37  ALA n 
1 38  GLY n 
1 39  LYS n 
1 40  PRO n 
1 41  THR n 
1 42  LYS n 
1 43  ARG n 
1 44  SER n 
1 45  GLN n 
1 46  ASN n 
1 47  TYR n 
1 48  ALA n 
1 49  ALA n 
1 50  LEU n 
1 51  ARG n 
1 52  LYS n 
1 53  ALA n 
1 54  GLN n 
1 55  LEU n 
1 56  PRO n 
1 57  LYS n 
1 58  PRO n 
1 59  PRO n 
1 60  ALA n 
1 61  LEU n 
1 62  LYS n 
1 63  VAL n 
1 64  PRO n 
1 65  VAL n 
1 66  VAL n 
1 67  LYS n 
1 68  PRO n 
1 69  THR n 
1 70  ASN n 
1 71  THR n 
1 72  ILE n 
1 73  LEU n 
1 74  PRO n 
1 75  GLN n 
1 76  THR n 
1 77  GLY n 
1 78  CYS n 
1 79  VAL n 
1 80  TRP n 
1 81  GLN n 
1 82  SER n 
1 83  LEU n 
1 84  GLY n 
1 85  THR n 
1 86  PRO n 
1 87  LEU n 
1 88  SER n 
1 89  LEU n 
1 90  SER n 
1 91  SER n 
1 92  PHE n 
1 93  ASN n 
1 94  GLY n 
1 95  LEU n 
1 96  GLY n 
1 97  VAL n 
1 98  ARG n 
1 99  PHE n 
1 100 LEU n 
1 101 TYR n 
1 102 SER n 
1 103 PHE n 
1 104 LEU n 
1 105 LYS n 
1 106 ASP n 
1 107 PHE n 
1 108 ALA n 
1 109 GLY n 
1 110 PRO n 
1 111 ARG n 
1 112 ILE n 
1 113 LEU n 
1 114 GLU n 
1 115 GLU n 
1 116 ASP n 
1 117 LEU n 
1 118 ILE n 
1 119 TYR n 
1 120 ARG n 
1 121 MET n 
1 122 VAL n 
1 123 PHE n 
1 124 SER n 
1 125 ILE n 
1 126 THR n 
1 127 PRO n 
1 128 SER n 
1 129 TYR n 
1 130 ALA n 
1 131 GLY n 
1 132 THR n 
1 133 PHE n 
1 134 CYS n 
1 135 LEU n 
1 136 THR n 
1 137 ASP n 
1 138 ASP n 
1 139 VAL n 
1 140 THR n 
1 141 THR n 
1 142 GLU n 
1 143 ASP n 
1 144 GLY n 
1 145 ARG n 
1 146 ALA n 
1 147 VAL n 
1 148 ALA n 
1 149 HIS n 
1 150 GLY n 
1 151 ASN n 
1 152 PRO n 
1 153 MET n 
1 154 GLN n 
1 155 GLU n 
1 156 PHE n 
1 157 PRO n 
1 158 HIS n 
1 159 GLY n 
1 160 ALA n 
1 161 PHE n 
1 162 HIS n 
1 163 ALA n 
1 164 ASN n 
1 165 GLU n 
1 166 LYS n 
1 167 PHE n 
1 168 GLY n 
1 169 PHE n 
1 170 GLU n 
1 171 LEU n 
1 172 VAL n 
1 173 PHE n 
1 174 THR n 
1 175 ALA n 
1 176 PRO n 
1 177 THR n 
1 178 HIS n 
1 179 ALA n 
1 180 GLY n 
1 181 MET n 
1 182 GLN n 
1 183 ASN n 
1 184 GLN n 
1 185 ASN n 
1 186 PHE n 
1 187 LYS n 
1 188 HIS n 
1 189 SER n 
1 190 TYR n 
1 191 ALA n 
1 192 VAL n 
1 193 ALA n 
1 194 LEU n 
1 195 CYS n 
1 196 LEU n 
1 197 ASP n 
1 198 PHE n 
1 199 ASP n 
1 200 ALA n 
1 201 GLN n 
1 202 PRO n 
1 203 GLU n 
1 204 GLY n 
1 205 SER n 
1 206 LYS n 
1 207 ASN n 
1 208 PRO n 
1 209 SER n 
1 210 TYR n 
1 211 ARG n 
1 212 PHE n 
1 213 ASN n 
1 214 GLU n 
1 215 VAL n 
1 216 TRP n 
1 217 VAL n 
1 218 GLU n 
1 219 ARG n 
1 220 LYS n 
1 221 ALA n 
1 222 PHE n 
1 223 PRO n 
1 224 ARG n 
1 225 ALA n 
1 226 GLY n 
1 227 PRO n 
1 228 LEU n 
1 229 ARG n 
1 230 SER n 
1 231 LEU n 
1 232 ILE n 
1 233 THR n 
1 234 VAL n 
1 235 GLY n 
1 236 LEU n 
1 237 LEU n 
1 238 ASP n 
1 239 GLU n 
1 240 ALA n 
1 241 ASP n 
1 242 ASP n 
1 243 LEU n 
1 244 ASP n 
1 245 ARG n 
1 246 HIS n 
1 247 PRO n 
1 248 ARG n 
1 249 GLY n 
1 250 HIS n 
1 251 HIS n 
1 252 HIS n 
1 253 HIS n 
1 254 HIS n 
1 255 HIS n 
# 
_entity_src_gen.entity_id                          1 
_entity_src_gen.pdbx_src_id                        1 
_entity_src_gen.pdbx_alt_source_flag               sample 
_entity_src_gen.pdbx_seq_type                      'Biological sequence' 
_entity_src_gen.pdbx_beg_seq_num                   1 
_entity_src_gen.pdbx_end_seq_num                   255 
_entity_src_gen.gene_src_common_name               ? 
_entity_src_gen.gene_src_genus                     ? 
_entity_src_gen.pdbx_gene_src_gene                 ORF3b 
_entity_src_gen.gene_src_species                   ? 
_entity_src_gen.gene_src_strain                    ? 
_entity_src_gen.gene_src_tissue                    ? 
_entity_src_gen.gene_src_tissue_fraction           ? 
_entity_src_gen.gene_src_details                   ? 
_entity_src_gen.pdbx_gene_src_fragment             ? 
_entity_src_gen.pdbx_gene_src_scientific_name      'Alfalfa mosaic virus (strain 425 / isolate Madison)' 
_entity_src_gen.pdbx_gene_src_ncbi_taxonomy_id     12323 
_entity_src_gen.pdbx_gene_src_variant              ? 
_entity_src_gen.pdbx_gene_src_cell_line            ? 
_entity_src_gen.pdbx_gene_src_atcc                 ? 
_entity_src_gen.pdbx_gene_src_organ                ? 
_entity_src_gen.pdbx_gene_src_organelle            ? 
_entity_src_gen.pdbx_gene_src_cell                 ? 
_entity_src_gen.pdbx_gene_src_cellular_location    ? 
_entity_src_gen.host_org_common_name               ? 
_entity_src_gen.pdbx_host_org_scientific_name      'Nicotiana benthamiana' 
_entity_src_gen.pdbx_host_org_ncbi_taxonomy_id     4100 
_entity_src_gen.host_org_genus                     ? 
_entity_src_gen.pdbx_host_org_gene                 ? 
_entity_src_gen.pdbx_host_org_organ                ? 
_entity_src_gen.host_org_species                   ? 
_entity_src_gen.pdbx_host_org_tissue               ? 
_entity_src_gen.pdbx_host_org_tissue_fraction      ? 
_entity_src_gen.pdbx_host_org_strain               ? 
_entity_src_gen.pdbx_host_org_variant              ? 
_entity_src_gen.pdbx_host_org_cell_line            ? 
_entity_src_gen.pdbx_host_org_atcc                 ? 
_entity_src_gen.pdbx_host_org_culture_collection   ? 
_entity_src_gen.pdbx_host_org_cell                 ? 
_entity_src_gen.pdbx_host_org_organelle            ? 
_entity_src_gen.pdbx_host_org_cellular_location    ? 
_entity_src_gen.pdbx_host_org_vector_type          ? 
_entity_src_gen.pdbx_host_org_vector               ? 
_entity_src_gen.host_org_details                   ? 
_entity_src_gen.expression_system_id               ? 
_entity_src_gen.plasmid_name                       ? 
_entity_src_gen.plasmid_details                    ? 
_entity_src_gen.pdbx_description                   ? 
# 
loop_
_chem_comp.id 
_chem_comp.type 
_chem_comp.mon_nstd_flag 
_chem_comp.name 
_chem_comp.pdbx_synonyms 
_chem_comp.formula 
_chem_comp.formula_weight 
ALA 'L-peptide linking' y ALANINE         ? 'C3 H7 N O2'     89.093  
ARG 'L-peptide linking' y ARGININE        ? 'C6 H15 N4 O2 1' 175.209 
ASN 'L-peptide linking' y ASPARAGINE      ? 'C4 H8 N2 O3'    132.118 
ASP 'L-peptide linking' y 'ASPARTIC ACID' ? 'C4 H7 N O4'     133.103 
CYS 'L-peptide linking' y CYSTEINE        ? 'C3 H7 N O2 S'   121.158 
GLN 'L-peptide linking' y GLUTAMINE       ? 'C5 H10 N2 O3'   146.144 
GLU 'L-peptide linking' y 'GLUTAMIC ACID' ? 'C5 H9 N O4'     147.129 
GLY 'peptide linking'   y GLYCINE         ? 'C2 H5 N O2'     75.067  
HIS 'L-peptide linking' y HISTIDINE       ? 'C6 H10 N3 O2 1' 156.162 
HOH non-polymer         . WATER           ? 'H2 O'           18.015  
ILE 'L-peptide linking' y ISOLEUCINE      ? 'C6 H13 N O2'    131.173 
LEU 'L-peptide linking' y LEUCINE         ? 'C6 H13 N O2'    131.173 
LYS 'L-peptide linking' y LYSINE          ? 'C6 H15 N2 O2 1' 147.195 
MET 'L-peptide linking' y METHIONINE      ? 'C5 H11 N O2 S'  149.211 
PHE 'L-peptide linking' y PHENYLALANINE   ? 'C9 H11 N O2'    165.189 
PRO 'L-peptide linking' y PROLINE         ? 'C5 H9 N O2'     115.130 
SER 'L-peptide linking' y SERINE          ? 'C3 H7 N O3'     105.093 
THR 'L-peptide linking' y THREONINE       ? 'C4 H9 N O3'     119.119 
TRP 'L-peptide linking' y TRYPTOPHAN      ? 'C11 H12 N2 O2'  204.225 
TYR 'L-peptide linking' y TYROSINE        ? 'C9 H11 N O3'    181.189 
VAL 'L-peptide linking' y VALINE          ? 'C5 H11 N O2'    117.146 
# 
loop_
_pdbx_poly_seq_scheme.asym_id 
_pdbx_poly_seq_scheme.entity_id 
_pdbx_poly_seq_scheme.seq_id 
_pdbx_poly_seq_scheme.mon_id 
_pdbx_poly_seq_scheme.ndb_seq_num 
_pdbx_poly_seq_scheme.pdb_seq_num 
_pdbx_poly_seq_scheme.auth_seq_num 
_pdbx_poly_seq_scheme.pdb_mon_id 
_pdbx_poly_seq_scheme.auth_mon_id 
_pdbx_poly_seq_scheme.pdb_strand_id 
_pdbx_poly_seq_scheme.pdb_ins_code 
_pdbx_poly_seq_scheme.hetero 
A 1 1   CYS 1   1   ?   ?   ?   a . n 
A 1 2   MET 2   2   ?   ?   ?   a . n 
A 1 3   GLN 3   3   ?   ?   ?   a . n 
A 1 4   VAL 4   4   ?   ?   ?   a . n 
A 1 5   TRP 5   5   ?   ?   ?   a . n 
A 1 6   PRO 6   6   ?   ?   ?   a . n 
A 1 7   PRO 7   7   ?   ?   ?   a . n 
A 1 8   ILE 8   8   ?   ?   ?   a . n 
A 1 9   GLY 9   9   ?   ?   ?   a . n 
A 1 10  LYS 10  10  ?   ?   ?   a . n 
A 1 11  LYS 11  11  ?   ?   ?   a . n 
A 1 12  LYS 12  12  ?   ?   ?   a . n 
A 1 13  PHE 13  13  ?   ?   ?   a . n 
A 1 14  GLU 14  14  ?   ?   ?   a . n 
A 1 15  THR 15  15  ?   ?   ?   a . n 
A 1 16  LEU 16  16  ?   ?   ?   a . n 
A 1 17  SER 17  17  ?   ?   ?   a . n 
A 1 18  TYR 18  18  ?   ?   ?   a . n 
A 1 19  LEU 19  19  ?   ?   ?   a . n 
A 1 20  PRO 20  20  ?   ?   ?   a . n 
A 1 21  ASP 21  21  ?   ?   ?   a . n 
A 1 22  LEU 22  22  ?   ?   ?   a . n 
A 1 23  THR 23  23  ?   ?   ?   a . n 
A 1 24  GLY 24  24  ?   ?   ?   a . n 
A 1 25  SER 25  25  ?   ?   ?   a . n 
A 1 26  MET 26  26  ?   ?   ?   a . n 
A 1 27  SER 27  27  ?   ?   ?   a . n 
A 1 28  SER 28  28  ?   ?   ?   a . n 
A 1 29  SER 29  29  ?   ?   ?   a . n 
A 1 30  GLN 30  30  ?   ?   ?   a . n 
A 1 31  LYS 31  31  ?   ?   ?   a . n 
A 1 32  LYS 32  32  ?   ?   ?   a . n 
A 1 33  ALA 33  33  ?   ?   ?   a . n 
A 1 34  GLY 34  34  ?   ?   ?   a . n 
A 1 35  GLY 35  35  ?   ?   ?   a . n 
A 1 36  LYS 36  36  ?   ?   ?   a . n 
A 1 37  ALA 37  37  ?   ?   ?   a . n 
A 1 38  GLY 38  38  ?   ?   ?   a . n 
A 1 39  LYS 39  39  ?   ?   ?   a . n 
A 1 40  PRO 40  40  ?   ?   ?   a . n 
A 1 41  THR 41  41  ?   ?   ?   a . n 
A 1 42  LYS 42  42  ?   ?   ?   a . n 
A 1 43  ARG 43  43  ?   ?   ?   a . n 
A 1 44  SER 44  44  ?   ?   ?   a . n 
A 1 45  GLN 45  45  ?   ?   ?   a . n 
A 1 46  ASN 46  46  ?   ?   ?   a . n 
A 1 47  TYR 47  47  ?   ?   ?   a . n 
A 1 48  ALA 48  48  ?   ?   ?   a . n 
A 1 49  ALA 49  49  ?   ?   ?   a . n 
A 1 50  LEU 50  50  ?   ?   ?   a . n 
A 1 51  ARG 51  51  ?   ?   ?   a . n 
A 1 52  LYS 52  52  ?   ?   ?   a . n 
A 1 53  ALA 53  53  ?   ?   ?   a . n 
A 1 54  GLN 54  54  ?   ?   ?   a . n 
A 1 55  LEU 55  55  ?   ?   ?   a . n 
A 1 56  PRO 56  56  ?   ?   ?   a . n 
A 1 57  LYS 57  57  ?   ?   ?   a . n 
A 1 58  PRO 58  58  ?   ?   ?   a . n 
A 1 59  PRO 59  59  ?   ?   ?   a . n 
A 1 60  ALA 60  60  ?   ?   ?   a . n 
A 1 61  LEU 61  61  ?   ?   ?   a . n 
A 1 62  LYS 62  62  ?   ?   ?   a . n 
A 1 63  VAL 63  63  ?   ?   ?   a . n 
A 1 64  PRO 64  64  ?   ?   ?   a . n 
A 1 65  VAL 65  65  ?   ?   ?   a . n 
A 1 66  VAL 66  66  ?   ?   ?   a . n 
A 1 67  LYS 67  67  ?   ?   ?   a . n 
A 1 68  PRO 68  68  ?   ?   ?   a . n 
A 1 69  THR 69  69  ?   ?   ?   a . n 
A 1 70  ASN 70  70  70  ASN ASN a . n 
A 1 71  THR 71  71  71  THR THR a . n 
A 1 72  ILE 72  72  72  ILE ILE a . n 
A 1 73  LEU 73  73  73  LEU LEU a . n 
A 1 74  PRO 74  74  74  PRO PRO a . n 
A 1 75  GLN 75  75  75  GLN GLN a . n 
A 1 76  THR 76  76  76  THR THR a . n 
A 1 77  GLY 77  77  77  GLY GLY a . n 
A 1 78  CYS 78  78  78  CYS CYS a . n 
A 1 79  VAL 79  79  79  VAL VAL a . n 
A 1 80  TRP 80  80  80  TRP TRP a . n 
A 1 81  GLN 81  81  81  GLN GLN a . n 
A 1 82  SER 82  82  82  SER SER a . n 
A 1 83  LEU 83  83  83  LEU LEU a . n 
A 1 84  GLY 84  84  84  GLY GLY a . n 
A 1 85  THR 85  85  85  THR THR a . n 
A 1 86  PRO 86  86  86  PRO PRO a . n 
A 1 87  LEU 87  87  87  LEU LEU a . n 
A 1 88  SER 88  88  88  SER SER a . n 
A 1 89  LEU 89  89  89  LEU LEU a . n 
A 1 90  SER 90  90  90  SER SER a . n 
A 1 91  SER 91  91  91  SER SER a . n 
A 1 92  PHE 92  92  92  PHE PHE a . n 
A 1 93  ASN 93  93  93  ASN ASN a . n 
A 1 94  GLY 94  94  94  GLY GLY a . n 
A 1 95  LEU 95  95  95  LEU LEU a . n 
A 1 96  GLY 96  96  96  GLY GLY a . n 
A 1 97  VAL 97  97  97  VAL VAL a . n 
A 1 98  ARG 98  98  98  ARG ARG a . n 
A 1 99  PHE 99  99  99  PHE PHE a . n 
A 1 100 LEU 100 100 100 LEU LEU a . n 
A 1 101 TYR 101 101 101 TYR TYR a . n 
A 1 102 SER 102 102 102 SER SER a . n 
A 1 103 PHE 103 103 103 PHE PHE a . n 
A 1 104 LEU 104 104 104 LEU LEU a . n 
A 1 105 LYS 105 105 105 LYS LYS a . n 
A 1 106 ASP 106 106 106 ASP ASP a . n 
A 1 107 PHE 107 107 107 PHE PHE a . n 
A 1 108 ALA 108 108 108 ALA ALA a . n 
A 1 109 GLY 109 109 109 GLY GLY a . n 
A 1 110 PRO 110 110 110 PRO PRO a . n 
A 1 111 ARG 111 111 111 ARG ARG a . n 
A 1 112 ILE 112 112 112 ILE ILE a . n 
A 1 113 LEU 113 113 113 LEU LEU a . n 
A 1 114 GLU 114 114 114 GLU GLU a . n 
A 1 115 GLU 115 115 115 GLU GLU a . n 
A 1 116 ASP 116 116 116 ASP ASP a . n 
A 1 117 LEU 117 117 117 LEU LEU a . n 
A 1 118 ILE 118 118 118 ILE ILE a . n 
A 1 119 TYR 119 119 119 TYR TYR a . n 
A 1 120 ARG 120 120 120 ARG ARG a . n 
A 1 121 MET 121 121 121 MET MET a . n 
A 1 122 VAL 122 122 122 VAL VAL a . n 
A 1 123 PHE 123 123 123 PHE PHE a . n 
A 1 124 SER 124 124 124 SER SER a . n 
A 1 125 ILE 125 125 125 ILE ILE a . n 
A 1 126 THR 126 126 126 THR THR a . n 
A 1 127 PRO 127 127 127 PRO PRO a . n 
A 1 128 SER 128 128 128 SER SER a . n 
A 1 129 TYR 129 129 129 TYR TYR a . n 
A 1 130 ALA 130 130 130 ALA ALA a . n 
A 1 131 GLY 131 131 131 GLY GLY a . n 
A 1 132 THR 132 132 132 THR THR a . n 
A 1 133 PHE 133 133 133 PHE PHE a . n 
A 1 134 CYS 134 134 134 CYS CYS a . n 
A 1 135 LEU 135 135 135 LEU LEU a . n 
A 1 136 THR 136 136 136 THR THR a . n 
A 1 137 ASP 137 137 137 ASP ASP a . n 
A 1 138 ASP 138 138 138 ASP ASP a . n 
A 1 139 VAL 139 139 139 VAL VAL a . n 
A 1 140 THR 140 140 140 THR THR a . n 
A 1 141 THR 141 141 141 THR THR a . n 
A 1 142 GLU 142 142 142 GLU GLU a . n 
A 1 143 ASP 143 143 143 ASP ASP a . n 
A 1 144 GLY 144 144 144 GLY GLY a . n 
A 1 145 ARG 145 145 145 ARG ARG a . n 
A 1 146 ALA 146 146 146 ALA ALA a . n 
A 1 147 VAL 147 147 147 VAL VAL a . n 
A 1 148 ALA 148 148 148 ALA ALA a . n 
A 1 149 HIS 149 149 149 HIS HIS a . n 
A 1 150 GLY 150 150 150 GLY GLY a . n 
A 1 151 ASN 151 151 151 ASN ASN a . n 
A 1 152 PRO 152 152 152 PRO PRO a . n 
A 1 153 MET 153 153 153 MET MET a . n 
A 1 154 GLN 154 154 154 GLN GLN a . n 
A 1 155 GLU 155 155 155 GLU GLU a . n 
A 1 156 PHE 156 156 156 PHE PHE a . n 
A 1 157 PRO 157 157 157 PRO PRO a . n 
A 1 158 HIS 158 158 158 HIS HIS a . n 
A 1 159 GLY 159 159 159 GLY GLY a . n 
A 1 160 ALA 160 160 160 ALA ALA a . n 
A 1 161 PHE 161 161 161 PHE PHE a . n 
A 1 162 HIS 162 162 162 HIS HIS a . n 
A 1 163 ALA 163 163 163 ALA ALA a . n 
A 1 164 ASN 164 164 164 ASN ASN a . n 
A 1 165 GLU 165 165 165 GLU GLU a . n 
A 1 166 LYS 166 166 166 LYS LYS a . n 
A 1 167 PHE 167 167 167 PHE PHE a . n 
A 1 168 GLY 168 168 168 GLY GLY a . n 
A 1 169 PHE 169 169 169 PHE PHE a . n 
A 1 170 GLU 170 170 170 GLU GLU a . n 
A 1 171 LEU 171 171 171 LEU LEU a . n 
A 1 172 VAL 172 172 172 VAL VAL a . n 
A 1 173 PHE 173 173 173 PHE PHE a . n 
A 1 174 THR 174 174 174 THR THR a . n 
A 1 175 ALA 175 175 175 ALA ALA a . n 
A 1 176 PRO 176 176 176 PRO PRO a . n 
A 1 177 THR 177 177 177 THR THR a . n 
A 1 178 HIS 178 178 178 HIS HIS a . n 
A 1 179 ALA 179 179 179 ALA ALA a . n 
A 1 180 GLY 180 180 180 GLY GLY a . n 
A 1 181 MET 181 181 181 MET MET a . n 
A 1 182 GLN 182 182 182 GLN GLN a . n 
A 1 183 ASN 183 183 183 ASN ASN a . n 
A 1 184 GLN 184 184 184 GLN GLN a . n 
A 1 185 ASN 185 185 185 ASN ASN a . n 
A 1 186 PHE 186 186 186 PHE PHE a . n 
A 1 187 LYS 187 187 187 LYS LYS a . n 
A 1 188 HIS 188 188 188 HIS HIS a . n 
A 1 189 SER 189 189 189 SER SER a . n 
A 1 190 TYR 190 190 190 TYR TYR a . n 
A 1 191 ALA 191 191 191 ALA ALA a . n 
A 1 192 VAL 192 192 192 VAL VAL a . n 
A 1 193 ALA 193 193 193 ALA ALA a . n 
A 1 194 LEU 194 194 194 LEU LEU a . n 
A 1 195 CYS 195 195 195 CYS CYS a . n 
A 1 196 LEU 196 196 196 LEU LEU a . n 
A 1 197 ASP 197 197 197 ASP ASP a . n 
A 1 198 PHE 198 198 198 PHE PHE a . n 
A 1 199 ASP 199 199 199 ASP ASP a . n 
A 1 200 ALA 200 200 200 ALA ALA a . n 
A 1 201 GLN 201 201 201 GLN GLN a . n 
A 1 202 PRO 202 202 202 PRO PRO a . n 
A 1 203 GLU 203 203 203 GLU GLU a . n 
A 1 204 GLY 204 204 204 GLY GLY a . n 
A 1 205 SER 205 205 205 SER SER a . n 
A 1 206 LYS 206 206 206 LYS LYS a . n 
A 1 207 ASN 207 207 207 ASN ASN a . n 
A 1 208 PRO 208 208 208 PRO PRO a . n 
A 1 209 SER 209 209 209 SER SER a . n 
A 1 210 TYR 210 210 210 TYR TYR a . n 
A 1 211 ARG 211 211 211 ARG ARG a . n 
A 1 212 PHE 212 212 212 PHE PHE a . n 
A 1 213 ASN 213 213 213 ASN ASN a . n 
A 1 214 GLU 214 214 214 GLU GLU a . n 
A 1 215 VAL 215 215 215 VAL VAL a . n 
A 1 216 TRP 216 216 216 TRP TRP a . n 
A 1 217 VAL 217 217 217 VAL VAL a . n 
A 1 218 GLU 218 218 218 GLU GLU a . n 
A 1 219 ARG 219 219 219 ARG ARG a . n 
A 1 220 LYS 220 220 220 LYS LYS a . n 
A 1 221 ALA 221 221 221 ALA ALA a . n 
A 1 222 PHE 222 222 222 PHE PHE a . n 
A 1 223 PRO 223 223 223 PRO PRO a . n 
A 1 224 ARG 224 224 224 ARG ARG a . n 
A 1 225 ALA 225 225 225 ALA ALA a . n 
A 1 226 GLY 226 226 226 GLY GLY a . n 
A 1 227 PRO 227 227 227 PRO PRO a . n 
A 1 228 LEU 228 228 228 LEU LEU a . n 
A 1 229 ARG 229 229 229 ARG ARG a . n 
A 1 230 SER 230 230 230 SER SER a . n 
A 1 231 LEU 231 231 231 LEU LEU a . n 
A 1 232 ILE 232 232 232 ILE ILE a . n 
A 1 233 THR 233 233 233 THR THR a . n 
A 1 234 VAL 234 234 234 VAL VAL a . n 
A 1 235 GLY 235 235 235 GLY GLY a . n 
A 1 236 LEU 236 236 236 LEU LEU a . n 
A 1 237 LEU 237 237 ?   ?   ?   a . n 
A 1 238 ASP 238 238 ?   ?   ?   a . n 
A 1 239 GLU 239 239 ?   ?   ?   a . n 
A 1 240 ALA 240 240 ?   ?   ?   a . n 
A 1 241 ASP 241 241 ?   ?   ?   a . n 
A 1 242 ASP 242 242 ?   ?   ?   a . n 
A 1 243 LEU 243 243 ?   ?   ?   a . n 
A 1 244 ASP 244 244 ?   ?   ?   a . n 
A 1 245 ARG 245 245 ?   ?   ?   a . n 
A 1 246 HIS 246 246 ?   ?   ?   a . n 
A 1 247 PRO 247 247 ?   ?   ?   a . n 
A 1 248 ARG 248 248 ?   ?   ?   a . n 
A 1 249 GLY 249 249 ?   ?   ?   a . n 
A 1 250 HIS 250 250 ?   ?   ?   a . n 
A 1 251 HIS 251 251 ?   ?   ?   a . n 
A 1 252 HIS 252 252 ?   ?   ?   a . n 
A 1 253 HIS 253 253 ?   ?   ?   a . n 
A 1 254 HIS 254 254 ?   ?   ?   a . n 
A 1 255 HIS 255 255 ?   ?   ?   a . n 
# 
loop_
_pdbx_nonpoly_scheme.asym_id 
_pdbx_nonpoly_scheme.entity_id 
_pdbx_nonpoly_scheme.mon_id 
_pdbx_nonpoly_scheme.ndb_seq_num 
_pdbx_nonpoly_scheme.pdb_seq_num 
_pdbx_nonpoly_scheme.auth_seq_num 
_pdbx_nonpoly_scheme.pdb_mon_id 
_pdbx_nonpoly_scheme.auth_mon_id 
_pdbx_nonpoly_scheme.pdb_strand_id 
_pdbx_nonpoly_scheme.pdb_ins_code 
B 2 HOH 1  301 318 HOH HOH a . 
B 2 HOH 2  302 306 HOH HOH a . 
B 2 HOH 3  303 329 HOH HOH a . 
B 2 HOH 4  304 330 HOH HOH a . 
B 2 HOH 5  305 325 HOH HOH a . 
B 2 HOH 6  306 328 HOH HOH a . 
B 2 HOH 7  307 320 HOH HOH a . 
B 2 HOH 8  308 309 HOH HOH a . 
B 2 HOH 9  309 305 HOH HOH a . 
B 2 HOH 10 310 322 HOH HOH a . 
B 2 HOH 11 311 304 HOH HOH a . 
B 2 HOH 12 312 316 HOH HOH a . 
B 2 HOH 13 313 326 HOH HOH a . 
B 2 HOH 14 314 302 HOH HOH a . 
B 2 HOH 15 315 324 HOH HOH a . 
B 2 HOH 16 316 327 HOH HOH a . 
B 2 HOH 17 317 308 HOH HOH a . 
B 2 HOH 18 318 323 HOH HOH a . 
B 2 HOH 19 319 303 HOH HOH a . 
B 2 HOH 20 320 301 HOH HOH a . 
B 2 HOH 21 321 312 HOH HOH a . 
B 2 HOH 22 322 311 HOH HOH a . 
B 2 HOH 23 323 313 HOH HOH a . 
B 2 HOH 24 324 310 HOH HOH a . 
B 2 HOH 25 325 314 HOH HOH a . 
B 2 HOH 26 326 317 HOH HOH a . 
B 2 HOH 27 327 319 HOH HOH a . 
B 2 HOH 28 328 315 HOH HOH a . 
B 2 HOH 29 329 307 HOH HOH a . 
B 2 HOH 30 330 321 HOH HOH a . 
# 
_cell.angle_alpha                  90.00 
_cell.angle_alpha_esd              ? 
_cell.angle_beta                   90.00 
_cell.angle_beta_esd               ? 
_cell.angle_gamma                  90.00 
_cell.angle_gamma_esd              ? 
_cell.entry_id                     7EPP 
_cell.details                      ? 
_cell.formula_units_Z              ? 
_cell.length_a                     1.00 
_cell.length_a_esd                 ? 
_cell.length_b                     1.00 
_cell.length_b_esd                 ? 
_cell.length_c                     1.00 
_cell.length_c_esd                 ? 
_cell.volume                       ? 
_cell.volume_esd                   ? 
_cell.Z_PDB                        ? 
_cell.reciprocal_angle_alpha       ? 
_cell.reciprocal_angle_beta        ? 
_cell.reciprocal_angle_gamma       ? 
_cell.reciprocal_angle_alpha_esd   ? 
_cell.reciprocal_angle_beta_esd    ? 
_cell.reciprocal_angle_gamma_esd   ? 
_cell.reciprocal_length_a          ? 
_cell.reciprocal_length_b          ? 
_cell.reciprocal_length_c          ? 
_cell.reciprocal_length_a_esd      ? 
_cell.reciprocal_length_b_esd      ? 
_cell.reciprocal_length_c_esd      ? 
_cell.pdbx_unique_axis             ? 
# 
_symmetry.entry_id                         7EPP 
_symmetry.cell_setting                     ? 
_symmetry.Int_Tables_number                1 
_symmetry.space_group_name_Hall            ? 
_symmetry.space_group_name_H-M             'P 1' 
_symmetry.pdbx_full_space_group_name_H-M   ? 
# 
_exptl.absorpt_coefficient_mu     ? 
_exptl.absorpt_correction_T_max   ? 
_exptl.absorpt_correction_T_min   ? 
_exptl.absorpt_correction_type    ? 
_exptl.absorpt_process_details    ? 
_exptl.entry_id                   7EPP 
_exptl.crystals_number            ? 
_exptl.details                    ? 
_exptl.method                     'ELECTRON MICROSCOPY' 
_exptl.method_details             ? 
# 
_struct.entry_id                     7EPP 
_struct.title                        'Recombinant Alfalfa Mosaic virus coat protein virus-like particle (rAMV-CP VLP)' 
_struct.pdbx_model_details           ? 
_struct.pdbx_formula_weight          ? 
_struct.pdbx_formula_weight_method   ? 
_struct.pdbx_model_type_details      ? 
_struct.pdbx_CASP_flag               N 
# 
_struct_keywords.entry_id        7EPP 
_struct_keywords.text            'alfalfa mosaic virus, virus-like particle, VIRUS LIKE PARTICLE' 
_struct_keywords.pdbx_keywords   'VIRUS LIKE PARTICLE' 
# 
loop_
_struct_asym.id 
_struct_asym.pdbx_blank_PDB_chainid_flag 
_struct_asym.pdbx_modified 
_struct_asym.entity_id 
_struct_asym.details 
A N N 1 ? 
B N N 2 ? 
# 
_struct_ref.id                         1 
_struct_ref.db_name                    UNP 
_struct_ref.db_code                    CAPSD_AMVMA 
_struct_ref.pdbx_db_accession          P05673 
_struct_ref.pdbx_db_isoform            ? 
_struct_ref.entity_id                  1 
_struct_ref.pdbx_seq_one_letter_code   
;MSSSQKKAGGKAGKPTKRSQNYAALRKAQLPKPPALKVPVVKPTNTILPQTGCVWQSLGTPLSLSSFNGLGVRFLYSFLK
DFAGPRILEEDLIYRMVFSITPSYAGTFCLTDDVTTEDGRAVAHGNPMQEFPHGAFHANEKFGFELVFTAPTHAGMQNQN
FKHSYAVALCLDFDAQPEGSKNPSYRFNEVWVERKAFPRAGPLRSLITVGLLDEADDLDRH
;
_struct_ref.pdbx_align_begin           1 
# 
_struct_ref_seq.align_id                      1 
_struct_ref_seq.ref_id                        1 
_struct_ref_seq.pdbx_PDB_id_code              7EPP 
_struct_ref_seq.pdbx_strand_id                a 
_struct_ref_seq.seq_align_beg                 26 
_struct_ref_seq.pdbx_seq_align_beg_ins_code   ? 
_struct_ref_seq.seq_align_end                 246 
_struct_ref_seq.pdbx_seq_align_end_ins_code   ? 
_struct_ref_seq.pdbx_db_accession             P05673 
_struct_ref_seq.db_align_beg                  1 
_struct_ref_seq.pdbx_db_align_beg_ins_code    ? 
_struct_ref_seq.db_align_end                  221 
_struct_ref_seq.pdbx_db_align_end_ins_code    ? 
_struct_ref_seq.pdbx_auth_seq_align_beg       26 
_struct_ref_seq.pdbx_auth_seq_align_end       246 
# 
loop_
_struct_ref_seq_dif.align_id 
_struct_ref_seq_dif.pdbx_pdb_id_code 
_struct_ref_seq_dif.mon_id 
_struct_ref_seq_dif.pdbx_pdb_strand_id 
_struct_ref_seq_dif.seq_num 
_struct_ref_seq_dif.pdbx_pdb_ins_code 
_struct_ref_seq_dif.pdbx_seq_db_name 
_struct_ref_seq_dif.pdbx_seq_db_accession_code 
_struct_ref_seq_dif.db_mon_id 
_struct_ref_seq_dif.pdbx_seq_db_seq_num 
_struct_ref_seq_dif.details 
_struct_ref_seq_dif.pdbx_auth_seq_num 
_struct_ref_seq_dif.pdbx_ordinal 
1 7EPP CYS a 1   ? UNP P05673 ? ? 'expression tag' 1   1  
1 7EPP MET a 2   ? UNP P05673 ? ? 'expression tag' 2   2  
1 7EPP GLN a 3   ? UNP P05673 ? ? 'expression tag' 3   3  
1 7EPP VAL a 4   ? UNP P05673 ? ? 'expression tag' 4   4  
1 7EPP TRP a 5   ? UNP P05673 ? ? 'expression tag' 5   5  
1 7EPP PRO a 6   ? UNP P05673 ? ? 'expression tag' 6   6  
1 7EPP PRO a 7   ? UNP P05673 ? ? 'expression tag' 7   7  
1 7EPP ILE a 8   ? UNP P05673 ? ? 'expression tag' 8   8  
1 7EPP GLY a 9   ? UNP P05673 ? ? 'expression tag' 9   9  
1 7EPP LYS a 10  ? UNP P05673 ? ? 'expression tag' 10  10 
1 7EPP LYS a 11  ? UNP P05673 ? ? 'expression tag' 11  11 
1 7EPP LYS a 12  ? UNP P05673 ? ? 'expression tag' 12  12 
1 7EPP PHE a 13  ? UNP P05673 ? ? 'expression tag' 13  13 
1 7EPP GLU a 14  ? UNP P05673 ? ? 'expression tag' 14  14 
1 7EPP THR a 15  ? UNP P05673 ? ? 'expression tag' 15  15 
1 7EPP LEU a 16  ? UNP P05673 ? ? 'expression tag' 16  16 
1 7EPP SER a 17  ? UNP P05673 ? ? 'expression tag' 17  17 
1 7EPP TYR a 18  ? UNP P05673 ? ? 'expression tag' 18  18 
1 7EPP LEU a 19  ? UNP P05673 ? ? 'expression tag' 19  19 
1 7EPP PRO a 20  ? UNP P05673 ? ? 'expression tag' 20  20 
1 7EPP ASP a 21  ? UNP P05673 ? ? 'expression tag' 21  21 
1 7EPP LEU a 22  ? UNP P05673 ? ? 'expression tag' 22  22 
1 7EPP THR a 23  ? UNP P05673 ? ? 'expression tag' 23  23 
1 7EPP GLY a 24  ? UNP P05673 ? ? 'expression tag' 24  24 
1 7EPP SER a 25  ? UNP P05673 ? ? 'expression tag' 25  25 
1 7EPP PRO a 247 ? UNP P05673 ? ? 'expression tag' 247 26 
1 7EPP ARG a 248 ? UNP P05673 ? ? 'expression tag' 248 27 
1 7EPP GLY a 249 ? UNP P05673 ? ? 'expression tag' 249 28 
1 7EPP HIS a 250 ? UNP P05673 ? ? 'expression tag' 250 29 
1 7EPP HIS a 251 ? UNP P05673 ? ? 'expression tag' 251 30 
1 7EPP HIS a 252 ? UNP P05673 ? ? 'expression tag' 252 31 
1 7EPP HIS a 253 ? UNP P05673 ? ? 'expression tag' 253 32 
1 7EPP HIS a 254 ? UNP P05673 ? ? 'expression tag' 254 33 
1 7EPP HIS a 255 ? UNP P05673 ? ? 'expression tag' 255 34 
# 
loop_
_pdbx_struct_assembly.id 
_pdbx_struct_assembly.details 
_pdbx_struct_assembly.method_details 
_pdbx_struct_assembly.oligomeric_details 
_pdbx_struct_assembly.oligomeric_count 
1 'complete icosahedral assembly'                ? 60-meric   60 
2 'icosahedral asymmetric unit'                  ? monomeric  1  
3 'icosahedral pentamer'                         ? pentameric 5  
4 'icosahedral 23 hexamer'                       ? hexameric  6  
5 'icosahedral asymmetric unit, std point frame' ? monomeric  1  
# 
loop_
_pdbx_struct_assembly_gen.assembly_id 
_pdbx_struct_assembly_gen.oper_expression 
_pdbx_struct_assembly_gen.asym_id_list 
1 '(1-60)'           A,B 
2 1                  A,B 
3 '(1-5)'            A,B 
4 '(1,2,6,10,23,24)' A,B 
5 P                  A,B 
# 
_pdbx_struct_assembly_auth_evidence.id                     1 
_pdbx_struct_assembly_auth_evidence.assembly_id            1 
_pdbx_struct_assembly_auth_evidence.experimental_support   microscopy 
_pdbx_struct_assembly_auth_evidence.details                ? 
# 
loop_
_pdbx_struct_oper_list.id 
_pdbx_struct_oper_list.type 
_pdbx_struct_oper_list.name 
_pdbx_struct_oper_list.symmetry_operation 
_pdbx_struct_oper_list.matrix[1][1] 
_pdbx_struct_oper_list.matrix[1][2] 
_pdbx_struct_oper_list.matrix[1][3] 
_pdbx_struct_oper_list.vector[1] 
_pdbx_struct_oper_list.matrix[2][1] 
_pdbx_struct_oper_list.matrix[2][2] 
_pdbx_struct_oper_list.matrix[2][3] 
_pdbx_struct_oper_list.vector[2] 
_pdbx_struct_oper_list.matrix[3][1] 
_pdbx_struct_oper_list.matrix[3][2] 
_pdbx_struct_oper_list.matrix[3][3] 
_pdbx_struct_oper_list.vector[3] 
P  'transform to point frame' ?     ?     -0.18137949 -0.79564873 0.57796589  13.74964  -0.31462444 0.60377381  0.73244019  12.27361  -0.93172579 -0.04899256 -0.35984272 84.45477  
1  'identity operation'       1_555 x,y,z 1.00000000  0.00000000  0.00000000  0.00000   0.00000000  1.00000000  0.00000000  0.00000   0.00000000  0.00000000  1.00000000  0.00000   
2  'point symmetry operation' ?     ?     0.94315136  -0.25763166 0.20997958  3.98487   -0.10742922 0.36155691  0.92614014  1.57099   -0.31452259 -0.89604828 0.31332572  42.85683  
3  'point symmetry operation' ?     ?     0.85116834  -0.52428601 0.02523151  16.33753  -0.43145580 -0.67146572 0.60247795  41.40233  -0.29892866 -0.52369644 -0.79773660 53.62396  
4  'point symmetry operation' ?     ?     0.85116835  -0.43145579 -0.29892866 19.98703  -0.52428601 -0.67146573 -0.52369643 64.44846  0.02523151  0.60247795  -0.79773661 17.42158  
5  'point symmetry operation' ?     ?     0.94315136  -0.10742921 -0.31452260 9.88987   -0.25763167 0.36155690  -0.89604829 38.86041  0.20997958  0.92614014  0.31332571  -15.71984 
6  'point symmetry operation' ?     ?     0.73622589  0.09129527  0.67054947  12.71096  0.09129527  -0.99519946 0.03525923  7.05880   0.67054950  0.03525924  -0.74102643 -33.87303 
7  'point symmetry operation' ?     ?     0.47366171  -0.75751138 0.44924503  44.52577  0.18192894  -0.41493577 -0.89147640 7.37025   0.86171135  0.50398891  -0.05872594 -62.90362 
8  'point symmetry operation' ?     ?     0.38681584  -0.79845895 -0.46134238 64.47642  0.49655222  0.60191236  -0.62540979 -30.76250 0.77705174  0.01283782  0.62930580  -61.19486 
9  'point symmetry operation' ?     ?     0.59570632  0.02504070  -0.80281190 44.99180  0.60036644  0.65009537  0.46576405  -54.64128 0.53356736  -0.75943991 0.37223232  -31.10819 
10 'point symmetry operation' ?     ?     0.81165360  0.57493906  -0.10326426 12.99898  0.34990387  -0.33697402 0.87407997  -31.26644 0.46774535  -0.74558272 -0.47467958 -14.22237 
11 'point symmetry operation' ?     ?     -0.80202293 -0.37992398 -0.46088716 162.36518 -0.37992400 -0.27091435 0.88445643  30.15508  -0.46088717 0.88445642  0.07293728  44.88721  
12 'point symmetry operation' ?     ?     -0.57065465 0.48223951  -0.66467910 138.82020 -0.60740325 -0.79258617 -0.05355800 66.12052  -0.55264326 0.37316513  0.74520683  47.56597  
13 'point symmetry operation' ?     ?     -0.38096373 0.91696030  0.11853449  108.81777 -0.47088109 -0.08208814 -0.87836925 60.15963  -0.79569947 -0.39044247 0.46305187  77.88720  
14 'point symmetry operation' ?     ?     -0.49509657 0.32346903  0.80637905  113.82022 -0.15902650 0.87869560  -0.45011621 20.51015  -0.85416038 -0.35108663 -0.38359903 93.94799  
15 'point symmetry operation' ?     ?     -0.75532547 -0.47804956 0.44827677  146.91434 -0.10281193 0.76199459  0.63936997  1.96632   -0.64723501 0.43684422  -0.62470310 73.55288  
16 'point symmetry operation' ?     ?     -0.93420296 0.28862871  -0.20966231 165.10053 0.28862873  0.26611381  -0.91971567 -6.54567  -0.20966233 -0.91971566 -0.33191085 42.80149  
17 'point symmetry operation' ?     ?     -0.84615842 0.53290353  0.00545450  152.84582 0.53290354  0.84596503  0.01889425  -44.39355 0.00545450  0.01889426  -0.99980661 26.29650  
18 'point symmetry operation' ?     ?     -0.85702044 0.40578466  0.31757639  150.54494 0.40578466  0.15164151  0.90130110  -40.13124 0.31757639  0.90130110  -0.29462106 -16.50062 
19 'point symmetry operation' ?     ?     -0.95177809 0.08294607  0.29536152  161.37761 0.08294607  -0.85732524 0.50804860  0.35089   0.29536151  0.50804860  0.80910333  -26.44570 
20 'point symmetry operation' ?     ?     -0.99947950 0.01053971  -0.03048993 170.37347 0.01053971  -0.78657747 -0.61740165 21.10792  -0.03048993 -0.61740165 0.78605697  10.20502  
21 'point symmetry operation' ?     ?     0.51920607  -0.30333486 -0.79900752 53.96419  0.64722851  -0.47099143 0.59938496  -51.82892 -0.55814004 -0.82834476 -0.04821464 67.92012  
22 'point symmetry operation' ?     ?     0.77358286  0.47251258  -0.42225752 21.31370  0.47251259  -0.87411463 -0.11249657 -24.30198 -0.42225751 -0.11249658 -0.89946823 62.32835  
23 'point symmetry operation' ?     ?     0.81165360  0.34990388  0.46774534  7.04202   0.57493906  -0.33697402 -0.74558272 -28.61355 -0.10326425 0.87407997  -0.47467958 21.92063  
24 'point symmetry operation' ?     ?     0.58080582  -0.50171992 0.64104736  30.87213  0.81295803  0.39812033  -0.42496995 -58.80518 -0.04199810 0.76796961  0.63910784  2.53904   
25 'point symmetry operation' ?     ?     0.40006331  -0.90544365 -0.14184896 59.87162  0.85763537  0.31529302  0.40626579  -73.15307 -0.32312679 -0.28418673 0.90267767  30.96829  
26 'point symmetry operation' ?     ?     -0.18121418 0.32110735  0.92954369  85.48742  0.83542438  0.54895317  -0.02676815 -67.22963 -0.51887141 0.77171270  -0.36773899 56.61168  
27 'point symmetry operation' ?     ?     -0.49777121 -0.67013095 0.55058908  125.10705 0.73737721  0.00723159  0.67544249  -64.18537 -0.45661655 0.74220766  0.49053962  39.99627  
28 'point symmetry operation' ?     ?     -0.57065465 -0.60740325 -0.55264324 145.66723 0.48223952  -0.79258617 0.37316513  -32.28833 -0.66467911 -0.05355800 0.74520683  60.36568  
29 'point symmetry operation' ?     ?     -0.29914206 0.42260290  -0.85552370 118.75448 0.42260291  -0.74517914 -0.51586318 -15.61915 -0.85552371 -0.51586319 0.04432121  89.57007  
30 'point symmetry operation' ?     ?     -0.05845462 0.99645401  0.06051821  81.56132  0.64088316  0.08393776  -0.76303555 -37.21405 -0.76540959 -0.00581785 -0.64351714 87.24997  
31 'point symmetry operation' ?     ?     0.06708134  -0.82176841 -0.56585931 93.25286  -0.61640000 0.41183058  -0.67115320 65.96040  0.78457068  0.39381753  -0.47891192 -49.84541 
32 'point symmetry operation' ?     ?     0.32952534  0.19263894  -0.92428528 67.97825  -0.41450829 0.90909002  0.04169185  35.38761  0.84829001  0.36938540  0.37941863  -66.62496 
33 'point symmetry operation' ?     ?     0.58080582  0.81295802  -0.04199809 29.98207  -0.50171993 0.39812032  0.76796961  36.95079  0.64104736  -0.42496994 0.63910784  -46.40366 
34 'point symmetry operation' ?     ?     0.47366171  0.18192894  0.86171135  31.77374  -0.75751138 -0.41493577 0.50398891  68.48969  0.44924503  -0.89147640 -0.05872594 -17.12665 
35 'point symmetry operation' ?     ?     0.15616251  -0.82838757 0.53794730  70.87725  -0.82838757 -0.40646237 -0.38543791 86.41860  0.53794732  -0.38543791 -0.74970015 -19.25378 
36 'point symmetry operation' ?     ?     -0.40507322 0.80399591  0.43532314  107.47220 -0.86625290 -0.48979232 0.09853640  83.76638  0.29244078  -0.33718546 0.89486554  -20.87070 
37 'point symmetry operation' ?     ?     -0.60533699 0.00497941  0.79595373  125.77768 -0.79538151 -0.04220699 -0.60463776 83.76797  0.03058406  -0.99909648 0.02950999  18.11603  
38 'point symmetry operation' ?     ?     -0.82180477 -0.55545865 0.12689600  157.48535 -0.55545865 0.73143987  -0.39555203 54.61931  0.12689600  -0.39555203 -0.90963509 17.93304  
39 'point symmetry operation' ?     ?     -0.75532546 -0.10281192 -0.64723500 158.77630 -0.47804956 0.76199459  0.43684423  36.60286  0.44827678  0.63936997  -0.62470312 -21.16679 
40 'point symmetry operation' ?     ?     -0.49777121 0.73737721  -0.45661655 127.86648 -0.67013095 0.00723159  0.74220766  54.61673  0.55058908  0.67544249  0.49053962  -45.14880 
41 'point symmetry operation' ?     ?     0.51920607  0.64722851  -0.55814004 43.43556  -0.30333486 -0.47099143 -0.82834476 48.21952  -0.79900752 0.59938496  -0.04821464 77.45801  
42 'point symmetry operation' ?     ?     0.59570631  0.60036645  0.53356735  22.60120  0.02504070  0.65009536  -0.75943992 10.77062  -0.80281190 0.46576406  0.37223232  73.14936  
43 'point symmetry operation' ?     ?     0.32952533  -0.41450829 0.84829000  48.78519  0.19263895  0.90909003  0.36938539  -20.65549 -0.92428528 0.04169185  0.37941864  86.63467  
44 'point symmetry operation' ?     ?     0.08851620  -0.99487329 -0.04890809 85.80214  -0.03215520 -0.05192927 0.99813296  -2.62899  -0.99555559 -0.08677829 -0.03658693 99.27769  
45 'point symmetry operation' ?     ?     0.20574534  -0.33868386 -0.91812967 82.49588  -0.33868386 -0.90486651 0.25789502  39.93810  -0.91812967 0.25789500  -0.30087883 93.60620  
46 'point symmetry operation' ?     ?     0.06708133  -0.61640000 0.78457066  73.50971  -0.82176843 0.41183057  0.39381754  69.09775  -0.56585931 -0.67115320 -0.47891190 73.16597  
47 'point symmetry operation' ?     ?     -0.11727798 -0.94315916 -0.31096090 106.43287 -0.94315916 0.00773423  0.33225139  83.34786  -0.31096090 0.33225139  -0.89045625 49.33207  
48 'point symmetry operation' ?     ?     0.08851620  -0.03215519 -0.99555558 91.15704  -0.99487330 -0.05192927 -0.08677828 93.84087  -0.04890810 0.99813295  -0.03658694 10.45277  
49 'point symmetry operation' ?     ?     0.40006331  0.85763536  -0.32312679 48.79290  -0.90544366 0.31529300  -0.28418673 86.07582  -0.14184897 0.40626580  0.90267767  10.25793  
50 'point symmetry operation' ?     ?     0.38681583  0.49655222  0.77705173  37.88625  -0.79845896 0.60191235  0.01283782  70.78372  -0.46134239 -0.62540979 0.62930581  49.01682  
51 'point symmetry operation' ?     ?     -0.40507323 -0.86625288 0.29244079  122.20041 0.80399593  -0.48979232 -0.33718547 -52.41638 0.43532313  0.09853638  0.89486555  -36.36271 
52 'point symmetry operation' ?     ?     -0.38096373 -0.47088109 -0.79569946 131.75846 0.91696032  -0.08208814 -0.39044248 -64.43272 0.11853449  -0.87836924 0.46305187  3.87789   
53 'point symmetry operation' ?     ?     -0.05845461 0.64088314  -0.76540959 95.39947  0.99645402  0.08393777  -0.00581784 -77.64083 0.06051822  -0.76303554 -0.64351714 22.81527  
54 'point symmetry operation' ?     ?     0.11675748  0.93261944  0.34145083  63.37032  0.93261944  -0.22115676 0.28515026  -73.78755 0.34145083  0.28515026  -0.89560073 -5.72140  
55 'point symmetry operation' ?     ?     -0.09746460 0.00115814  0.99523831  79.93423  0.81367381  -0.57574145 0.08035380  -58.19798 0.57309302  0.81763100  0.05517206  -42.29541 
56 'point symmetry operation' ?     ?     -0.18121416 0.83542436  -0.51887141 101.03099 0.32110735  0.54895317  0.77171270  -34.23266 0.92954371  -0.02676814 -0.36773901 -60.44559 
57 'point symmetry operation' ?     ?     -0.09746460 0.81367380  0.57309301  79.38413  0.00115814  -0.57574145 0.81763100  0.98246   0.99523832  0.08035381  0.05517206  -72.54365 
58 'point symmetry operation' ?     ?     -0.35958691 -0.19421966 0.91267517  104.83497 -0.19421966 -0.94109852 -0.27678927 35.12366  0.91267517  -0.27678927 0.30068544  -66.08702 
59 'point symmetry operation' ?     ?     -0.60533699 -0.79538150 0.03058407  142.21130 0.00497942  -0.04220699 -0.99909649 21.00895  0.79595373  -0.60463777 0.02950998  -49.99853 
60 'point symmetry operation' ?     ?     -0.49509657 -0.15902650 -0.85416038 139.86031 0.32346903  0.87869560  -0.35108663 -21.85561 0.80637905  -0.45011621 -0.38359903 -46.51193    
# 
loop_
_struct_conf.conf_type_id 
_struct_conf.id 
_struct_conf.pdbx_PDB_helix_id 
_struct_conf.beg_label_comp_id 
_struct_conf.beg_label_asym_id 
_struct_conf.beg_label_seq_id 
_struct_conf.pdbx_beg_PDB_ins_code 
_struct_conf.end_label_comp_id 
_struct_conf.end_label_asym_id 
_struct_conf.end_label_seq_id 
_struct_conf.pdbx_end_PDB_ins_code 
_struct_conf.beg_auth_comp_id 
_struct_conf.beg_auth_asym_id 
_struct_conf.beg_auth_seq_id 
_struct_conf.end_auth_comp_id 
_struct_conf.end_auth_asym_id 
_struct_conf.end_auth_seq_id 
_struct_conf.pdbx_PDB_helix_class 
_struct_conf.details 
_struct_conf.pdbx_PDB_helix_length 
HELX_P HELX_P1 AA1 LEU A 100 ? LYS A 105 ? LEU a 100 LYS a 105 1 ? 6 
HELX_P HELX_P2 AA2 GLN A 184 ? HIS A 188 ? GLN a 184 HIS a 188 5 ? 5 
HELX_P HELX_P3 AA3 LEU A 228 ? ILE A 232 ? LEU a 228 ILE a 232 5 ? 5 
# 
_struct_conf_type.id          HELX_P 
_struct_conf_type.criteria    ? 
_struct_conf_type.reference   ? 
# 
loop_
_struct_sheet.id 
_struct_sheet.type 
_struct_sheet.number_strands 
_struct_sheet.details 
AA1 ? 3 ? 
AA2 ? 4 ? 
AA3 ? 4 ? 
AA4 ? 2 ? 
AA5 ? 2 ? 
# 
loop_
_struct_sheet_order.sheet_id 
_struct_sheet_order.range_id_1 
_struct_sheet_order.range_id_2 
_struct_sheet_order.offset 
_struct_sheet_order.sense 
AA1 1 2 ? anti-parallel 
AA1 2 3 ? anti-parallel 
AA2 1 2 ? anti-parallel 
AA2 2 3 ? anti-parallel 
AA2 3 4 ? anti-parallel 
AA3 1 2 ? anti-parallel 
AA3 2 3 ? anti-parallel 
AA3 3 4 ? anti-parallel 
AA4 1 2 ? anti-parallel 
AA5 1 2 ? anti-parallel 
# 
loop_
_struct_sheet_range.sheet_id 
_struct_sheet_range.id 
_struct_sheet_range.beg_label_comp_id 
_struct_sheet_range.beg_label_asym_id 
_struct_sheet_range.beg_label_seq_id 
_struct_sheet_range.pdbx_beg_PDB_ins_code 
_struct_sheet_range.end_label_comp_id 
_struct_sheet_range.end_label_asym_id 
_struct_sheet_range.end_label_seq_id 
_struct_sheet_range.pdbx_end_PDB_ins_code 
_struct_sheet_range.beg_auth_comp_id 
_struct_sheet_range.beg_auth_asym_id 
_struct_sheet_range.beg_auth_seq_id 
_struct_sheet_range.end_auth_comp_id 
_struct_sheet_range.end_auth_asym_id 
_struct_sheet_range.end_auth_seq_id 
AA1 1 CYS A 78  ? SER A 82  ? CYS a 78  SER a 82  
AA1 2 TYR A 210 ? LYS A 220 ? TYR a 210 LYS a 220 
AA1 3 LEU A 87  ? LEU A 89  ? LEU a 87  LEU a 89  
AA2 1 CYS A 78  ? SER A 82  ? CYS a 78  SER a 82  
AA2 2 TYR A 210 ? LYS A 220 ? TYR a 210 LYS a 220 
AA2 3 ARG A 120 ? PRO A 127 ? ARG a 120 PRO a 127 
AA2 4 GLU A 170 ? VAL A 172 ? GLU a 170 VAL a 172 
AA3 1 LEU A 95  ? PHE A 99  ? LEU a 95  PHE a 99  
AA3 2 ALA A 193 ? PHE A 198 ? ALA a 193 PHE a 198 
AA3 3 GLY A 131 ? THR A 136 ? GLY a 131 THR a 136 
AA3 4 GLY A 159 ? PHE A 161 ? GLY a 159 PHE a 161 
AA4 1 LEU A 117 ? ILE A 118 ? LEU a 117 ILE a 118 
AA4 2 MET A 181 ? GLN A 182 ? MET a 181 GLN a 182 
AA5 1 VAL A 139 ? THR A 140 ? VAL a 139 THR a 140 
AA5 2 ALA A 148 ? HIS A 149 ? ALA a 148 HIS a 149 
# 
loop_
_pdbx_struct_sheet_hbond.sheet_id 
_pdbx_struct_sheet_hbond.range_id_1 
_pdbx_struct_sheet_hbond.range_id_2 
_pdbx_struct_sheet_hbond.range_1_label_atom_id 
_pdbx_struct_sheet_hbond.range_1_label_comp_id 
_pdbx_struct_sheet_hbond.range_1_label_asym_id 
_pdbx_struct_sheet_hbond.range_1_label_seq_id 
_pdbx_struct_sheet_hbond.range_1_PDB_ins_code 
_pdbx_struct_sheet_hbond.range_1_auth_atom_id 
_pdbx_struct_sheet_hbond.range_1_auth_comp_id 
_pdbx_struct_sheet_hbond.range_1_auth_asym_id 
_pdbx_struct_sheet_hbond.range_1_auth_seq_id 
_pdbx_struct_sheet_hbond.range_2_label_atom_id 
_pdbx_struct_sheet_hbond.range_2_label_comp_id 
_pdbx_struct_sheet_hbond.range_2_label_asym_id 
_pdbx_struct_sheet_hbond.range_2_label_seq_id 
_pdbx_struct_sheet_hbond.range_2_PDB_ins_code 
_pdbx_struct_sheet_hbond.range_2_auth_atom_id 
_pdbx_struct_sheet_hbond.range_2_auth_comp_id 
_pdbx_struct_sheet_hbond.range_2_auth_asym_id 
_pdbx_struct_sheet_hbond.range_2_auth_seq_id 
AA1 1 2 N VAL A 79  ? N VAL a 79  O ARG A 219 ? O ARG a 219 
AA1 2 3 O PHE A 212 ? O PHE a 212 N LEU A 87  ? N LEU a 87  
AA2 1 2 N VAL A 79  ? N VAL a 79  O ARG A 219 ? O ARG a 219 
AA2 2 3 O ASN A 213 ? O ASN a 213 N SER A 124 ? N SER a 124 
AA2 3 4 N MET A 121 ? N MET a 121 O LEU A 171 ? O LEU a 171 
AA3 1 2 N GLY A 96  ? N GLY a 96  O LEU A 196 ? O LEU a 196 
AA3 2 3 O ASP A 197 ? O ASP a 197 N THR A 132 ? N THR a 132 
AA3 3 4 N GLY A 131 ? N GLY a 131 O PHE A 161 ? O PHE a 161 
AA4 1 2 N ILE A 118 ? N ILE a 118 O MET A 181 ? O MET a 181 
AA5 1 2 N THR A 140 ? N THR a 140 O ALA A 148 ? O ALA a 148 
# 
_pdbx_validate_close_contact.id               1 
_pdbx_validate_close_contact.PDB_model_num    1 
_pdbx_validate_close_contact.auth_atom_id_1   O 
_pdbx_validate_close_contact.auth_asym_id_1   a 
_pdbx_validate_close_contact.auth_comp_id_1   HOH 
_pdbx_validate_close_contact.auth_seq_id_1    321 
_pdbx_validate_close_contact.PDB_ins_code_1   ? 
_pdbx_validate_close_contact.label_alt_id_1   ? 
_pdbx_validate_close_contact.auth_atom_id_2   O 
_pdbx_validate_close_contact.auth_asym_id_2   a 
_pdbx_validate_close_contact.auth_comp_id_2   HOH 
_pdbx_validate_close_contact.auth_seq_id_2    323 
_pdbx_validate_close_contact.PDB_ins_code_2   ? 
_pdbx_validate_close_contact.label_alt_id_2   ? 
_pdbx_validate_close_contact.dist             2.18 
# 
loop_
_pdbx_validate_torsion.id 
_pdbx_validate_torsion.PDB_model_num 
_pdbx_validate_torsion.auth_comp_id 
_pdbx_validate_torsion.auth_asym_id 
_pdbx_validate_torsion.auth_seq_id 
_pdbx_validate_torsion.PDB_ins_code 
_pdbx_validate_torsion.label_alt_id 
_pdbx_validate_torsion.phi 
_pdbx_validate_torsion.psi 
1 1 GLN a 75  ? ? -76.18  -169.69 
2 1 PHE a 92  ? ? 59.61   70.59   
3 1 ASN a 93  ? ? 75.28   39.08   
4 1 SER a 124 ? ? -161.62 114.83  
5 1 ASP a 143 ? ? -160.53 117.61  
6 1 PHE a 186 ? ? -68.15  2.87    
7 1 SER a 189 ? ? 76.06   -3.76   
# 
_pdbx_validate_peptide_omega.id               1 
_pdbx_validate_peptide_omega.PDB_model_num    1 
_pdbx_validate_peptide_omega.auth_comp_id_1   GLY 
_pdbx_validate_peptide_omega.auth_asym_id_1   a 
_pdbx_validate_peptide_omega.auth_seq_id_1    109 
_pdbx_validate_peptide_omega.PDB_ins_code_1   ? 
_pdbx_validate_peptide_omega.label_alt_id_1   ? 
_pdbx_validate_peptide_omega.auth_comp_id_2   PRO 
_pdbx_validate_peptide_omega.auth_asym_id_2   a 
_pdbx_validate_peptide_omega.auth_seq_id_2    110 
_pdbx_validate_peptide_omega.PDB_ins_code_2   ? 
_pdbx_validate_peptide_omega.label_alt_id_2   ? 
_pdbx_validate_peptide_omega.omega            137.81 
# 
_pdbx_point_symmetry.entry_id             7EPP 
_pdbx_point_symmetry.Schoenflies_symbol   I 
# 
_em_3d_fitting.entry_id          7EPP 
_em_3d_fitting.id                1 
_em_3d_fitting.details           ? 
_em_3d_fitting.overall_b_value   ? 
_em_3d_fitting.ref_protocol      ? 
_em_3d_fitting.ref_space         ? 
_em_3d_fitting.target_criteria   ? 
_em_3d_fitting.method            ? 
# 
_em_3d_reconstruction.entry_id                    7EPP 
_em_3d_reconstruction.id                          1 
_em_3d_reconstruction.algorithm                   ? 
_em_3d_reconstruction.details                     ? 
_em_3d_reconstruction.refinement_type             ? 
_em_3d_reconstruction.image_processing_id         1 
_em_3d_reconstruction.num_class_averages          ? 
_em_3d_reconstruction.num_particles               279755 
_em_3d_reconstruction.resolution                  2.4 
_em_3d_reconstruction.resolution_method           'FSC 0.143 CUT-OFF' 
_em_3d_reconstruction.symmetry_type               POINT 
_em_3d_reconstruction.method                      ? 
_em_3d_reconstruction.nominal_pixel_size          ? 
_em_3d_reconstruction.actual_pixel_size           ? 
_em_3d_reconstruction.magnification_calibration   ? 
# 
_em_buffer.id            1 
_em_buffer.details       ? 
_em_buffer.pH            7.0 
_em_buffer.specimen_id   1 
_em_buffer.name          ? 
# 
_em_entity_assembly.id                   1 
_em_entity_assembly.parent_id            0 
_em_entity_assembly.details              ? 
_em_entity_assembly.name                 'Alfalfa mosaic virus' 
_em_entity_assembly.source               RECOMBINANT 
_em_entity_assembly.type                 VIRUS 
_em_entity_assembly.entity_id_list       1 
_em_entity_assembly.synonym              ? 
_em_entity_assembly.oligomeric_details   ? 
# 
_em_imaging.id                              1 
_em_imaging.entry_id                        7EPP 
_em_imaging.accelerating_voltage            300 
_em_imaging.alignment_procedure             ? 
_em_imaging.c2_aperture_diameter            ? 
_em_imaging.calibrated_defocus_max          ? 
_em_imaging.calibrated_defocus_min          ? 
_em_imaging.calibrated_magnification        ? 
_em_imaging.cryogen                         ? 
_em_imaging.details                         ? 
_em_imaging.electron_source                 'FIELD EMISSION GUN' 
_em_imaging.illumination_mode               'FLOOD BEAM' 
_em_imaging.microscope_model                'FEI TITAN KRIOS' 
_em_imaging.mode                            'BRIGHT FIELD' 
_em_imaging.nominal_cs                      ? 
_em_imaging.nominal_defocus_max             ? 
_em_imaging.nominal_defocus_min             ? 
_em_imaging.nominal_magnification           ? 
_em_imaging.recording_temperature_maximum   ? 
_em_imaging.recording_temperature_minimum   ? 
_em_imaging.residual_tilt                   ? 
_em_imaging.specimen_holder_model           ? 
_em_imaging.specimen_id                     1 
_em_imaging.citation_id                     ? 
_em_imaging.date                            ? 
_em_imaging.temperature                     ? 
_em_imaging.tilt_angle_min                  ? 
_em_imaging.tilt_angle_max                  ? 
_em_imaging.astigmatism                     ? 
_em_imaging.detector_distance               ? 
_em_imaging.electron_beam_tilt_params       ? 
_em_imaging.specimen_holder_type            ? 
# 
_em_virus_entity.entity_assembly_id    1 
_em_virus_entity.empty                 YES 
_em_virus_entity.enveloped             NO 
_em_virus_entity.virus_isolate         OTHER 
_em_virus_entity.virus_type            'VIRUS-LIKE PARTICLE' 
_em_virus_entity.id                    1 
_em_virus_entity.virus_host_category   ? 
_em_virus_entity.details               ? 
# 
_em_vitrification.id                    1 
_em_vitrification.specimen_id           1 
_em_vitrification.chamber_temperature   ? 
_em_vitrification.cryogen_name          ETHANE 
_em_vitrification.details               ? 
_em_vitrification.humidity              ? 
_em_vitrification.instrument            ? 
_em_vitrification.entry_id              7EPP 
_em_vitrification.citation_id           ? 
_em_vitrification.method                ? 
_em_vitrification.temp                  ? 
_em_vitrification.time_resolved_state   ? 
# 
_em_experiment.entry_id                7EPP 
_em_experiment.id                      1 
_em_experiment.aggregation_state       PARTICLE 
_em_experiment.reconstruction_method   'SINGLE PARTICLE' 
_em_experiment.entity_assembly_id      1 
# 
loop_
_pdbx_unobs_or_zero_occ_residues.id 
_pdbx_unobs_or_zero_occ_residues.PDB_model_num 
_pdbx_unobs_or_zero_occ_residues.polymer_flag 
_pdbx_unobs_or_zero_occ_residues.occupancy_flag 
_pdbx_unobs_or_zero_occ_residues.auth_asym_id 
_pdbx_unobs_or_zero_occ_residues.auth_comp_id 
_pdbx_unobs_or_zero_occ_residues.auth_seq_id 
_pdbx_unobs_or_zero_occ_residues.PDB_ins_code 
_pdbx_unobs_or_zero_occ_residues.label_asym_id 
_pdbx_unobs_or_zero_occ_residues.label_comp_id 
_pdbx_unobs_or_zero_occ_residues.label_seq_id 
1  1 Y 1 a CYS 1   ? A CYS 1   
2  1 Y 1 a MET 2   ? A MET 2   
3  1 Y 1 a GLN 3   ? A GLN 3   
4  1 Y 1 a VAL 4   ? A VAL 4   
5  1 Y 1 a TRP 5   ? A TRP 5   
6  1 Y 1 a PRO 6   ? A PRO 6   
7  1 Y 1 a PRO 7   ? A PRO 7   
8  1 Y 1 a ILE 8   ? A ILE 8   
9  1 Y 1 a GLY 9   ? A GLY 9   
10 1 Y 1 a LYS 10  ? A LYS 10  
11 1 Y 1 a LYS 11  ? A LYS 11  
12 1 Y 1 a LYS 12  ? A LYS 12  
13 1 Y 1 a PHE 13  ? A PHE 13  
14 1 Y 1 a GLU 14  ? A GLU 14  
15 1 Y 1 a THR 15  ? A THR 15  
16 1 Y 1 a LEU 16  ? A LEU 16  
17 1 Y 1 a SER 17  ? A SER 17  
18 1 Y 1 a TYR 18  ? A TYR 18  
19 1 Y 1 a LEU 19  ? A LEU 19  
20 1 Y 1 a PRO 20  ? A PRO 20  
21 1 Y 1 a ASP 21  ? A ASP 21  
22 1 Y 1 a LEU 22  ? A LEU 22  
23 1 Y 1 a THR 23  ? A THR 23  
24 1 Y 1 a GLY 24  ? A GLY 24  
25 1 Y 1 a SER 25  ? A SER 25  
26 1 Y 1 a MET 26  ? A MET 26  
27 1 Y 1 a SER 27  ? A SER 27  
28 1 Y 1 a SER 28  ? A SER 28  
29 1 Y 1 a SER 29  ? A SER 29  
30 1 Y 1 a GLN 30  ? A GLN 30  
31 1 Y 1 a LYS 31  ? A LYS 31  
32 1 Y 1 a LYS 32  ? A LYS 32  
33 1 Y 1 a ALA 33  ? A ALA 33  
34 1 Y 1 a GLY 34  ? A GLY 34  
35 1 Y 1 a GLY 35  ? A GLY 35  
36 1 Y 1 a LYS 36  ? A LYS 36  
37 1 Y 1 a ALA 37  ? A ALA 37  
38 1 Y 1 a GLY 38  ? A GLY 38  
39 1 Y 1 a LYS 39  ? A LYS 39  
40 1 Y 1 a PRO 40  ? A PRO 40  
41 1 Y 1 a THR 41  ? A THR 41  
42 1 Y 1 a LYS 42  ? A LYS 42  
43 1 Y 1 a ARG 43  ? A ARG 43  
44 1 Y 1 a SER 44  ? A SER 44  
45 1 Y 1 a GLN 45  ? A GLN 45  
46 1 Y 1 a ASN 46  ? A ASN 46  
47 1 Y 1 a TYR 47  ? A TYR 47  
48 1 Y 1 a ALA 48  ? A ALA 48  
49 1 Y 1 a ALA 49  ? A ALA 49  
50 1 Y 1 a LEU 50  ? A LEU 50  
51 1 Y 1 a ARG 51  ? A ARG 51  
52 1 Y 1 a LYS 52  ? A LYS 52  
53 1 Y 1 a ALA 53  ? A ALA 53  
54 1 Y 1 a GLN 54  ? A GLN 54  
55 1 Y 1 a LEU 55  ? A LEU 55  
56 1 Y 1 a PRO 56  ? A PRO 56  
57 1 Y 1 a LYS 57  ? A LYS 57  
58 1 Y 1 a PRO 58  ? A PRO 58  
59 1 Y 1 a PRO 59  ? A PRO 59  
60 1 Y 1 a ALA 60  ? A ALA 60  
61 1 Y 1 a LEU 61  ? A LEU 61  
62 1 Y 1 a LYS 62  ? A LYS 62  
63 1 Y 1 a VAL 63  ? A VAL 63  
64 1 Y 1 a PRO 64  ? A PRO 64  
65 1 Y 1 a VAL 65  ? A VAL 65  
66 1 Y 1 a VAL 66  ? A VAL 66  
67 1 Y 1 a LYS 67  ? A LYS 67  
68 1 Y 1 a PRO 68  ? A PRO 68  
69 1 Y 1 a THR 69  ? A THR 69  
70 1 Y 1 a LEU 237 ? A LEU 237 
71 1 Y 1 a ASP 238 ? A ASP 238 
72 1 Y 1 a GLU 239 ? A GLU 239 
73 1 Y 1 a ALA 240 ? A ALA 240 
74 1 Y 1 a ASP 241 ? A ASP 241 
75 1 Y 1 a ASP 242 ? A ASP 242 
76 1 Y 1 a LEU 243 ? A LEU 243 
77 1 Y 1 a ASP 244 ? A ASP 244 
78 1 Y 1 a ARG 245 ? A ARG 245 
79 1 Y 1 a HIS 246 ? A HIS 246 
80 1 Y 1 a PRO 247 ? A PRO 247 
81 1 Y 1 a ARG 248 ? A ARG 248 
82 1 Y 1 a GLY 249 ? A GLY 249 
83 1 Y 1 a HIS 250 ? A HIS 250 
84 1 Y 1 a HIS 251 ? A HIS 251 
85 1 Y 1 a HIS 252 ? A HIS 252 
86 1 Y 1 a HIS 253 ? A HIS 253 
87 1 Y 1 a HIS 254 ? A HIS 254 
88 1 Y 1 a HIS 255 ? A HIS 255 
# 
loop_
_chem_comp_atom.comp_id 
_chem_comp_atom.atom_id 
_chem_comp_atom.type_symbol 
_chem_comp_atom.pdbx_aromatic_flag 
_chem_comp_atom.pdbx_stereo_config 
_chem_comp_atom.pdbx_ordinal 
ALA N    N N N 1   
ALA CA   C N S 2   
ALA C    C N N 3   
ALA O    O N N 4   
ALA CB   C N N 5   
ALA OXT  O N N 6   
ALA H    H N N 7   
ALA H2   H N N 8   
ALA HA   H N N 9   
ALA HB1  H N N 10  
ALA HB2  H N N 11  
ALA HB3  H N N 12  
ALA HXT  H N N 13  
ARG N    N N N 14  
ARG CA   C N S 15  
ARG C    C N N 16  
ARG O    O N N 17  
ARG CB   C N N 18  
ARG CG   C N N 19  
ARG CD   C N N 20  
ARG NE   N N N 21  
ARG CZ   C N N 22  
ARG NH1  N N N 23  
ARG NH2  N N N 24  
ARG OXT  O N N 25  
ARG H    H N N 26  
ARG H2   H N N 27  
ARG HA   H N N 28  
ARG HB2  H N N 29  
ARG HB3  H N N 30  
ARG HG2  H N N 31  
ARG HG3  H N N 32  
ARG HD2  H N N 33  
ARG HD3  H N N 34  
ARG HE   H N N 35  
ARG HH11 H N N 36  
ARG HH12 H N N 37  
ARG HH21 H N N 38  
ARG HH22 H N N 39  
ARG HXT  H N N 40  
ASN N    N N N 41  
ASN CA   C N S 42  
ASN C    C N N 43  
ASN O    O N N 44  
ASN CB   C N N 45  
ASN CG   C N N 46  
ASN OD1  O N N 47  
ASN ND2  N N N 48  
ASN OXT  O N N 49  
ASN H    H N N 50  
ASN H2   H N N 51  
ASN HA   H N N 52  
ASN HB2  H N N 53  
ASN HB3  H N N 54  
ASN HD21 H N N 55  
ASN HD22 H N N 56  
ASN HXT  H N N 57  
ASP N    N N N 58  
ASP CA   C N S 59  
ASP C    C N N 60  
ASP O    O N N 61  
ASP CB   C N N 62  
ASP CG   C N N 63  
ASP OD1  O N N 64  
ASP OD2  O N N 65  
ASP OXT  O N N 66  
ASP H    H N N 67  
ASP H2   H N N 68  
ASP HA   H N N 69  
ASP HB2  H N N 70  
ASP HB3  H N N 71  
ASP HD2  H N N 72  
ASP HXT  H N N 73  
CYS N    N N N 74  
CYS CA   C N R 75  
CYS C    C N N 76  
CYS O    O N N 77  
CYS CB   C N N 78  
CYS SG   S N N 79  
CYS OXT  O N N 80  
CYS H    H N N 81  
CYS H2   H N N 82  
CYS HA   H N N 83  
CYS HB2  H N N 84  
CYS HB3  H N N 85  
CYS HG   H N N 86  
CYS HXT  H N N 87  
GLN N    N N N 88  
GLN CA   C N S 89  
GLN C    C N N 90  
GLN O    O N N 91  
GLN CB   C N N 92  
GLN CG   C N N 93  
GLN CD   C N N 94  
GLN OE1  O N N 95  
GLN NE2  N N N 96  
GLN OXT  O N N 97  
GLN H    H N N 98  
GLN H2   H N N 99  
GLN HA   H N N 100 
GLN HB2  H N N 101 
GLN HB3  H N N 102 
GLN HG2  H N N 103 
GLN HG3  H N N 104 
GLN HE21 H N N 105 
GLN HE22 H N N 106 
GLN HXT  H N N 107 
GLU N    N N N 108 
GLU CA   C N S 109 
GLU C    C N N 110 
GLU O    O N N 111 
GLU CB   C N N 112 
GLU CG   C N N 113 
GLU CD   C N N 114 
GLU OE1  O N N 115 
GLU OE2  O N N 116 
GLU OXT  O N N 117 
GLU H    H N N 118 
GLU H2   H N N 119 
GLU HA   H N N 120 
GLU HB2  H N N 121 
GLU HB3  H N N 122 
GLU HG2  H N N 123 
GLU HG3  H N N 124 
GLU HE2  H N N 125 
GLU HXT  H N N 126 
GLY N    N N N 127 
GLY CA   C N N 128 
GLY C    C N N 129 
GLY O    O N N 130 
GLY OXT  O N N 131 
GLY H    H N N 132 
GLY H2   H N N 133 
GLY HA2  H N N 134 
GLY HA3  H N N 135 
GLY HXT  H N N 136 
HIS N    N N N 137 
HIS CA   C N S 138 
HIS C    C N N 139 
HIS O    O N N 140 
HIS CB   C N N 141 
HIS CG   C Y N 142 
HIS ND1  N Y N 143 
HIS CD2  C Y N 144 
HIS CE1  C Y N 145 
HIS NE2  N Y N 146 
HIS OXT  O N N 147 
HIS H    H N N 148 
HIS H2   H N N 149 
HIS HA   H N N 150 
HIS HB2  H N N 151 
HIS HB3  H N N 152 
HIS HD1  H N N 153 
HIS HD2  H N N 154 
HIS HE1  H N N 155 
HIS HE2  H N N 156 
HIS HXT  H N N 157 
HOH O    O N N 158 
HOH H1   H N N 159 
HOH H2   H N N 160 
ILE N    N N N 161 
ILE CA   C N S 162 
ILE C    C N N 163 
ILE O    O N N 164 
ILE CB   C N S 165 
ILE CG1  C N N 166 
ILE CG2  C N N 167 
ILE CD1  C N N 168 
ILE OXT  O N N 169 
ILE H    H N N 170 
ILE H2   H N N 171 
ILE HA   H N N 172 
ILE HB   H N N 173 
ILE HG12 H N N 174 
ILE HG13 H N N 175 
ILE HG21 H N N 176 
ILE HG22 H N N 177 
ILE HG23 H N N 178 
ILE HD11 H N N 179 
ILE HD12 H N N 180 
ILE HD13 H N N 181 
ILE HXT  H N N 182 
LEU N    N N N 183 
LEU CA   C N S 184 
LEU C    C N N 185 
LEU O    O N N 186 
LEU CB   C N N 187 
LEU CG   C N N 188 
LEU CD1  C N N 189 
LEU CD2  C N N 190 
LEU OXT  O N N 191 
LEU H    H N N 192 
LEU H2   H N N 193 
LEU HA   H N N 194 
LEU HB2  H N N 195 
LEU HB3  H N N 196 
LEU HG   H N N 197 
LEU HD11 H N N 198 
LEU HD12 H N N 199 
LEU HD13 H N N 200 
LEU HD21 H N N 201 
LEU HD22 H N N 202 
LEU HD23 H N N 203 
LEU HXT  H N N 204 
LYS N    N N N 205 
LYS CA   C N S 206 
LYS C    C N N 207 
LYS O    O N N 208 
LYS CB   C N N 209 
LYS CG   C N N 210 
LYS CD   C N N 211 
LYS CE   C N N 212 
LYS NZ   N N N 213 
LYS OXT  O N N 214 
LYS H    H N N 215 
LYS H2   H N N 216 
LYS HA   H N N 217 
LYS HB2  H N N 218 
LYS HB3  H N N 219 
LYS HG2  H N N 220 
LYS HG3  H N N 221 
LYS HD2  H N N 222 
LYS HD3  H N N 223 
LYS HE2  H N N 224 
LYS HE3  H N N 225 
LYS HZ1  H N N 226 
LYS HZ2  H N N 227 
LYS HZ3  H N N 228 
LYS HXT  H N N 229 
MET N    N N N 230 
MET CA   C N S 231 
MET C    C N N 232 
MET O    O N N 233 
MET CB   C N N 234 
MET CG   C N N 235 
MET SD   S N N 236 
MET CE   C N N 237 
MET OXT  O N N 238 
MET H    H N N 239 
MET H2   H N N 240 
MET HA   H N N 241 
MET HB2  H N N 242 
MET HB3  H N N 243 
MET HG2  H N N 244 
MET HG3  H N N 245 
MET HE1  H N N 246 
MET HE2  H N N 247 
MET HE3  H N N 248 
MET HXT  H N N 249 
PHE N    N N N 250 
PHE CA   C N S 251 
PHE C    C N N 252 
PHE O    O N N 253 
PHE CB   C N N 254 
PHE CG   C Y N 255 
PHE CD1  C Y N 256 
PHE CD2  C Y N 257 
PHE CE1  C Y N 258 
PHE CE2  C Y N 259 
PHE CZ   C Y N 260 
PHE OXT  O N N 261 
PHE H    H N N 262 
PHE H2   H N N 263 
PHE HA   H N N 264 
PHE HB2  H N N 265 
PHE HB3  H N N 266 
PHE HD1  H N N 267 
PHE HD2  H N N 268 
PHE HE1  H N N 269 
PHE HE2  H N N 270 
PHE HZ   H N N 271 
PHE HXT  H N N 272 
PRO N    N N N 273 
PRO CA   C N S 274 
PRO C    C N N 275 
PRO O    O N N 276 
PRO CB   C N N 277 
PRO CG   C N N 278 
PRO CD   C N N 279 
PRO OXT  O N N 280 
PRO H    H N N 281 
PRO HA   H N N 282 
PRO HB2  H N N 283 
PRO HB3  H N N 284 
PRO HG2  H N N 285 
PRO HG3  H N N 286 
PRO HD2  H N N 287 
PRO HD3  H N N 288 
PRO HXT  H N N 289 
SER N    N N N 290 
SER CA   C N S 291 
SER C    C N N 292 
SER O    O N N 293 
SER CB   C N N 294 
SER OG   O N N 295 
SER OXT  O N N 296 
SER H    H N N 297 
SER H2   H N N 298 
SER HA   H N N 299 
SER HB2  H N N 300 
SER HB3  H N N 301 
SER HG   H N N 302 
SER HXT  H N N 303 
THR N    N N N 304 
THR CA   C N S 305 
THR C    C N N 306 
THR O    O N N 307 
THR CB   C N R 308 
THR OG1  O N N 309 
THR CG2  C N N 310 
THR OXT  O N N 311 
THR H    H N N 312 
THR H2   H N N 313 
THR HA   H N N 314 
THR HB   H N N 315 
THR HG1  H N N 316 
THR HG21 H N N 317 
THR HG22 H N N 318 
THR HG23 H N N 319 
THR HXT  H N N 320 
TRP N    N N N 321 
TRP CA   C N S 322 
TRP C    C N N 323 
TRP O    O N N 324 
TRP CB   C N N 325 
TRP CG   C Y N 326 
TRP CD1  C Y N 327 
TRP CD2  C Y N 328 
TRP NE1  N Y N 329 
TRP CE2  C Y N 330 
TRP CE3  C Y N 331 
TRP CZ2  C Y N 332 
TRP CZ3  C Y N 333 
TRP CH2  C Y N 334 
TRP OXT  O N N 335 
TRP H    H N N 336 
TRP H2   H N N 337 
TRP HA   H N N 338 
TRP HB2  H N N 339 
TRP HB3  H N N 340 
TRP HD1  H N N 341 
TRP HE1  H N N 342 
TRP HE3  H N N 343 
TRP HZ2  H N N 344 
TRP HZ3  H N N 345 
TRP HH2  H N N 346 
TRP HXT  H N N 347 
TYR N    N N N 348 
TYR CA   C N S 349 
TYR C    C N N 350 
TYR O    O N N 351 
TYR CB   C N N 352 
TYR CG   C Y N 353 
TYR CD1  C Y N 354 
TYR CD2  C Y N 355 
TYR CE1  C Y N 356 
TYR CE2  C Y N 357 
TYR CZ   C Y N 358 
TYR OH   O N N 359 
TYR OXT  O N N 360 
TYR H    H N N 361 
TYR H2   H N N 362 
TYR HA   H N N 363 
TYR HB2  H N N 364 
TYR HB3  H N N 365 
TYR HD1  H N N 366 
TYR HD2  H N N 367 
TYR HE1  H N N 368 
TYR HE2  H N N 369 
TYR HH   H N N 370 
TYR HXT  H N N 371 
VAL N    N N N 372 
VAL CA   C N S 373 
VAL C    C N N 374 
VAL O    O N N 375 
VAL CB   C N N 376 
VAL CG1  C N N 377 
VAL CG2  C N N 378 
VAL OXT  O N N 379 
VAL H    H N N 380 
VAL H2   H N N 381 
VAL HA   H N N 382 
VAL HB   H N N 383 
VAL HG11 H N N 384 
VAL HG12 H N N 385 
VAL HG13 H N N 386 
VAL HG21 H N N 387 
VAL HG22 H N N 388 
VAL HG23 H N N 389 
VAL HXT  H N N 390 
# 
loop_
_chem_comp_bond.comp_id 
_chem_comp_bond.atom_id_1 
_chem_comp_bond.atom_id_2 
_chem_comp_bond.value_order 
_chem_comp_bond.pdbx_aromatic_flag 
_chem_comp_bond.pdbx_stereo_config 
_chem_comp_bond.pdbx_ordinal 
ALA N   CA   sing N N 1   
ALA N   H    sing N N 2   
ALA N   H2   sing N N 3   
ALA CA  C    sing N N 4   
ALA CA  CB   sing N N 5   
ALA CA  HA   sing N N 6   
ALA C   O    doub N N 7   
ALA C   OXT  sing N N 8   
ALA CB  HB1  sing N N 9   
ALA CB  HB2  sing N N 10  
ALA CB  HB3  sing N N 11  
ALA OXT HXT  sing N N 12  
ARG N   CA   sing N N 13  
ARG N   H    sing N N 14  
ARG N   H2   sing N N 15  
ARG CA  C    sing N N 16  
ARG CA  CB   sing N N 17  
ARG CA  HA   sing N N 18  
ARG C   O    doub N N 19  
ARG C   OXT  sing N N 20  
ARG CB  CG   sing N N 21  
ARG CB  HB2  sing N N 22  
ARG CB  HB3  sing N N 23  
ARG CG  CD   sing N N 24  
ARG CG  HG2  sing N N 25  
ARG CG  HG3  sing N N 26  
ARG CD  NE   sing N N 27  
ARG CD  HD2  sing N N 28  
ARG CD  HD3  sing N N 29  
ARG NE  CZ   sing N N 30  
ARG NE  HE   sing N N 31  
ARG CZ  NH1  sing N N 32  
ARG CZ  NH2  doub N N 33  
ARG NH1 HH11 sing N N 34  
ARG NH1 HH12 sing N N 35  
ARG NH2 HH21 sing N N 36  
ARG NH2 HH22 sing N N 37  
ARG OXT HXT  sing N N 38  
ASN N   CA   sing N N 39  
ASN N   H    sing N N 40  
ASN N   H2   sing N N 41  
ASN CA  C    sing N N 42  
ASN CA  CB   sing N N 43  
ASN CA  HA   sing N N 44  
ASN C   O    doub N N 45  
ASN C   OXT  sing N N 46  
ASN CB  CG   sing N N 47  
ASN CB  HB2  sing N N 48  
ASN CB  HB3  sing N N 49  
ASN CG  OD1  doub N N 50  
ASN CG  ND2  sing N N 51  
ASN ND2 HD21 sing N N 52  
ASN ND2 HD22 sing N N 53  
ASN OXT HXT  sing N N 54  
ASP N   CA   sing N N 55  
ASP N   H    sing N N 56  
ASP N   H2   sing N N 57  
ASP CA  C    sing N N 58  
ASP CA  CB   sing N N 59  
ASP CA  HA   sing N N 60  
ASP C   O    doub N N 61  
ASP C   OXT  sing N N 62  
ASP CB  CG   sing N N 63  
ASP CB  HB2  sing N N 64  
ASP CB  HB3  sing N N 65  
ASP CG  OD1  doub N N 66  
ASP CG  OD2  sing N N 67  
ASP OD2 HD2  sing N N 68  
ASP OXT HXT  sing N N 69  
CYS N   CA   sing N N 70  
CYS N   H    sing N N 71  
CYS N   H2   sing N N 72  
CYS CA  C    sing N N 73  
CYS CA  CB   sing N N 74  
CYS CA  HA   sing N N 75  
CYS C   O    doub N N 76  
CYS C   OXT  sing N N 77  
CYS CB  SG   sing N N 78  
CYS CB  HB2  sing N N 79  
CYS CB  HB3  sing N N 80  
CYS SG  HG   sing N N 81  
CYS OXT HXT  sing N N 82  
GLN N   CA   sing N N 83  
GLN N   H    sing N N 84  
GLN N   H2   sing N N 85  
GLN CA  C    sing N N 86  
GLN CA  CB   sing N N 87  
GLN CA  HA   sing N N 88  
GLN C   O    doub N N 89  
GLN C   OXT  sing N N 90  
GLN CB  CG   sing N N 91  
GLN CB  HB2  sing N N 92  
GLN CB  HB3  sing N N 93  
GLN CG  CD   sing N N 94  
GLN CG  HG2  sing N N 95  
GLN CG  HG3  sing N N 96  
GLN CD  OE1  doub N N 97  
GLN CD  NE2  sing N N 98  
GLN NE2 HE21 sing N N 99  
GLN NE2 HE22 sing N N 100 
GLN OXT HXT  sing N N 101 
GLU N   CA   sing N N 102 
GLU N   H    sing N N 103 
GLU N   H2   sing N N 104 
GLU CA  C    sing N N 105 
GLU CA  CB   sing N N 106 
GLU CA  HA   sing N N 107 
GLU C   O    doub N N 108 
GLU C   OXT  sing N N 109 
GLU CB  CG   sing N N 110 
GLU CB  HB2  sing N N 111 
GLU CB  HB3  sing N N 112 
GLU CG  CD   sing N N 113 
GLU CG  HG2  sing N N 114 
GLU CG  HG3  sing N N 115 
GLU CD  OE1  doub N N 116 
GLU CD  OE2  sing N N 117 
GLU OE2 HE2  sing N N 118 
GLU OXT HXT  sing N N 119 
GLY N   CA   sing N N 120 
GLY N   H    sing N N 121 
GLY N   H2   sing N N 122 
GLY CA  C    sing N N 123 
GLY CA  HA2  sing N N 124 
GLY CA  HA3  sing N N 125 
GLY C   O    doub N N 126 
GLY C   OXT  sing N N 127 
GLY OXT HXT  sing N N 128 
HIS N   CA   sing N N 129 
HIS N   H    sing N N 130 
HIS N   H2   sing N N 131 
HIS CA  C    sing N N 132 
HIS CA  CB   sing N N 133 
HIS CA  HA   sing N N 134 
HIS C   O    doub N N 135 
HIS C   OXT  sing N N 136 
HIS CB  CG   sing N N 137 
HIS CB  HB2  sing N N 138 
HIS CB  HB3  sing N N 139 
HIS CG  ND1  sing Y N 140 
HIS CG  CD2  doub Y N 141 
HIS ND1 CE1  doub Y N 142 
HIS ND1 HD1  sing N N 143 
HIS CD2 NE2  sing Y N 144 
HIS CD2 HD2  sing N N 145 
HIS CE1 NE2  sing Y N 146 
HIS CE1 HE1  sing N N 147 
HIS NE2 HE2  sing N N 148 
HIS OXT HXT  sing N N 149 
HOH O   H1   sing N N 150 
HOH O   H2   sing N N 151 
ILE N   CA   sing N N 152 
ILE N   H    sing N N 153 
ILE N   H2   sing N N 154 
ILE CA  C    sing N N 155 
ILE CA  CB   sing N N 156 
ILE CA  HA   sing N N 157 
ILE C   O    doub N N 158 
ILE C   OXT  sing N N 159 
ILE CB  CG1  sing N N 160 
ILE CB  CG2  sing N N 161 
ILE CB  HB   sing N N 162 
ILE CG1 CD1  sing N N 163 
ILE CG1 HG12 sing N N 164 
ILE CG1 HG13 sing N N 165 
ILE CG2 HG21 sing N N 166 
ILE CG2 HG22 sing N N 167 
ILE CG2 HG23 sing N N 168 
ILE CD1 HD11 sing N N 169 
ILE CD1 HD12 sing N N 170 
ILE CD1 HD13 sing N N 171 
ILE OXT HXT  sing N N 172 
LEU N   CA   sing N N 173 
LEU N   H    sing N N 174 
LEU N   H2   sing N N 175 
LEU CA  C    sing N N 176 
LEU CA  CB   sing N N 177 
LEU CA  HA   sing N N 178 
LEU C   O    doub N N 179 
LEU C   OXT  sing N N 180 
LEU CB  CG   sing N N 181 
LEU CB  HB2  sing N N 182 
LEU CB  HB3  sing N N 183 
LEU CG  CD1  sing N N 184 
LEU CG  CD2  sing N N 185 
LEU CG  HG   sing N N 186 
LEU CD1 HD11 sing N N 187 
LEU CD1 HD12 sing N N 188 
LEU CD1 HD13 sing N N 189 
LEU CD2 HD21 sing N N 190 
LEU CD2 HD22 sing N N 191 
LEU CD2 HD23 sing N N 192 
LEU OXT HXT  sing N N 193 
LYS N   CA   sing N N 194 
LYS N   H    sing N N 195 
LYS N   H2   sing N N 196 
LYS CA  C    sing N N 197 
LYS CA  CB   sing N N 198 
LYS CA  HA   sing N N 199 
LYS C   O    doub N N 200 
LYS C   OXT  sing N N 201 
LYS CB  CG   sing N N 202 
LYS CB  HB2  sing N N 203 
LYS CB  HB3  sing N N 204 
LYS CG  CD   sing N N 205 
LYS CG  HG2  sing N N 206 
LYS CG  HG3  sing N N 207 
LYS CD  CE   sing N N 208 
LYS CD  HD2  sing N N 209 
LYS CD  HD3  sing N N 210 
LYS CE  NZ   sing N N 211 
LYS CE  HE2  sing N N 212 
LYS CE  HE3  sing N N 213 
LYS NZ  HZ1  sing N N 214 
LYS NZ  HZ2  sing N N 215 
LYS NZ  HZ3  sing N N 216 
LYS OXT HXT  sing N N 217 
MET N   CA   sing N N 218 
MET N   H    sing N N 219 
MET N   H2   sing N N 220 
MET CA  C    sing N N 221 
MET CA  CB   sing N N 222 
MET CA  HA   sing N N 223 
MET C   O    doub N N 224 
MET C   OXT  sing N N 225 
MET CB  CG   sing N N 226 
MET CB  HB2  sing N N 227 
MET CB  HB3  sing N N 228 
MET CG  SD   sing N N 229 
MET CG  HG2  sing N N 230 
MET CG  HG3  sing N N 231 
MET SD  CE   sing N N 232 
MET CE  HE1  sing N N 233 
MET CE  HE2  sing N N 234 
MET CE  HE3  sing N N 235 
MET OXT HXT  sing N N 236 
PHE N   CA   sing N N 237 
PHE N   H    sing N N 238 
PHE N   H2   sing N N 239 
PHE CA  C    sing N N 240 
PHE CA  CB   sing N N 241 
PHE CA  HA   sing N N 242 
PHE C   O    doub N N 243 
PHE C   OXT  sing N N 244 
PHE CB  CG   sing N N 245 
PHE CB  HB2  sing N N 246 
PHE CB  HB3  sing N N 247 
PHE CG  CD1  doub Y N 248 
PHE CG  CD2  sing Y N 249 
PHE CD1 CE1  sing Y N 250 
PHE CD1 HD1  sing N N 251 
PHE CD2 CE2  doub Y N 252 
PHE CD2 HD2  sing N N 253 
PHE CE1 CZ   doub Y N 254 
PHE CE1 HE1  sing N N 255 
PHE CE2 CZ   sing Y N 256 
PHE CE2 HE2  sing N N 257 
PHE CZ  HZ   sing N N 258 
PHE OXT HXT  sing N N 259 
PRO N   CA   sing N N 260 
PRO N   CD   sing N N 261 
PRO N   H    sing N N 262 
PRO CA  C    sing N N 263 
PRO CA  CB   sing N N 264 
PRO CA  HA   sing N N 265 
PRO C   O    doub N N 266 
PRO C   OXT  sing N N 267 
PRO CB  CG   sing N N 268 
PRO CB  HB2  sing N N 269 
PRO CB  HB3  sing N N 270 
PRO CG  CD   sing N N 271 
PRO CG  HG2  sing N N 272 
PRO CG  HG3  sing N N 273 
PRO CD  HD2  sing N N 274 
PRO CD  HD3  sing N N 275 
PRO OXT HXT  sing N N 276 
SER N   CA   sing N N 277 
SER N   H    sing N N 278 
SER N   H2   sing N N 279 
SER CA  C    sing N N 280 
SER CA  CB   sing N N 281 
SER CA  HA   sing N N 282 
SER C   O    doub N N 283 
SER C   OXT  sing N N 284 
SER CB  OG   sing N N 285 
SER CB  HB2  sing N N 286 
SER CB  HB3  sing N N 287 
SER OG  HG   sing N N 288 
SER OXT HXT  sing N N 289 
THR N   CA   sing N N 290 
THR N   H    sing N N 291 
THR N   H2   sing N N 292 
THR CA  C    sing N N 293 
THR CA  CB   sing N N 294 
THR CA  HA   sing N N 295 
THR C   O    doub N N 296 
THR C   OXT  sing N N 297 
THR CB  OG1  sing N N 298 
THR CB  CG2  sing N N 299 
THR CB  HB   sing N N 300 
THR OG1 HG1  sing N N 301 
THR CG2 HG21 sing N N 302 
THR CG2 HG22 sing N N 303 
THR CG2 HG23 sing N N 304 
THR OXT HXT  sing N N 305 
TRP N   CA   sing N N 306 
TRP N   H    sing N N 307 
TRP N   H2   sing N N 308 
TRP CA  C    sing N N 309 
TRP CA  CB   sing N N 310 
TRP CA  HA   sing N N 311 
TRP C   O    doub N N 312 
TRP C   OXT  sing N N 313 
TRP CB  CG   sing N N 314 
TRP CB  HB2  sing N N 315 
TRP CB  HB3  sing N N 316 
TRP CG  CD1  doub Y N 317 
TRP CG  CD2  sing Y N 318 
TRP CD1 NE1  sing Y N 319 
TRP CD1 HD1  sing N N 320 
TRP CD2 CE2  doub Y N 321 
TRP CD2 CE3  sing Y N 322 
TRP NE1 CE2  sing Y N 323 
TRP NE1 HE1  sing N N 324 
TRP CE2 CZ2  sing Y N 325 
TRP CE3 CZ3  doub Y N 326 
TRP CE3 HE3  sing N N 327 
TRP CZ2 CH2  doub Y N 328 
TRP CZ2 HZ2  sing N N 329 
TRP CZ3 CH2  sing Y N 330 
TRP CZ3 HZ3  sing N N 331 
TRP CH2 HH2  sing N N 332 
TRP OXT HXT  sing N N 333 
TYR N   CA   sing N N 334 
TYR N   H    sing N N 335 
TYR N   H2   sing N N 336 
TYR CA  C    sing N N 337 
TYR CA  CB   sing N N 338 
TYR CA  HA   sing N N 339 
TYR C   O    doub N N 340 
TYR C   OXT  sing N N 341 
TYR CB  CG   sing N N 342 
TYR CB  HB2  sing N N 343 
TYR CB  HB3  sing N N 344 
TYR CG  CD1  doub Y N 345 
TYR CG  CD2  sing Y N 346 
TYR CD1 CE1  sing Y N 347 
TYR CD1 HD1  sing N N 348 
TYR CD2 CE2  doub Y N 349 
TYR CD2 HD2  sing N N 350 
TYR CE1 CZ   doub Y N 351 
TYR CE1 HE1  sing N N 352 
TYR CE2 CZ   sing Y N 353 
TYR CE2 HE2  sing N N 354 
TYR CZ  OH   sing N N 355 
TYR OH  HH   sing N N 356 
TYR OXT HXT  sing N N 357 
VAL N   CA   sing N N 358 
VAL N   H    sing N N 359 
VAL N   H2   sing N N 360 
VAL CA  C    sing N N 361 
VAL CA  CB   sing N N 362 
VAL CA  HA   sing N N 363 
VAL C   O    doub N N 364 
VAL C   OXT  sing N N 365 
VAL CB  CG1  sing N N 366 
VAL CB  CG2  sing N N 367 
VAL CB  HB   sing N N 368 
VAL CG1 HG11 sing N N 369 
VAL CG1 HG12 sing N N 370 
VAL CG1 HG13 sing N N 371 
VAL CG2 HG21 sing N N 372 
VAL CG2 HG22 sing N N 373 
VAL CG2 HG23 sing N N 374 
VAL OXT HXT  sing N N 375 
# 
_em_ctf_correction.id                       1 
_em_ctf_correction.em_image_processing_id   1 
_em_ctf_correction.type                     'PHASE FLIPPING AND AMPLITUDE CORRECTION' 
_em_ctf_correction.details                  ? 
# 
_em_entity_assembly_naturalsource.id                   2 
_em_entity_assembly_naturalsource.entity_assembly_id   1 
_em_entity_assembly_naturalsource.cell                 ? 
_em_entity_assembly_naturalsource.cellular_location    ? 
_em_entity_assembly_naturalsource.ncbi_tax_id          12323 
_em_entity_assembly_naturalsource.organ                ? 
_em_entity_assembly_naturalsource.organelle            ? 
_em_entity_assembly_naturalsource.organism             'Alfalfa mosaic virus (strain 425 / isolate Madison)' 
_em_entity_assembly_naturalsource.strain               ? 
_em_entity_assembly_naturalsource.tissue               ? 
# 
_em_entity_assembly_recombinant.id                   2 
_em_entity_assembly_recombinant.entity_assembly_id   1 
_em_entity_assembly_recombinant.cell                 ? 
_em_entity_assembly_recombinant.ncbi_tax_id          4100 
_em_entity_assembly_recombinant.organism             'Nicotiana benthamiana' 
_em_entity_assembly_recombinant.plasmid              ? 
_em_entity_assembly_recombinant.strain               ? 
# 
_em_image_processing.id                   1 
_em_image_processing.image_recording_id   1 
_em_image_processing.details              ? 
# 
_em_image_recording.id                            1 
_em_image_recording.imaging_id                    1 
_em_image_recording.avg_electron_dose_per_image   40 
_em_image_recording.average_exposure_time         ? 
_em_image_recording.details                       ? 
_em_image_recording.detector_mode                 COUNTING 
_em_image_recording.film_or_detector_model        'FEI FALCON III (4k x 4k)' 
_em_image_recording.num_diffraction_images        ? 
_em_image_recording.num_grids_imaged              ? 
_em_image_recording.num_real_images               ? 
# 
loop_
_em_software.id 
_em_software.category 
_em_software.details 
_em_software.name 
_em_software.version 
_em_software.image_processing_id 
_em_software.fitting_id 
_em_software.imaging_id 
1  'PARTICLE SELECTION'       ? ? ? 1 ? ? 
2  'IMAGE ACQUISITION'        ? ? ? ? ? 1 
3  MASKING                    ? ? ? ? ? ? 
4  'CTF CORRECTION'           ? ? ? 1 ? ? 
5  'LAYERLINE INDEXING'       ? ? ? ? ? ? 
6  'DIFFRACTION INDEXING'     ? ? ? ? ? ? 
7  'MODEL FITTING'            ? ? ? ? ? ? 
8  'MODEL REFINEMENT'         ? ? ? ? ? ? 
9  OTHER                      ? ? ? ? ? ? 
10 'INITIAL EULER ASSIGNMENT' ? ? ? 1 ? ? 
11 'FINAL EULER ASSIGNMENT'   ? ? ? 1 ? ? 
12 CLASSIFICATION             ? ? ? 1 ? ? 
13 RECONSTRUCTION             ? ? ? 1 ? ? 
# 
_em_specimen.id                      1 
_em_specimen.experiment_id           1 
_em_specimen.concentration           ? 
_em_specimen.details                 ? 
_em_specimen.embedding_applied       NO 
_em_specimen.shadowing_applied       NO 
_em_specimen.staining_applied        NO 
_em_specimen.vitrification_applied   YES 
# 
_atom_sites.entry_id                    7EPP 
_atom_sites.Cartn_transf_matrix[1][1]   ? 
_atom_sites.Cartn_transf_matrix[1][2]   ? 
_atom_sites.Cartn_transf_matrix[1][3]   ? 
_atom_sites.Cartn_transf_matrix[2][1]   ? 
_atom_sites.Cartn_transf_matrix[2][2]   ? 
_atom_sites.Cartn_transf_matrix[2][3]   ? 
_atom_sites.Cartn_transf_matrix[3][1]   ? 
_atom_sites.Cartn_transf_matrix[3][2]   ? 
_atom_sites.Cartn_transf_matrix[3][3]   ? 
_atom_sites.Cartn_transf_vector[1]      ? 
_atom_sites.Cartn_transf_vector[2]      ? 
_atom_sites.Cartn_transf_vector[3]      ? 
_atom_sites.fract_transf_matrix[1][1]   1.000000 
_atom_sites.fract_transf_matrix[1][2]   0.000000 
_atom_sites.fract_transf_matrix[1][3]   0.000000 
_atom_sites.fract_transf_matrix[2][1]   0.000000 
_atom_sites.fract_transf_matrix[2][2]   1.000000 
_atom_sites.fract_transf_matrix[2][3]   0.000000 
_atom_sites.fract_transf_matrix[3][1]   0.000000 
_atom_sites.fract_transf_matrix[3][2]   0.000000 
_atom_sites.fract_transf_matrix[3][3]   1.000000 
_atom_sites.fract_transf_vector[1]      0.00000 
_atom_sites.fract_transf_vector[2]      0.00000 
_atom_sites.fract_transf_vector[3]      0.00000 
_atom_sites.solution_primary            ? 
_atom_sites.solution_secondary          ? 
_atom_sites.solution_hydrogens          ? 
_atom_sites.special_details             ? 
# 
loop_
_atom_type.symbol 
C 
N 
O 
S 
# 
loop_
_atom_site.group_PDB 
_atom_site.id 
_atom_site.type_symbol 
_atom_site.label_atom_id 
_atom_site.label_alt_id 
_atom_site.label_comp_id 
_atom_site.label_asym_id 
_atom_site.label_entity_id 
_atom_site.label_seq_id 
_atom_site.pdbx_PDB_ins_code 
_atom_site.Cartn_x 
_atom_site.Cartn_y 
_atom_site.Cartn_z 
_atom_site.occupancy 
_atom_site.B_iso_or_equiv 
_atom_site.pdbx_formal_charge 
_atom_site.auth_seq_id 
_atom_site.auth_comp_id 
_atom_site.auth_asym_id 
_atom_site.auth_atom_id 
_atom_site.pdbx_PDB_model_num 
ATOM   1    N N   . ASN A 1 70  ? 13.691  18.335  -3.265  1.00 54.30  ? 70  ASN a N   1 
ATOM   2    C CA  . ASN A 1 70  ? 12.457  18.238  -4.035  1.00 54.30  ? 70  ASN a CA  1 
ATOM   3    C C   . ASN A 1 70  ? 11.796  16.873  -3.856  1.00 54.30  ? 70  ASN a C   1 
ATOM   4    O O   . ASN A 1 70  ? 10.572  16.770  -3.801  1.00 54.30  ? 70  ASN a O   1 
ATOM   5    C CB  . ASN A 1 70  ? 12.733  18.497  -5.516  1.00 54.30  ? 70  ASN a CB  1 
ATOM   6    C CG  . ASN A 1 70  ? 11.467  18.750  -6.311  1.00 54.30  ? 70  ASN a CG  1 
ATOM   7    O OD1 . ASN A 1 70  ? 11.497  18.828  -7.538  1.00 54.30  ? 70  ASN a OD1 1 
ATOM   8    N ND2 . ASN A 1 70  ? 10.346  18.890  -5.615  1.00 54.30  ? 70  ASN a ND2 1 
ATOM   9    N N   . THR A 1 71  ? 12.614  15.828  -3.776  1.00 48.95  ? 71  THR a N   1 
ATOM   10   C CA  . THR A 1 71  ? 12.133  14.464  -3.626  1.00 48.95  ? 71  THR a CA  1 
ATOM   11   C C   . THR A 1 71  ? 12.733  13.842  -2.377  1.00 48.95  ? 71  THR a C   1 
ATOM   12   O O   . THR A 1 71  ? 13.775  14.281  -1.886  1.00 48.95  ? 71  THR a O   1 
ATOM   13   C CB  . THR A 1 71  ? 12.487  13.597  -4.839  1.00 48.95  ? 71  THR a CB  1 
ATOM   14   O OG1 . THR A 1 71  ? 13.874  13.763  -5.153  1.00 48.95  ? 71  THR a OG1 1 
ATOM   15   C CG2 . THR A 1 71  ? 11.644  13.980  -6.039  1.00 48.95  ? 71  THR a CG2 1 
ATOM   16   N N   . ILE A 1 72  ? 12.060  12.810  -1.868  1.00 43.72  ? 72  ILE a N   1 
ATOM   17   C CA  . ILE A 1 72  ? 12.563  12.081  -0.711  1.00 43.72  ? 72  ILE a CA  1 
ATOM   18   C C   . ILE A 1 72  ? 13.764  11.246  -1.132  1.00 43.72  ? 72  ILE a C   1 
ATOM   19   O O   . ILE A 1 72  ? 13.716  10.522  -2.132  1.00 43.72  ? 72  ILE a O   1 
ATOM   20   C CB  . ILE A 1 72  ? 11.455  11.211  -0.103  1.00 43.72  ? 72  ILE a CB  1 
ATOM   21   C CG1 . ILE A 1 72  ? 10.173  12.027  0.056   1.00 43.72  ? 72  ILE a CG1 1 
ATOM   22   C CG2 . ILE A 1 72  ? 11.894  10.651  1.233   1.00 43.72  ? 72  ILE a CG2 1 
ATOM   23   C CD1 . ILE A 1 72  ? 8.940   11.198  0.292   1.00 43.72  ? 72  ILE a CD1 1 
ATOM   24   N N   . LEU A 1 73  ? 14.847  11.345  -0.371  1.00 44.76  ? 73  LEU a N   1 
ATOM   25   C CA  . LEU A 1 73  ? 16.085  10.644  -0.688  1.00 44.76  ? 73  LEU a CA  1 
ATOM   26   C C   . LEU A 1 73  ? 16.072  9.231   -0.109  1.00 44.76  ? 73  LEU a C   1 
ATOM   27   O O   . LEU A 1 73  ? 15.588  9.022   1.007   1.00 44.76  ? 73  LEU a O   1 
ATOM   28   C CB  . LEU A 1 73  ? 17.287  11.401  -0.142  1.00 44.76  ? 73  LEU a CB  1 
ATOM   29   C CG  . LEU A 1 73  ? 18.249  12.008  -1.166  1.00 44.76  ? 73  LEU a CG  1 
ATOM   30   C CD1 . LEU A 1 73  ? 17.553  13.045  -2.028  1.00 44.76  ? 73  LEU a CD1 1 
ATOM   31   C CD2 . LEU A 1 73  ? 19.454  12.610  -0.465  1.00 44.76  ? 73  LEU a CD2 1 
ATOM   32   N N   . PRO A 1 74  ? 16.595  8.255   -0.839  1.00 41.82  ? 74  PRO a N   1 
ATOM   33   C CA  . PRO A 1 74  ? 16.691  6.888   -0.321  1.00 41.82  ? 74  PRO a CA  1 
ATOM   34   C C   . PRO A 1 74  ? 17.934  6.731   0.549   1.00 41.82  ? 74  PRO a C   1 
ATOM   35   O O   . PRO A 1 74  ? 18.787  7.611   0.622   1.00 41.82  ? 74  PRO a O   1 
ATOM   36   C CB  . PRO A 1 74  ? 16.779  6.047   -1.594  1.00 41.82  ? 74  PRO a CB  1 
ATOM   37   C CG  . PRO A 1 74  ? 17.471  6.937   -2.566  1.00 41.82  ? 74  PRO a CG  1 
ATOM   38   C CD  . PRO A 1 74  ? 17.062  8.348   -2.234  1.00 41.82  ? 74  PRO a CD  1 
ATOM   39   N N   . GLN A 1 75  ? 18.028  5.580   1.209   1.00 40.98  ? 75  GLN a N   1 
ATOM   40   C CA  . GLN A 1 75  ? 19.130  5.303   2.120   1.00 40.98  ? 75  GLN a CA  1 
ATOM   41   C C   . GLN A 1 75  ? 20.393  4.968   1.323   1.00 40.98  ? 75  GLN a C   1 
ATOM   42   O O   . GLN A 1 75  ? 20.449  5.131   0.103   1.00 40.98  ? 75  GLN a O   1 
ATOM   43   C CB  . GLN A 1 75  ? 18.742  4.196   3.095   1.00 40.98  ? 75  GLN a CB  1 
ATOM   44   C CG  . GLN A 1 75  ? 17.452  4.474   3.850   1.00 40.98  ? 75  GLN a CG  1 
ATOM   45   C CD  . GLN A 1 75  ? 16.803  3.214   4.392   1.00 40.98  ? 75  GLN a CD  1 
ATOM   46   O OE1 . GLN A 1 75  ? 17.429  2.155   4.451   1.00 40.98  ? 75  GLN a OE1 1 
ATOM   47   N NE2 . GLN A 1 75  ? 15.540  3.322   4.792   1.00 40.98  ? 75  GLN a NE2 1 
ATOM   48   N N   . THR A 1 76  ? 21.427  4.486   2.015   1.00 48.87  ? 76  THR a N   1 
ATOM   49   C CA  . THR A 1 76  ? 22.764  4.434   1.428   1.00 48.87  ? 76  THR a CA  1 
ATOM   50   C C   . THR A 1 76  ? 22.853  3.470   0.248   1.00 48.87  ? 76  THR a C   1 
ATOM   51   O O   . THR A 1 76  ? 23.592  3.733   -0.707  1.00 48.87  ? 76  THR a O   1 
ATOM   52   C CB  . THR A 1 76  ? 23.789  4.054   2.497   1.00 48.87  ? 76  THR a CB  1 
ATOM   53   O OG1 . THR A 1 76  ? 23.634  4.913   3.631   1.00 48.87  ? 76  THR a OG1 1 
ATOM   54   C CG2 . THR A 1 76  ? 25.204  4.195   1.959   1.00 48.87  ? 76  THR a CG2 1 
ATOM   55   N N   . GLY A 1 77  ? 22.119  2.362   0.283   1.00 42.14  ? 77  GLY a N   1 
ATOM   56   C CA  . GLY A 1 77  ? 22.189  1.413   -0.814  1.00 42.14  ? 77  GLY a CA  1 
ATOM   57   C C   . GLY A 1 77  ? 20.847  0.985   -1.370  1.00 42.14  ? 77  GLY a C   1 
ATOM   58   O O   . GLY A 1 77  ? 20.684  -0.169  -1.770  1.00 42.14  ? 77  GLY a O   1 
ATOM   59   N N   . CYS A 1 78  ? 19.885  1.900   -1.418  1.00 37.20  ? 78  CYS a N   1 
ATOM   60   C CA  . CYS A 1 78  ? 18.512  1.582   -1.781  1.00 37.20  ? 78  CYS a CA  1 
ATOM   61   C C   . CYS A 1 78  ? 18.071  2.400   -2.987  1.00 37.20  ? 78  CYS a C   1 
ATOM   62   O O   . CYS A 1 78  ? 18.745  3.338   -3.411  1.00 37.20  ? 78  CYS a O   1 
ATOM   63   C CB  . CYS A 1 78  ? 17.572  1.831   -0.595  1.00 37.20  ? 78  CYS a CB  1 
ATOM   64   S SG  . CYS A 1 78  ? 17.975  0.882   0.888   1.00 37.20  ? 78  CYS a SG  1 
ATOM   65   N N   . VAL A 1 79  ? 16.915  2.023   -3.546  1.00 31.32  ? 79  VAL a N   1 
ATOM   66   C CA  . VAL A 1 79  ? 16.285  2.741   -4.648  1.00 31.32  ? 79  VAL a CA  1 
ATOM   67   C C   . VAL A 1 79  ? 14.775  2.694   -4.455  1.00 31.32  ? 79  VAL a C   1 
ATOM   68   O O   . VAL A 1 79  ? 14.248  1.869   -3.710  1.00 31.32  ? 79  VAL a O   1 
ATOM   69   C CB  . VAL A 1 79  ? 16.651  2.168   -6.044  1.00 31.32  ? 79  VAL a CB  1 
ATOM   70   C CG1 . VAL A 1 79  ? 18.146  2.228   -6.300  1.00 31.32  ? 79  VAL a CG1 1 
ATOM   71   C CG2 . VAL A 1 79  ? 16.139  0.748   -6.201  1.00 31.32  ? 79  VAL a CG2 1 
ATOM   72   N N   . TRP A 1 80  ? 14.077  3.588   -5.150  1.00 29.44  ? 80  TRP a N   1 
ATOM   73   C CA  . TRP A 1 80  ? 12.623  3.652   -5.124  1.00 29.44  ? 80  TRP a CA  1 
ATOM   74   C C   . TRP A 1 80  ? 12.044  2.977   -6.362  1.00 29.44  ? 80  TRP a C   1 
ATOM   75   O O   . TRP A 1 80  ? 12.698  2.888   -7.400  1.00 29.44  ? 80  TRP a O   1 
ATOM   76   C CB  . TRP A 1 80  ? 12.132  5.103   -5.052  1.00 29.44  ? 80  TRP a CB  1 
ATOM   77   C CG  . TRP A 1 80  ? 12.286  5.743   -3.698  1.00 29.44  ? 80  TRP a CG  1 
ATOM   78   C CD1 . TRP A 1 80  ? 13.306  6.545   -3.287  1.00 29.44  ? 80  TRP a CD1 1 
ATOM   79   C CD2 . TRP A 1 80  ? 11.391  5.631   -2.583  1.00 29.44  ? 80  TRP a CD2 1 
ATOM   80   N NE1 . TRP A 1 80  ? 13.107  6.937   -1.989  1.00 29.44  ? 80  TRP a NE1 1 
ATOM   81   C CE2 . TRP A 1 80  ? 11.938  6.389   -1.534  1.00 29.44  ? 80  TRP a CE2 1 
ATOM   82   C CE3 . TRP A 1 80  ? 10.180  4.967   -2.375  1.00 29.44  ? 80  TRP a CE3 1 
ATOM   83   C CZ2 . TRP A 1 80  ? 11.319  6.501   -0.295  1.00 29.44  ? 80  TRP a CZ2 1 
ATOM   84   C CZ3 . TRP A 1 80  ? 9.571   5.076   -1.144  1.00 29.44  ? 80  TRP a CZ3 1 
ATOM   85   C CH2 . TRP A 1 80  ? 10.140  5.836   -0.120  1.00 29.44  ? 80  TRP a CH2 1 
ATOM   86   N N   . GLN A 1 81  ? 10.809  2.500   -6.244  1.00 30.89  ? 81  GLN a N   1 
ATOM   87   C CA  . GLN A 1 81  ? 10.131  1.867   -7.365  1.00 30.89  ? 81  GLN a CA  1 
ATOM   88   C C   . GLN A 1 81  ? 8.637   2.118   -7.249  1.00 30.89  ? 81  GLN a C   1 
ATOM   89   O O   . GLN A 1 81  ? 8.072   2.026   -6.159  1.00 30.89  ? 81  GLN a O   1 
ATOM   90   C CB  . GLN A 1 81  ? 10.425  0.363   -7.424  1.00 30.89  ? 81  GLN a CB  1 
ATOM   91   C CG  . GLN A 1 81  ? 9.415   -0.446  -8.218  1.00 30.89  ? 81  GLN a CG  1 
ATOM   92   C CD  . GLN A 1 81  ? 9.897   -1.841  -8.546  1.00 30.89  ? 81  GLN a CD  1 
ATOM   93   O OE1 . GLN A 1 81  ? 9.163   -2.647  -9.113  1.00 30.89  ? 81  GLN a OE1 1 
ATOM   94   N NE2 . GLN A 1 81  ? 11.135  -2.133  -8.198  1.00 30.89  ? 81  GLN a NE2 1 
ATOM   95   N N   . SER A 1 82  ? 8.005   2.427   -8.375  1.00 34.82  ? 82  SER a N   1 
ATOM   96   C CA  . SER A 1 82  ? 6.600   2.800   -8.434  1.00 34.82  ? 82  SER a CA  1 
ATOM   97   C C   . SER A 1 82  ? 5.736   1.636   -8.899  1.00 34.82  ? 82  SER a C   1 
ATOM   98   O O   . SER A 1 82  ? 6.207   0.700   -9.545  1.00 34.82  ? 82  SER a O   1 
ATOM   99   C CB  . SER A 1 82  ? 6.401   3.993   -9.370  1.00 34.82  ? 82  SER a CB  1 
ATOM   100  O OG  . SER A 1 82  ? 5.195   4.672   -9.083  1.00 34.82  ? 82  SER a OG  1 
ATOM   101  N N   . LEU A 1 83  ? 4.447   1.712   -8.567  1.00 40.93  ? 83  LEU a N   1 
ATOM   102  C CA  . LEU A 1 83  ? 3.524   0.636   -8.907  1.00 40.93  ? 83  LEU a CA  1 
ATOM   103  C C   . LEU A 1 83  ? 3.017   0.748   -10.337 1.00 40.93  ? 83  LEU a C   1 
ATOM   104  O O   . LEU A 1 83  ? 2.730   -0.273  -10.968 1.00 40.93  ? 83  LEU a O   1 
ATOM   105  C CB  . LEU A 1 83  ? 2.350   0.620   -7.928  1.00 40.93  ? 83  LEU a CB  1 
ATOM   106  C CG  . LEU A 1 83  ? 1.279   -0.446  -8.161  1.00 40.93  ? 83  LEU a CG  1 
ATOM   107  C CD1 . LEU A 1 83  ? 1.863   -1.830  -8.000  1.00 40.93  ? 83  LEU a CD1 1 
ATOM   108  C CD2 . LEU A 1 83  ? 0.117   -0.259  -7.214  1.00 40.93  ? 83  LEU a CD2 1 
ATOM   109  N N   . GLY A 1 84  ? 2.893   1.961   -10.866 1.00 54.83  ? 84  GLY a N   1 
ATOM   110  C CA  . GLY A 1 84  ? 2.643   2.124   -12.283 1.00 54.83  ? 84  GLY a CA  1 
ATOM   111  C C   . GLY A 1 84  ? 1.236   2.501   -12.699 1.00 54.83  ? 84  GLY a C   1 
ATOM   112  O O   . GLY A 1 84  ? 1.065   3.251   -13.664 1.00 54.83  ? 84  GLY a O   1 
ATOM   113  N N   . THR A 1 85  ? 0.218   1.994   -12.006 1.00 66.04  ? 85  THR a N   1 
ATOM   114  C CA  . THR A 1 85  ? -1.140  2.252   -12.455 1.00 66.04  ? 85  THR a CA  1 
ATOM   115  C C   . THR A 1 85  ? -2.057  2.592   -11.289 1.00 66.04  ? 85  THR a C   1 
ATOM   116  O O   . THR A 1 85  ? -1.897  2.052   -10.187 1.00 66.04  ? 85  THR a O   1 
ATOM   117  C CB  . THR A 1 85  ? -1.705  1.042   -13.209 1.00 66.04  ? 85  THR a CB  1 
ATOM   118  O OG1 . THR A 1 85  ? -3.109  1.226   -13.425 1.00 66.04  ? 85  THR a OG1 1 
ATOM   119  C CG2 . THR A 1 85  ? -1.476  -0.234  -12.417 1.00 66.04  ? 85  THR a CG2 1 
ATOM   120  N N   . PRO A 1 86  ? -3.017  3.489   -11.497 1.00 70.88  ? 86  PRO a N   1 
ATOM   121  C CA  . PRO A 1 86  ? -4.013  3.775   -10.460 1.00 70.88  ? 86  PRO a CA  1 
ATOM   122  C C   . PRO A 1 86  ? -5.049  2.662   -10.366 1.00 70.88  ? 86  PRO a C   1 
ATOM   123  O O   . PRO A 1 86  ? -5.145  1.782   -11.220 1.00 70.88  ? 86  PRO a O   1 
ATOM   124  C CB  . PRO A 1 86  ? -4.651  5.088   -10.933 1.00 70.88  ? 86  PRO a CB  1 
ATOM   125  C CG  . PRO A 1 86  ? -3.684  5.657   -11.923 1.00 70.88  ? 86  PRO a CG  1 
ATOM   126  C CD  . PRO A 1 86  ? -3.071  4.470   -12.590 1.00 70.88  ? 86  PRO a CD  1 
ATOM   127  N N   . LEU A 1 87  ? -5.838  2.723   -9.295  1.00 75.02  ? 87  LEU a N   1 
ATOM   128  C CA  . LEU A 1 87  ? -6.818  1.689   -9.000  1.00 75.02  ? 87  LEU a CA  1 
ATOM   129  C C   . LEU A 1 87  ? -7.925  2.288   -8.145  1.00 75.02  ? 87  LEU a C   1 
ATOM   130  O O   . LEU A 1 87  ? -7.683  3.186   -7.335  1.00 75.02  ? 87  LEU a O   1 
ATOM   131  C CB  . LEU A 1 87  ? -6.152  0.500   -8.294  1.00 75.02  ? 87  LEU a CB  1 
ATOM   132  C CG  . LEU A 1 87  ? -7.014  -0.552  -7.599  1.00 75.02  ? 87  LEU a CG  1 
ATOM   133  C CD1 . LEU A 1 87  ? -7.789  -1.375  -8.615  1.00 75.02  ? 87  LEU a CD1 1 
ATOM   134  C CD2 . LEU A 1 87  ? -6.147  -1.440  -6.730  1.00 75.02  ? 87  LEU a CD2 1 
ATOM   135  N N   . SER A 1 88  ? -9.147  1.786   -8.334  1.00 80.73  ? 88  SER a N   1 
ATOM   136  C CA  . SER A 1 88  ? -10.321 2.297   -7.636  1.00 80.73  ? 88  SER a CA  1 
ATOM   137  C C   . SER A 1 88  ? -11.093 1.154   -6.995  1.00 80.73  ? 88  SER a C   1 
ATOM   138  O O   . SER A 1 88  ? -11.225 0.076   -7.582  1.00 80.73  ? 88  SER a O   1 
ATOM   139  C CB  . SER A 1 88  ? -11.238 3.070   -8.587  1.00 80.73  ? 88  SER a CB  1 
ATOM   140  O OG  . SER A 1 88  ? -10.673 4.321   -8.936  1.00 80.73  ? 88  SER a OG  1 
ATOM   141  N N   . LEU A 1 89  ? -11.616 1.402   -5.796  1.00 84.99  ? 89  LEU a N   1 
ATOM   142  C CA  . LEU A 1 89  ? -12.342 0.402   -5.021  1.00 84.99  ? 89  LEU a CA  1 
ATOM   143  C C   . LEU A 1 89  ? -13.646 1.004   -4.509  1.00 84.99  ? 89  LEU a C   1 
ATOM   144  O O   . LEU A 1 89  ? -13.932 2.187   -4.709  1.00 84.99  ? 89  LEU a O   1 
ATOM   145  C CB  . LEU A 1 89  ? -11.491 -0.119  -3.857  1.00 84.99  ? 89  LEU a CB  1 
ATOM   146  C CG  . LEU A 1 89  ? -10.214 -0.861  -4.242  1.00 84.99  ? 89  LEU a CG  1 
ATOM   147  C CD1 . LEU A 1 89  ? -9.191  -0.765  -3.129  1.00 84.99  ? 89  LEU a CD1 1 
ATOM   148  C CD2 . LEU A 1 89  ? -10.526 -2.309  -4.564  1.00 84.99  ? 89  LEU a CD2 1 
ATOM   149  N N   . SER A 1 90  ? -14.436 0.176   -3.830  1.00 92.32  ? 90  SER a N   1 
ATOM   150  C CA  . SER A 1 90  ? -15.739 0.564   -3.314  1.00 92.32  ? 90  SER a CA  1 
ATOM   151  C C   . SER A 1 90  ? -15.735 0.571   -1.790  1.00 92.32  ? 90  SER a C   1 
ATOM   152  O O   . SER A 1 90  ? -14.783 0.124   -1.145  1.00 92.32  ? 90  SER a O   1 
ATOM   153  C CB  . SER A 1 90  ? -16.836 -0.379  -3.818  1.00 92.32  ? 90  SER a CB  1 
ATOM   154  O OG  . SER A 1 90  ? -17.084 -1.405  -2.874  1.00 92.32  ? 90  SER a OG  1 
ATOM   155  N N   . SER A 1 91  ? -16.829 1.083   -1.220  1.00 96.16  ? 91  SER a N   1 
ATOM   156  C CA  . SER A 1 91  ? -16.958 1.128   0.233   1.00 96.16  ? 91  SER a CA  1 
ATOM   157  C C   . SER A 1 91  ? -17.307 -0.240  0.800   1.00 96.16  ? 91  SER a C   1 
ATOM   158  O O   . SER A 1 91  ? -16.646 -0.715  1.729   1.00 96.16  ? 91  SER a O   1 
ATOM   159  C CB  . SER A 1 91  ? -18.014 2.154   0.633   1.00 96.16  ? 91  SER a CB  1 
ATOM   160  O OG  . SER A 1 91  ? -17.747 2.686   1.920   1.00 96.16  ? 91  SER a OG  1 
ATOM   161  N N   . PHE A 1 92  ? -18.340 -0.886  0.256   1.00 99.24  ? 92  PHE a N   1 
ATOM   162  C CA  . PHE A 1 92  ? -18.663 -2.281  0.560   1.00 99.24  ? 92  PHE a CA  1 
ATOM   163  C C   . PHE A 1 92  ? -18.943 -2.473  2.056   1.00 99.24  ? 92  PHE a C   1 
ATOM   164  O O   . PHE A 1 92  ? -18.148 -3.049  2.802   1.00 99.24  ? 92  PHE a O   1 
ATOM   165  C CB  . PHE A 1 92  ? -17.552 -3.213  0.065   1.00 99.24  ? 92  PHE a CB  1 
ATOM   166  C CG  . PHE A 1 92  ? -18.061 -4.497  -0.529  1.00 99.24  ? 92  PHE a CG  1 
ATOM   167  C CD1 . PHE A 1 92  ? -17.394 -5.691  -0.316  1.00 99.24  ? 92  PHE a CD1 1 
ATOM   168  C CD2 . PHE A 1 92  ? -19.209 -4.506  -1.304  1.00 99.24  ? 92  PHE a CD2 1 
ATOM   169  C CE1 . PHE A 1 92  ? -17.863 -6.871  -0.867  1.00 99.24  ? 92  PHE a CE1 1 
ATOM   170  C CE2 . PHE A 1 92  ? -19.682 -5.680  -1.855  1.00 99.24  ? 92  PHE a CE2 1 
ATOM   171  C CZ  . PHE A 1 92  ? -19.009 -6.865  -1.635  1.00 99.24  ? 92  PHE a CZ  1 
ATOM   172  N N   . ASN A 1 93  ? -20.090 -1.926  2.468   1.00 98.67  ? 93  ASN a N   1 
ATOM   173  C CA  . ASN A 1 93  ? -20.632 -2.033  3.824   1.00 98.67  ? 93  ASN a CA  1 
ATOM   174  C C   . ASN A 1 93  ? -19.914 -1.148  4.837   1.00 98.67  ? 93  ASN a C   1 
ATOM   175  O O   . ASN A 1 93  ? -19.690 -1.559  5.980   1.00 98.67  ? 93  ASN a O   1 
ATOM   176  C CB  . ASN A 1 93  ? -20.615 -3.489  4.300   1.00 98.67  ? 93  ASN a CB  1 
ATOM   177  C CG  . ASN A 1 93  ? -21.575 -3.742  5.446   1.00 98.67  ? 93  ASN a CG  1 
ATOM   178  O OD1 . ASN A 1 93  ? -22.287 -2.838  5.883   1.00 98.67  ? 93  ASN a OD1 1 
ATOM   179  N ND2 . ASN A 1 93  ? -21.595 -4.974  5.941   1.00 98.67  ? 93  ASN a ND2 1 
ATOM   180  N N   . GLY A 1 94  ? -19.545 0.066   4.430   1.00 95.24  ? 94  GLY a N   1 
ATOM   181  C CA  . GLY A 1 94  ? -19.164 1.107   5.360   1.00 95.24  ? 94  GLY a CA  1 
ATOM   182  C C   . GLY A 1 94  ? -17.679 1.252   5.614   1.00 95.24  ? 94  GLY a C   1 
ATOM   183  O O   . GLY A 1 94  ? -17.269 2.264   6.196   1.00 95.24  ? 94  GLY a O   1 
ATOM   184  N N   . LEU A 1 95  ? -16.865 0.285   5.203   1.00 90.95  ? 95  LEU a N   1 
ATOM   185  C CA  . LEU A 1 95  ? -15.429 0.375   5.422   1.00 90.95  ? 95  LEU a CA  1 
ATOM   186  C C   . LEU A 1 95  ? -14.716 -0.479  4.390   1.00 90.95  ? 95  LEU a C   1 
ATOM   187  O O   . LEU A 1 95  ? -15.240 -1.501  3.942   1.00 90.95  ? 95  LEU a O   1 
ATOM   188  C CB  . LEU A 1 95  ? -15.044 -0.061  6.842   1.00 90.95  ? 95  LEU a CB  1 
ATOM   189  C CG  . LEU A 1 95  ? -15.185 -1.540  7.215   1.00 90.95  ? 95  LEU a CG  1 
ATOM   190  C CD1 . LEU A 1 95  ? -14.234 -1.888  8.343   1.00 90.95  ? 95  LEU a CD1 1 
ATOM   191  C CD2 . LEU A 1 95  ? -16.614 -1.865  7.612   1.00 90.95  ? 95  LEU a CD2 1 
ATOM   192  N N   . GLY A 1 96  ? -13.512 -0.047  4.021   1.00 78.97  ? 96  GLY a N   1 
ATOM   193  C CA  . GLY A 1 96  ? -12.700 -0.777  3.070   1.00 78.97  ? 96  GLY a CA  1 
ATOM   194  C C   . GLY A 1 96  ? -11.383 -1.234  3.661   1.00 78.97  ? 96  GLY a C   1 
ATOM   195  O O   . GLY A 1 96  ? -10.678 -0.451  4.303   1.00 78.97  ? 96  GLY a O   1 
ATOM   196  N N   . VAL A 1 97  ? -11.039 -2.502  3.452   1.00 68.78  ? 97  VAL a N   1 
ATOM   197  C CA  . VAL A 1 97  ? -9.833  -3.101  4.005   1.00 68.78  ? 97  VAL a CA  1 
ATOM   198  C C   . VAL A 1 97  ? -9.015  -3.689  2.866   1.00 68.78  ? 97  VAL a C   1 
ATOM   199  O O   . VAL A 1 97  ? -9.565  -4.303  1.947   1.00 68.78  ? 97  VAL a O   1 
ATOM   200  C CB  . VAL A 1 97  ? -10.168 -4.179  5.056   1.00 68.78  ? 97  VAL a CB  1 
ATOM   201  C CG1 . VAL A 1 97  ? -8.907  -4.673  5.742   1.00 68.78  ? 97  VAL a CG1 1 
ATOM   202  C CG2 . VAL A 1 97  ? -11.150 -3.633  6.076   1.00 68.78  ? 97  VAL a CG2 1 
ATOM   203  N N   . ARG A 1 98  ? -7.700  -3.500  2.930   1.00 56.20  ? 98  ARG a N   1 
ATOM   204  C CA  . ARG A 1 98  ? -6.803  -3.980  1.886   1.00 56.20  ? 98  ARG a CA  1 
ATOM   205  C C   . ARG A 1 98  ? -5.464  -4.321  2.519   1.00 56.20  ? 98  ARG a C   1 
ATOM   206  O O   . ARG A 1 98  ? -4.790  -3.438  3.055   1.00 56.20  ? 98  ARG a O   1 
ATOM   207  C CB  . ARG A 1 98  ? -6.635  -2.925  0.792   1.00 56.20  ? 98  ARG a CB  1 
ATOM   208  C CG  . ARG A 1 98  ? -5.734  -3.342  -0.346  1.00 56.20  ? 98  ARG a CG  1 
ATOM   209  C CD  . ARG A 1 98  ? -6.523  -3.688  -1.592  1.00 56.20  ? 98  ARG a CD  1 
ATOM   210  N NE  . ARG A 1 98  ? -5.667  -3.711  -2.772  1.00 56.20  ? 98  ARG a NE  1 
ATOM   211  C CZ  . ARG A 1 98  ? -5.842  -4.523  -3.806  1.00 56.20  ? 98  ARG a CZ  1 
ATOM   212  N NH1 . ARG A 1 98  ? -6.847  -5.386  -3.807  1.00 56.20  ? 98  ARG a NH1 1 
ATOM   213  N NH2 . ARG A 1 98  ? -5.010  -4.477  -4.835  1.00 56.20  ? 98  ARG a NH2 1 
ATOM   214  N N   . PHE A 1 99  ? -5.080  -5.592  2.456   1.00 48.22  ? 99  PHE a N   1 
ATOM   215  C CA  . PHE A 1 99  ? -3.836  -6.045  3.060   1.00 48.22  ? 99  PHE a CA  1 
ATOM   216  C C   . PHE A 1 99  ? -2.631  -5.597  2.242   1.00 48.22  ? 99  PHE a C   1 
ATOM   217  O O   . PHE A 1 99  ? -2.681  -5.516  1.014   1.00 48.22  ? 99  PHE a O   1 
ATOM   218  C CB  . PHE A 1 99  ? -3.834  -7.565  3.195   1.00 48.22  ? 99  PHE a CB  1 
ATOM   219  C CG  . PHE A 1 99  ? -4.752  -8.078  4.261   1.00 48.22  ? 99  PHE a CG  1 
ATOM   220  C CD1 . PHE A 1 99  ? -4.316  -8.203  5.566   1.00 48.22  ? 99  PHE a CD1 1 
ATOM   221  C CD2 . PHE A 1 99  ? -6.052  -8.437  3.960   1.00 48.22  ? 99  PHE a CD2 1 
ATOM   222  C CE1 . PHE A 1 99  ? -5.157  -8.674  6.548   1.00 48.22  ? 99  PHE a CE1 1 
ATOM   223  C CE2 . PHE A 1 99  ? -6.898  -8.906  4.939   1.00 48.22  ? 99  PHE a CE2 1 
ATOM   224  C CZ  . PHE A 1 99  ? -6.449  -9.025  6.234   1.00 48.22  ? 99  PHE a CZ  1 
ATOM   225  N N   . LEU A 1 100 ? -1.533  -5.311  2.943   1.00 42.70  ? 100 LEU a N   1 
ATOM   226  C CA  . LEU A 1 100 ? -0.330  -4.823  2.282   1.00 42.70  ? 100 LEU a CA  1 
ATOM   227  C C   . LEU A 1 100 ? 0.298   -5.849  1.351   1.00 42.70  ? 100 LEU a C   1 
ATOM   228  O O   . LEU A 1 100 ? 1.110   -5.472  0.502   1.00 42.70  ? 100 LEU a O   1 
ATOM   229  C CB  . LEU A 1 100 ? 0.706   -4.379  3.317   1.00 42.70  ? 100 LEU a CB  1 
ATOM   230  C CG  . LEU A 1 100 ? 0.369   -3.185  4.207   1.00 42.70  ? 100 LEU a CG  1 
ATOM   231  C CD1 . LEU A 1 100 ? 1.633   -2.608  4.816   1.00 42.70  ? 100 LEU a CD1 1 
ATOM   232  C CD2 . LEU A 1 100 ? -0.378  -2.122  3.424   1.00 42.70  ? 100 LEU a CD2 1 
ATOM   233  N N   . TYR A 1 101 ? -0.041  -7.134  1.486   1.00 43.41  ? 101 TYR a N   1 
ATOM   234  C CA  . TYR A 1 101 ? 0.529   -8.119  0.576   1.00 43.41  ? 101 TYR a CA  1 
ATOM   235  C C   . TYR A 1 101 ? -0.205  -8.136  -0.758  1.00 43.41  ? 101 TYR a C   1 
ATOM   236  O O   . TYR A 1 101 ? 0.301   -8.697  -1.735  1.00 43.41  ? 101 TYR a O   1 
ATOM   237  C CB  . TYR A 1 101 ? 0.545   -9.510  1.224   1.00 43.41  ? 101 TYR a CB  1 
ATOM   238  C CG  . TYR A 1 101 ? -0.799  -10.169 1.450   1.00 43.41  ? 101 TYR a CG  1 
ATOM   239  C CD1 . TYR A 1 101 ? -1.507  -10.740 0.403   1.00 43.41  ? 101 TYR a CD1 1 
ATOM   240  C CD2 . TYR A 1 101 ? -1.344  -10.252 2.723   1.00 43.41  ? 101 TYR a CD2 1 
ATOM   241  C CE1 . TYR A 1 101 ? -2.724  -11.348 0.612   1.00 43.41  ? 101 TYR a CE1 1 
ATOM   242  C CE2 . TYR A 1 101 ? -2.557  -10.861 2.940   1.00 43.41  ? 101 TYR a CE2 1 
ATOM   243  C CZ  . TYR A 1 101 ? -3.243  -11.407 1.882   1.00 43.41  ? 101 TYR a CZ  1 
ATOM   244  O OH  . TYR A 1 101 ? -4.456  -12.015 2.097   1.00 43.41  ? 101 TYR a OH  1 
ATOM   245  N N   . SER A 1 102 ? -1.390  -7.528  -0.823  1.00 44.47  ? 102 SER a N   1 
ATOM   246  C CA  . SER A 1 102 ? -2.078  -7.386  -2.099  1.00 44.47  ? 102 SER a CA  1 
ATOM   247  C C   . SER A 1 102 ? -1.391  -6.350  -2.978  1.00 44.47  ? 102 SER a C   1 
ATOM   248  O O   . SER A 1 102 ? -1.385  -6.471  -4.207  1.00 44.47  ? 102 SER a O   1 
ATOM   249  C CB  . SER A 1 102 ? -3.538  -7.009  -1.866  1.00 44.47  ? 102 SER a CB  1 
ATOM   250  O OG  . SER A 1 102 ? -4.344  -8.162  -1.751  1.00 44.47  ? 102 SER a OG  1 
ATOM   251  N N   . PHE A 1 103 ? -0.809  -5.319  -2.366  1.00 44.05  ? 103 PHE a N   1 
ATOM   252  C CA  . PHE A 1 103 ? -0.059  -4.333  -3.131  1.00 44.05  ? 103 PHE a CA  1 
ATOM   253  C C   . PHE A 1 103 ? 1.290   -4.880  -3.569  1.00 44.05  ? 103 PHE a C   1 
ATOM   254  O O   . PHE A 1 103 ? 1.744   -4.604  -4.684  1.00 44.05  ? 103 PHE a O   1 
ATOM   255  C CB  . PHE A 1 103 ? 0.140   -3.063  -2.305  1.00 44.05  ? 103 PHE a CB  1 
ATOM   256  C CG  . PHE A 1 103 ? -1.118  -2.291  -2.061  1.00 44.05  ? 103 PHE a CG  1 
ATOM   257  C CD1 . PHE A 1 103 ? -1.721  -1.587  -3.085  1.00 44.05  ? 103 PHE a CD1 1 
ATOM   258  C CD2 . PHE A 1 103 ? -1.689  -2.256  -0.805  1.00 44.05  ? 103 PHE a CD2 1 
ATOM   259  C CE1 . PHE A 1 103 ? -2.876  -0.873  -2.863  1.00 44.05  ? 103 PHE a CE1 1 
ATOM   260  C CE2 . PHE A 1 103 ? -2.840  -1.539  -0.577  1.00 44.05  ? 103 PHE a CE2 1 
ATOM   261  C CZ  . PHE A 1 103 ? -3.436  -0.850  -1.609  1.00 44.05  ? 103 PHE a CZ  1 
ATOM   262  N N   . LEU A 1 104 ? 1.952   -5.649  -2.703  1.00 38.58  ? 104 LEU a N   1 
ATOM   263  C CA  . LEU A 1 104 ? 3.331   -6.043  -2.957  1.00 38.58  ? 104 LEU a CA  1 
ATOM   264  C C   . LEU A 1 104 ? 3.448   -7.113  -4.032  1.00 38.58  ? 104 LEU a C   1 
ATOM   265  O O   . LEU A 1 104 ? 4.520   -7.254  -4.627  1.00 38.58  ? 104 LEU a O   1 
ATOM   266  C CB  . LEU A 1 104 ? 3.989   -6.523  -1.665  1.00 38.58  ? 104 LEU a CB  1 
ATOM   267  C CG  . LEU A 1 104 ? 4.393   -5.434  -0.670  1.00 38.58  ? 104 LEU a CG  1 
ATOM   268  C CD1 . LEU A 1 104 ? 4.721   -6.027  0.686   1.00 38.58  ? 104 LEU a CD1 1 
ATOM   269  C CD2 . LEU A 1 104 ? 5.558   -4.623  -1.187  1.00 38.58  ? 104 LEU a CD2 1 
ATOM   270  N N   . LYS A 1 105 ? 2.382   -7.852  -4.309  1.00 43.03  ? 105 LYS a N   1 
ATOM   271  C CA  . LYS A 1 105 ? 2.423   -8.872  -5.347  1.00 43.03  ? 105 LYS a CA  1 
ATOM   272  C C   . LYS A 1 105 ? 2.161   -8.316  -6.741  1.00 43.03  ? 105 LYS a C   1 
ATOM   273  O O   . LYS A 1 105 ? 2.025   -9.099  -7.685  1.00 43.03  ? 105 LYS a O   1 
ATOM   274  C CB  . LYS A 1 105 ? 1.421   -9.985  -5.032  1.00 43.03  ? 105 LYS a CB  1 
ATOM   275  C CG  . LYS A 1 105 ? -0.014  -9.638  -5.358  1.00 43.03  ? 105 LYS a CG  1 
ATOM   276  C CD  . LYS A 1 105 ? -0.987  -10.519 -4.606  1.00 43.03  ? 105 LYS a CD  1 
ATOM   277  C CE  . LYS A 1 105 ? -0.593  -11.979 -4.682  1.00 43.03  ? 105 LYS a CE  1 
ATOM   278  N NZ  . LYS A 1 105 ? -1.389  -12.806 -3.735  1.00 43.03  ? 105 LYS a NZ  1 
ATOM   279  N N   . ASP A 1 106 ? 2.109   -6.990  -6.898  1.00 42.80  ? 106 ASP a N   1 
ATOM   280  C CA  . ASP A 1 106 ? 1.807   -6.370  -8.180  1.00 42.80  ? 106 ASP a CA  1 
ATOM   281  C C   . ASP A 1 106 ? 2.971   -5.615  -8.801  1.00 42.80  ? 106 ASP a C   1 
ATOM   282  O O   . ASP A 1 106 ? 2.925   -5.337  -10.000 1.00 42.80  ? 106 ASP a O   1 
ATOM   283  C CB  . ASP A 1 106 ? 0.623   -5.406  -8.041  1.00 42.80  ? 106 ASP a CB  1 
ATOM   284  C CG  . ASP A 1 106 ? -0.680  -6.125  -7.794  1.00 42.80  ? 106 ASP a CG  1 
ATOM   285  O OD1 . ASP A 1 106 ? -0.710  -7.363  -7.941  1.00 42.80  ? 106 ASP a OD1 1 
ATOM   286  O OD2 . ASP A 1 106 ? -1.675  -5.453  -7.455  1.00 42.80  ? 106 ASP a OD2 1 
ATOM   287  N N   . PHE A 1 107 ? 3.991   -5.256  -8.027  1.00 35.25  ? 107 PHE a N   1 
ATOM   288  C CA  . PHE A 1 107 ? 5.175   -4.644  -8.612  1.00 35.25  ? 107 PHE a CA  1 
ATOM   289  C C   . PHE A 1 107 ? 5.810   -5.603  -9.610  1.00 35.25  ? 107 PHE a C   1 
ATOM   290  O O   . PHE A 1 107 ? 5.938   -6.800  -9.346  1.00 35.25  ? 107 PHE a O   1 
ATOM   291  C CB  . PHE A 1 107 ? 6.171   -4.267  -7.517  1.00 35.25  ? 107 PHE a CB  1 
ATOM   292  C CG  . PHE A 1 107 ? 5.763   -3.063  -6.721  1.00 35.25  ? 107 PHE a CG  1 
ATOM   293  C CD1 . PHE A 1 107 ? 4.780   -3.156  -5.753  1.00 35.25  ? 107 PHE a CD1 1 
ATOM   294  C CD2 . PHE A 1 107 ? 6.360   -1.839  -6.942  1.00 35.25  ? 107 PHE a CD2 1 
ATOM   295  C CE1 . PHE A 1 107 ? 4.404   -2.048  -5.024  1.00 35.25  ? 107 PHE a CE1 1 
ATOM   296  C CE2 . PHE A 1 107 ? 5.989   -0.733  -6.218  1.00 35.25  ? 107 PHE a CE2 1 
ATOM   297  C CZ  . PHE A 1 107 ? 5.009   -0.834  -5.262  1.00 35.25  ? 107 PHE a CZ  1 
ATOM   298  N N   . ALA A 1 108 ? 6.191   -5.080  -10.777 1.00 33.88  ? 108 ALA a N   1 
ATOM   299  C CA  . ALA A 1 108 ? 6.545   -5.966  -11.876 1.00 33.88  ? 108 ALA a CA  1 
ATOM   300  C C   . ALA A 1 108 ? 7.743   -5.528  -12.707 1.00 33.88  ? 108 ALA a C   1 
ATOM   301  O O   . ALA A 1 108 ? 8.013   -6.160  -13.731 1.00 33.88  ? 108 ALA a O   1 
ATOM   302  C CB  . ALA A 1 108 ? 5.344   -6.157  -12.803 1.00 33.88  ? 108 ALA a CB  1 
ATOM   303  N N   . GLY A 1 109 ? 8.468   -4.478  -12.330 1.00 32.37  ? 109 GLY a N   1 
ATOM   304  C CA  . GLY A 1 109 ? 9.627   -4.096  -13.104 1.00 32.37  ? 109 GLY a CA  1 
ATOM   305  C C   . GLY A 1 109 ? 10.629  -5.226  -13.104 1.00 32.37  ? 109 GLY a C   1 
ATOM   306  O O   . GLY A 1 109 ? 10.795  -5.933  -14.097 1.00 32.37  ? 109 GLY a O   1 
ATOM   307  N N   . PRO A 1 110 ? 11.315  -5.418  -11.985 1.00 32.22  ? 110 PRO a N   1 
ATOM   308  C CA  . PRO A 1 110 ? 11.543  -6.780  -11.493 1.00 32.22  ? 110 PRO a CA  1 
ATOM   309  C C   . PRO A 1 110 ? 10.519  -7.107  -10.420 1.00 32.22  ? 110 PRO a C   1 
ATOM   310  O O   . PRO A 1 110 ? 10.084  -6.208  -9.697  1.00 32.22  ? 110 PRO a O   1 
ATOM   311  C CB  . PRO A 1 110 ? 12.969  -6.725  -10.938 1.00 32.22  ? 110 PRO a CB  1 
ATOM   312  C CG  . PRO A 1 110 ? 13.168  -5.319  -10.569 1.00 32.22  ? 110 PRO a CG  1 
ATOM   313  C CD  . PRO A 1 110 ? 12.339  -4.481  -11.498 1.00 32.22  ? 110 PRO a CD  1 
ATOM   314  N N   . ARG A 1 111 ? 10.110  -8.366  -10.303 1.00 33.63  ? 111 ARG a N   1 
ATOM   315  C CA  . ARG A 1 111 ? 9.232   -8.742  -9.208  1.00 33.63  ? 111 ARG a CA  1 
ATOM   316  C C   . ARG A 1 111 ? 10.016  -8.815  -7.900  1.00 33.63  ? 111 ARG a C   1 
ATOM   317  O O   . ARG A 1 111 ? 11.245  -8.766  -7.874  1.00 33.63  ? 111 ARG a O   1 
ATOM   318  C CB  . ARG A 1 111 ? 8.557   -10.080 -9.492  1.00 33.63  ? 111 ARG a CB  1 
ATOM   319  C CG  . ARG A 1 111 ? 7.928   -10.171 -10.856 1.00 33.63  ? 111 ARG a CG  1 
ATOM   320  C CD  . ARG A 1 111 ? 6.687   -11.026 -10.823 1.00 33.63  ? 111 ARG a CD  1 
ATOM   321  N NE  . ARG A 1 111 ? 5.492   -10.232 -10.568 1.00 33.63  ? 111 ARG a NE  1 
ATOM   322  C CZ  . ARG A 1 111 ? 4.503   -10.069 -11.438 1.00 33.63  ? 111 ARG a CZ  1 
ATOM   323  N NH1 . ARG A 1 111 ? 4.563   -10.648 -12.628 1.00 33.63  ? 111 ARG a NH1 1 
ATOM   324  N NH2 . ARG A 1 111 ? 3.452   -9.327  -11.120 1.00 33.63  ? 111 ARG a NH2 1 
ATOM   325  N N   . ILE A 1 112 ? 9.280   -8.924  -6.800  1.00 27.79  ? 112 ILE a N   1 
ATOM   326  C CA  . ILE A 1 112 ? 9.856   -9.052  -5.466  1.00 27.79  ? 112 ILE a CA  1 
ATOM   327  C C   . ILE A 1 112 ? 9.825   -10.522 -5.067  1.00 27.79  ? 112 ILE a C   1 
ATOM   328  O O   . ILE A 1 112 ? 8.813   -11.204 -5.257  1.00 27.79  ? 112 ILE a O   1 
ATOM   329  C CB  . ILE A 1 112 ? 9.105   -8.178  -4.446  1.00 27.79  ? 112 ILE a CB  1 
ATOM   330  C CG1 . ILE A 1 112 ? 8.833   -6.791  -5.034  1.00 27.79  ? 112 ILE a CG1 1 
ATOM   331  C CG2 . ILE A 1 112 ? 9.905   -8.037  -3.171  1.00 27.79  ? 112 ILE a CG2 1 
ATOM   332  C CD1 . ILE A 1 112 ? 7.991   -5.891  -4.166  1.00 27.79  ? 112 ILE a CD1 1 
ATOM   333  N N   . LEU A 1 113 ? 10.937  -11.011 -4.522  1.00 24.46  ? 113 LEU a N   1 
ATOM   334  C CA  . LEU A 1 113 ? 11.072  -12.389 -4.071  1.00 24.46  ? 113 LEU a CA  1 
ATOM   335  C C   . LEU A 1 113 ? 10.766  -12.498 -2.573  1.00 24.46  ? 113 LEU a C   1 
ATOM   336  O O   . LEU A 1 113 ? 10.605  -11.499 -1.872  1.00 24.46  ? 113 LEU a O   1 
ATOM   337  C CB  . LEU A 1 113 ? 12.477  -12.909 -4.383  1.00 24.46  ? 113 LEU a CB  1 
ATOM   338  C CG  . LEU A 1 113 ? 12.971  -12.794 -5.833  1.00 24.46  ? 113 LEU a CG  1 
ATOM   339  C CD1 . LEU A 1 113 ? 14.423  -13.197 -5.950  1.00 24.46  ? 113 LEU a CD1 1 
ATOM   340  C CD2 . LEU A 1 113 ? 12.125  -13.604 -6.796  1.00 24.46  ? 113 LEU a CD2 1 
ATOM   341  N N   . GLU A 1 114 ? 10.697  -13.740 -2.082  1.00 25.32  ? 114 GLU a N   1 
ATOM   342  C CA  . GLU A 1 114 ? 10.244  -13.982 -0.711  1.00 25.32  ? 114 GLU a CA  1 
ATOM   343  C C   . GLU A 1 114 ? 11.200  -13.402 0.324   1.00 25.32  ? 114 GLU a C   1 
ATOM   344  O O   . GLU A 1 114 ? 10.769  -12.962 1.394   1.00 25.32  ? 114 GLU a O   1 
ATOM   345  C CB  . GLU A 1 114 ? 10.082  -15.477 -0.460  1.00 25.32  ? 114 GLU a CB  1 
ATOM   346  C CG  . GLU A 1 114 ? 9.482   -16.238 -1.594  1.00 25.32  ? 114 GLU a CG  1 
ATOM   347  C CD  . GLU A 1 114 ? 8.010   -16.438 -1.419  1.00 25.32  ? 114 GLU a CD  1 
ATOM   348  O OE1 . GLU A 1 114 ? 7.379   -15.625 -0.718  1.00 25.32  ? 114 GLU a OE1 1 
ATOM   349  O OE2 . GLU A 1 114 ? 7.482   -17.415 -1.977  1.00 25.32  ? 114 GLU a OE2 1 
ATOM   350  N N   . GLU A 1 115 ? 12.493  -13.408 0.036   1.00 24.36  ? 115 GLU a N   1 
ATOM   351  C CA  . GLU A 1 115 ? 13.507  -13.017 1.001   1.00 24.36  ? 115 GLU a CA  1 
ATOM   352  C C   . GLU A 1 115 ? 14.023  -11.599 0.787   1.00 24.36  ? 115 GLU a C   1 
ATOM   353  O O   . GLU A 1 115 ? 15.037  -11.225 1.383   1.00 24.36  ? 115 GLU a O   1 
ATOM   354  C CB  . GLU A 1 115 ? 14.667  -14.016 0.962   1.00 24.36  ? 115 GLU a CB  1 
ATOM   355  C CG  . GLU A 1 115 ? 15.594  -13.874 -0.241  1.00 24.36  ? 115 GLU a CG  1 
ATOM   356  C CD  . GLU A 1 115 ? 15.024  -14.465 -1.525  1.00 24.36  ? 115 GLU a CD  1 
ATOM   357  O OE1 . GLU A 1 115 ? 15.691  -14.354 -2.570  1.00 24.36  ? 115 GLU a OE1 1 
ATOM   358  O OE2 . GLU A 1 115 ? 13.920  -15.039 -1.496  1.00 24.36  ? 115 GLU a OE2 1 
ATOM   359  N N   . ASP A 1 116 ? 13.346  -10.800 -0.035  1.00 24.79  ? 116 ASP a N   1 
ATOM   360  C CA  . ASP A 1 116 ? 13.772  -9.431  -0.300  1.00 24.79  ? 116 ASP a CA  1 
ATOM   361  C C   . ASP A 1 116 ? 13.306  -8.496  0.812   1.00 24.79  ? 116 ASP a C   1 
ATOM   362  O O   . ASP A 1 116 ? 12.124  -8.477  1.160   1.00 24.79  ? 116 ASP a O   1 
ATOM   363  C CB  . ASP A 1 116 ? 13.227  -8.959  -1.646  1.00 24.79  ? 116 ASP a CB  1 
ATOM   364  C CG  . ASP A 1 116 ? 14.073  -9.421  -2.818  1.00 24.79  ? 116 ASP a CG  1 
ATOM   365  O OD1 . ASP A 1 116 ? 15.286  -9.644  -2.635  1.00 24.79  ? 116 ASP a OD1 1 
ATOM   366  O OD2 . ASP A 1 116 ? 13.525  -9.552  -3.932  1.00 24.79  ? 116 ASP a OD2 1 
ATOM   367  N N   . LEU A 1 117 ? 14.236  -7.711  1.351   1.00 24.35  ? 117 LEU a N   1 
ATOM   368  C CA  . LEU A 1 117 ? 13.939  -6.777  2.431   1.00 24.35  ? 117 LEU a CA  1 
ATOM   369  C C   . LEU A 1 117 ? 13.203  -5.548  1.910   1.00 24.35  ? 117 LEU a C   1 
ATOM   370  O O   . LEU A 1 117 ? 13.604  -4.949  0.909   1.00 24.35  ? 117 LEU a O   1 
ATOM   371  C CB  . LEU A 1 117 ? 15.228  -6.344  3.126   1.00 24.35  ? 117 LEU a CB  1 
ATOM   372  C CG  . LEU A 1 117 ? 15.916  -7.307  4.088   1.00 24.35  ? 117 LEU a CG  1 
ATOM   373  C CD1 . LEU A 1 117 ? 17.199  -6.692  4.585   1.00 24.35  ? 117 LEU a CD1 1 
ATOM   374  C CD2 . LEU A 1 117 ? 15.017  -7.641  5.248   1.00 24.35  ? 117 LEU a CD2 1 
ATOM   375  N N   . ILE A 1 118 ? 12.140  -5.161  2.608   1.00 25.38  ? 118 ILE a N   1 
ATOM   376  C CA  . ILE A 1 118 ? 11.346  -3.979  2.285   1.00 25.38  ? 118 ILE a CA  1 
ATOM   377  C C   . ILE A 1 118 ? 11.555  -2.949  3.385   1.00 25.38  ? 118 ILE a C   1 
ATOM   378  O O   . ILE A 1 118 ? 11.465  -3.276  4.572   1.00 25.38  ? 118 ILE a O   1 
ATOM   379  C CB  . ILE A 1 118 ? 9.859   -4.337  2.131   1.00 25.38  ? 118 ILE a CB  1 
ATOM   380  C CG1 . ILE A 1 118 ? 9.669   -5.220  0.902   1.00 25.38  ? 118 ILE a CG1 1 
ATOM   381  C CG2 . ILE A 1 118 ? 9.015   -3.087  2.033   1.00 25.38  ? 118 ILE a CG2 1 
ATOM   382  C CD1 . ILE A 1 118 ? 8.484   -6.110  0.978   1.00 25.38  ? 118 ILE a CD1 1 
ATOM   383  N N   . TYR A 1 119 ? 11.824  -1.704  2.995   1.00 27.58  ? 119 TYR a N   1 
ATOM   384  C CA  . TYR A 1 119 ? 12.199  -0.662  3.945   1.00 27.58  ? 119 TYR a CA  1 
ATOM   385  C C   . TYR A 1 119 ? 11.087  0.344   4.225   1.00 27.58  ? 119 TYR a C   1 
ATOM   386  O O   . TYR A 1 119 ? 10.799  0.618   5.391   1.00 27.58  ? 119 TYR a O   1 
ATOM   387  C CB  . TYR A 1 119 ? 13.450  0.063   3.449   1.00 27.58  ? 119 TYR a CB  1 
ATOM   388  C CG  . TYR A 1 119 ? 14.692  -0.784  3.524   1.00 27.58  ? 119 TYR a CG  1 
ATOM   389  C CD1 . TYR A 1 119 ? 15.360  -0.961  4.724   1.00 27.58  ? 119 TYR a CD1 1 
ATOM   390  C CD2 . TYR A 1 119 ? 15.189  -1.421  2.398   1.00 27.58  ? 119 TYR a CD2 1 
ATOM   391  C CE1 . TYR A 1 119 ? 16.492  -1.738  4.800   1.00 27.58  ? 119 TYR a CE1 1 
ATOM   392  C CE2 . TYR A 1 119 ? 16.321  -2.201  2.464   1.00 27.58  ? 119 TYR a CE2 1 
ATOM   393  C CZ  . TYR A 1 119 ? 16.968  -2.355  3.668   1.00 27.58  ? 119 TYR a CZ  1 
ATOM   394  O OH  . TYR A 1 119 ? 18.096  -3.129  3.739   1.00 27.58  ? 119 TYR a OH  1 
ATOM   395  N N   . ARG A 1 120 ? 10.456  0.907   3.194   1.00 30.01  ? 120 ARG a N   1 
ATOM   396  C CA  . ARG A 1 120 ? 9.431   1.929   3.382   1.00 30.01  ? 120 ARG a CA  1 
ATOM   397  C C   . ARG A 1 120 ? 8.339   1.775   2.334   1.00 30.01  ? 120 ARG a C   1 
ATOM   398  O O   . ARG A 1 120 ? 8.468   1.012   1.378   1.00 30.01  ? 120 ARG a O   1 
ATOM   399  C CB  . ARG A 1 120 ? 10.017  3.342   3.302   1.00 30.01  ? 120 ARG a CB  1 
ATOM   400  C CG  . ARG A 1 120 ? 10.946  3.712   4.431   1.00 30.01  ? 120 ARG a CG  1 
ATOM   401  C CD  . ARG A 1 120 ? 11.244  5.189   4.422   1.00 30.01  ? 120 ARG a CD  1 
ATOM   402  N NE  . ARG A 1 120 ? 12.485  5.490   3.721   1.00 30.01  ? 120 ARG a NE  1 
ATOM   403  C CZ  . ARG A 1 120 ? 12.959  6.716   3.538   1.00 30.01  ? 120 ARG a CZ  1 
ATOM   404  N NH1 . ARG A 1 120 ? 14.097  6.899   2.885   1.00 30.01  ? 120 ARG a NH1 1 
ATOM   405  N NH2 . ARG A 1 120 ? 12.294  7.760   4.006   1.00 30.01  ? 120 ARG a NH2 1 
ATOM   406  N N   . MET A 1 121 ? 7.252   2.519   2.529   1.00 33.09  ? 121 MET a N   1 
ATOM   407  C CA  . MET A 1 121 ? 6.175   2.631   1.554   1.00 33.09  ? 121 MET a CA  1 
ATOM   408  C C   . MET A 1 121 ? 5.563   4.022   1.657   1.00 33.09  ? 121 MET a C   1 
ATOM   409  O O   . MET A 1 121 ? 5.534   4.615   2.736   1.00 33.09  ? 121 MET a O   1 
ATOM   410  C CB  . MET A 1 121 ? 5.097   1.564   1.765   1.00 33.09  ? 121 MET a CB  1 
ATOM   411  C CG  . MET A 1 121 ? 5.440   0.198   1.212   1.00 33.09  ? 121 MET a CG  1 
ATOM   412  S SD  . MET A 1 121 ? 4.256   -1.079  1.669   1.00 33.09  ? 121 MET a SD  1 
ATOM   413  C CE  . MET A 1 121 ? 3.243   -1.157  0.203   1.00 33.09  ? 121 MET a CE  1 
ATOM   414  N N   . VAL A 1 122 ? 5.072   4.538   0.527   1.00 35.65  ? 122 VAL a N   1 
ATOM   415  C CA  . VAL A 1 122 ? 4.431   5.850   0.454   1.00 35.65  ? 122 VAL a CA  1 
ATOM   416  C C   . VAL A 1 122 ? 3.137   5.713   -0.339  1.00 35.65  ? 122 VAL a C   1 
ATOM   417  O O   . VAL A 1 122 ? 3.112   5.047   -1.377  1.00 35.65  ? 122 VAL a O   1 
ATOM   418  C CB  . VAL A 1 122 ? 5.353   6.904   -0.190  1.00 35.65  ? 122 VAL a CB  1 
ATOM   419  C CG1 . VAL A 1 122 ? 4.599   8.185   -0.457  1.00 35.65  ? 122 VAL a CG1 1 
ATOM   420  C CG2 . VAL A 1 122 ? 6.548   7.185   0.695   1.00 35.65  ? 122 VAL a CG2 1 
ATOM   421  N N   . PHE A 1 123 ? 2.067   6.341   0.146   1.00 43.46  ? 123 PHE a N   1 
ATOM   422  C CA  . PHE A 1 123 ? 0.738   6.213   -0.439  1.00 43.46  ? 123 PHE a CA  1 
ATOM   423  C C   . PHE A 1 123 ? 0.172   7.578   -0.824  1.00 43.46  ? 123 PHE a C   1 
ATOM   424  O O   . PHE A 1 123 ? 0.706   8.628   -0.458  1.00 43.46  ? 123 PHE a O   1 
ATOM   425  C CB  . PHE A 1 123 ? -0.222  5.511   0.528   1.00 43.46  ? 123 PHE a CB  1 
ATOM   426  C CG  . PHE A 1 123 ? 0.021   4.038   0.664   1.00 43.46  ? 123 PHE a CG  1 
ATOM   427  C CD1 . PHE A 1 123 ? 1.056   3.563   1.449   1.00 43.46  ? 123 PHE a CD1 1 
ATOM   428  C CD2 . PHE A 1 123 ? -0.787  3.129   0.014   1.00 43.46  ? 123 PHE a CD2 1 
ATOM   429  C CE1 . PHE A 1 123 ? 1.280   2.213   1.575   1.00 43.46  ? 123 PHE a CE1 1 
ATOM   430  C CE2 . PHE A 1 123 ? -0.566  1.776   0.138   1.00 43.46  ? 123 PHE a CE2 1 
ATOM   431  C CZ  . PHE A 1 123 ? 0.468   1.320   0.919   1.00 43.46  ? 123 PHE a CZ  1 
ATOM   432  N N   . SER A 1 124 ? -0.929  7.544   -1.577  1.00 55.70  ? 124 SER a N   1 
ATOM   433  C CA  . SER A 1 124 ? -1.662  8.745   -1.973  1.00 55.70  ? 124 SER a CA  1 
ATOM   434  C C   . SER A 1 124 ? -3.061  8.339   -2.410  1.00 55.70  ? 124 SER a C   1 
ATOM   435  O O   . SER A 1 124 ? -3.213  7.648   -3.420  1.00 55.70  ? 124 SER a O   1 
ATOM   436  C CB  . SER A 1 124 ? -0.949  9.483   -3.102  1.00 55.70  ? 124 SER a CB  1 
ATOM   437  O OG  . SER A 1 124 ? 0.075   10.313  -2.594  1.00 55.70  ? 124 SER a OG  1 
ATOM   438  N N   . ILE A 1 125 ? -4.078  8.775   -1.666  1.00 65.45  ? 125 ILE a N   1 
ATOM   439  C CA  . ILE A 1 125 ? -5.454  8.366   -1.911  1.00 65.45  ? 125 ILE a CA  1 
ATOM   440  C C   . ILE A 1 125 ? -6.337  9.600   -2.048  1.00 65.45  ? 125 ILE a C   1 
ATOM   441  O O   . ILE A 1 125 ? -6.061  10.654  -1.468  1.00 65.45  ? 125 ILE a O   1 
ATOM   442  C CB  . ILE A 1 125 ? -5.986  7.442   -0.788  1.00 65.45  ? 125 ILE a CB  1 
ATOM   443  C CG1 . ILE A 1 125 ? -4.958  6.366   -0.443  1.00 65.45  ? 125 ILE a CG1 1 
ATOM   444  C CG2 . ILE A 1 125 ? -7.283  6.774   -1.204  1.00 65.45  ? 125 ILE a CG2 1 
ATOM   445  C CD1 . ILE A 1 125 ? -4.391  6.478   0.943   1.00 65.45  ? 125 ILE a CD1 1 
ATOM   446  N N   . THR A 1 126 ? -7.403  9.462   -2.831  1.00 74.17  ? 126 THR a N   1 
ATOM   447  C CA  . THR A 1 126 ? -8.424  10.498  -2.977  1.00 74.17  ? 126 THR a CA  1 
ATOM   448  C C   . THR A 1 126 ? -9.789  9.878   -2.711  1.00 74.17  ? 126 THR a C   1 
ATOM   449  O O   . THR A 1 126 ? -10.287 9.106   -3.555  1.00 74.17  ? 126 THR a O   1 
ATOM   450  C CB  . THR A 1 126 ? -8.383  11.126  -4.367  1.00 74.17  ? 126 THR a CB  1 
ATOM   451  O OG1 . THR A 1 126 ? -7.066  11.621  -4.633  1.00 74.17  ? 126 THR a OG1 1 
ATOM   452  C CG2 . THR A 1 126 ? -9.373  12.272  -4.464  1.00 74.17  ? 126 THR a CG2 1 
ATOM   453  N N   . PRO A 1 127 ? -10.425 10.173  -1.576  1.00 81.87  ? 127 PRO a N   1 
ATOM   454  C CA  . PRO A 1 127 ? -11.734 9.577   -1.285  1.00 81.87  ? 127 PRO a CA  1 
ATOM   455  C C   . PRO A 1 127 ? -12.891 10.401  -1.826  1.00 81.87  ? 127 PRO a C   1 
ATOM   456  O O   . PRO A 1 127 ? -12.682 11.416  -2.496  1.00 81.87  ? 127 PRO a O   1 
ATOM   457  C CB  . PRO A 1 127 ? -11.758 9.525   0.246   1.00 81.87  ? 127 PRO a CB  1 
ATOM   458  C CG  . PRO A 1 127 ? -10.776 10.586  0.691   1.00 81.87  ? 127 PRO a CG  1 
ATOM   459  C CD  . PRO A 1 127 ? -9.972  11.053  -0.489  1.00 81.87  ? 127 PRO a CD  1 
ATOM   460  N N   . SER A 1 128 ? -14.121 9.970   -1.541  1.00 91.17  ? 128 SER a N   1 
ATOM   461  C CA  . SER A 1 128 ? -15.318 10.701  -1.943  1.00 91.17  ? 128 SER a CA  1 
ATOM   462  C C   . SER A 1 128 ? -16.245 10.976  -0.763  1.00 91.17  ? 128 SER a C   1 
ATOM   463  O O   . SER A 1 128 ? -17.436 11.236  -0.962  1.00 91.17  ? 128 SER a O   1 
ATOM   464  C CB  . SER A 1 128 ? -16.067 9.942   -3.039  1.00 91.17  ? 128 SER a CB  1 
ATOM   465  O OG  . SER A 1 128 ? -16.974 9.008   -2.482  1.00 91.17  ? 128 SER a OG  1 
ATOM   466  N N   . TYR A 1 129 ? -15.728 10.915  0.458   1.00 94.37  ? 129 TYR a N   1 
ATOM   467  C CA  . TYR A 1 129 ? -16.501 11.216  1.656   1.00 94.37  ? 129 TYR a CA  1 
ATOM   468  C C   . TYR A 1 129 ? -15.521 11.614  2.756   1.00 94.37  ? 129 TYR a C   1 
ATOM   469  O O   . TYR A 1 129 ? -14.347 11.890  2.486   1.00 94.37  ? 129 TYR a O   1 
ATOM   470  C CB  . TYR A 1 129 ? -17.391 10.022  2.040   1.00 94.37  ? 129 TYR a CB  1 
ATOM   471  C CG  . TYR A 1 129 ? -18.766 10.429  2.509   1.00 94.37  ? 129 TYR a CG  1 
ATOM   472  C CD1 . TYR A 1 129 ? -19.817 10.555  1.611   1.00 94.37  ? 129 TYR a CD1 1 
ATOM   473  C CD2 . TYR A 1 129 ? -19.011 10.696  3.847   1.00 94.37  ? 129 TYR a CD2 1 
ATOM   474  C CE1 . TYR A 1 129 ? -21.077 10.934  2.035   1.00 94.37  ? 129 TYR a CE1 1 
ATOM   475  C CE2 . TYR A 1 129 ? -20.268 11.076  4.280   1.00 94.37  ? 129 TYR a CE2 1 
ATOM   476  C CZ  . TYR A 1 129 ? -21.296 11.191  3.370   1.00 94.37  ? 129 TYR a CZ  1 
ATOM   477  O OH  . TYR A 1 129 ? -22.546 11.567  3.798   1.00 94.37  ? 129 TYR a OH  1 
ATOM   478  N N   . ALA A 1 130 ? -15.996 11.653  3.996   1.00 90.43  ? 130 ALA a N   1 
ATOM   479  C CA  . ALA A 1 130 ? -15.159 11.968  5.142   1.00 90.43  ? 130 ALA a CA  1 
ATOM   480  C C   . ALA A 1 130 ? -15.088 10.769  6.077   1.00 90.43  ? 130 ALA a C   1 
ATOM   481  O O   . ALA A 1 130 ? -16.003 9.942   6.126   1.00 90.43  ? 130 ALA a O   1 
ATOM   482  C CB  . ALA A 1 130 ? -15.690 13.191  5.896   1.00 90.43  ? 130 ALA a CB  1 
ATOM   483  N N   . GLY A 1 131 ? -13.990 10.677  6.817   1.00 81.18  ? 131 GLY a N   1 
ATOM   484  C CA  . GLY A 1 131 ? -13.821 9.575   7.740   1.00 81.18  ? 131 GLY a CA  1 
ATOM   485  C C   . GLY A 1 131 ? -12.423 9.535   8.308   1.00 81.18  ? 131 GLY a C   1 
ATOM   486  O O   . GLY A 1 131 ? -11.731 10.553  8.364   1.00 81.18  ? 131 GLY a O   1 
ATOM   487  N N   . THR A 1 132 ? -12.010 8.340   8.730   1.00 76.65  ? 132 THR a N   1 
ATOM   488  C CA  . THR A 1 132 ? -10.719 8.129   9.369   1.00 76.65  ? 132 THR a CA  1 
ATOM   489  C C   . THR A 1 132 ? -10.018 6.921   8.758   1.00 76.65  ? 132 THR a C   1 
ATOM   490  O O   . THR A 1 132 ? -10.651 6.041   8.169   1.00 76.65  ? 132 THR a O   1 
ATOM   491  C CB  . THR A 1 132 ? -10.865 7.921   10.882  1.00 76.65  ? 132 THR a CB  1 
ATOM   492  O OG1 . THR A 1 132 ? -11.757 6.828   11.130  1.00 76.65  ? 132 THR a OG1 1 
ATOM   493  C CG2 . THR A 1 132 ? -11.409 9.171   11.547  1.00 76.65  ? 132 THR a CG2 1 
ATOM   494  N N   . PHE A 1 133 ? -8.695  6.887   8.915   1.00 64.28  ? 133 PHE a N   1 
ATOM   495  C CA  . PHE A 1 133 ? -7.870  5.792   8.428   1.00 64.28  ? 133 PHE a CA  1 
ATOM   496  C C   . PHE A 1 133 ? -6.892  5.356   9.511   1.00 64.28  ? 133 PHE a C   1 
ATOM   497  O O   . PHE A 1 133 ? -6.468  6.159   10.346  1.00 64.28  ? 133 PHE a O   1 
ATOM   498  C CB  . PHE A 1 133 ? -7.103  6.186   7.149   1.00 64.28  ? 133 PHE a CB  1 
ATOM   499  C CG  . PHE A 1 133 ? -5.870  7.008   7.400   1.00 64.28  ? 133 PHE a CG  1 
ATOM   500  C CD1 . PHE A 1 133 ? -5.958  8.377   7.569   1.00 64.28  ? 133 PHE a CD1 1 
ATOM   501  C CD2 . PHE A 1 133 ? -4.621  6.414   7.449   1.00 64.28  ? 133 PHE a CD2 1 
ATOM   502  C CE1 . PHE A 1 133 ? -4.829  9.132   7.796   1.00 64.28  ? 133 PHE a CE1 1 
ATOM   503  C CE2 . PHE A 1 133 ? -3.492  7.166   7.677   1.00 64.28  ? 133 PHE a CE2 1 
ATOM   504  C CZ  . PHE A 1 133 ? -3.596  8.525   7.849   1.00 64.28  ? 133 PHE a CZ  1 
ATOM   505  N N   . CYS A 1 134 ? -6.537  4.072   9.488   1.00 65.25  ? 134 CYS a N   1 
ATOM   506  C CA  . CYS A 1 134 ? -5.563  3.533   10.428  1.00 65.25  ? 134 CYS a CA  1 
ATOM   507  C C   . CYS A 1 134 ? -4.989  2.238   9.875   1.00 65.25  ? 134 CYS a C   1 
ATOM   508  O O   . CYS A 1 134 ? -5.540  1.634   8.952   1.00 65.25  ? 134 CYS a O   1 
ATOM   509  C CB  . CYS A 1 134 ? -6.183  3.293   11.809  1.00 65.25  ? 134 CYS a CB  1 
ATOM   510  S SG  . CYS A 1 134 ? -7.474  2.033   11.851  1.00 65.25  ? 134 CYS a SG  1 
ATOM   511  N N   . LEU A 1 135 ? -3.868  1.822   10.460  1.00 60.87  ? 135 LEU a N   1 
ATOM   512  C CA  . LEU A 1 135 ? -3.208  0.559   10.151  1.00 60.87  ? 135 LEU a CA  1 
ATOM   513  C C   . LEU A 1 135 ? -3.427  -0.390  11.320  1.00 60.87  ? 135 LEU a C   1 
ATOM   514  O O   . LEU A 1 135 ? -3.022  -0.088  12.445  1.00 60.87  ? 135 LEU a O   1 
ATOM   515  C CB  . LEU A 1 135 ? -1.712  0.764   9.910   1.00 60.87  ? 135 LEU a CB  1 
ATOM   516  C CG  . LEU A 1 135 ? -1.206  1.225   8.542   1.00 60.87  ? 135 LEU a CG  1 
ATOM   517  C CD1 . LEU A 1 135 ? -1.810  0.392   7.426   1.00 60.87  ? 135 LEU a CD1 1 
ATOM   518  C CD2 . LEU A 1 135 ? -1.480  2.701   8.327   1.00 60.87  ? 135 LEU a CD2 1 
ATOM   519  N N   . THR A 1 136 ? -4.051  -1.533  11.058  1.00 66.51  ? 136 THR a N   1 
ATOM   520  C CA  . THR A 1 136 ? -4.381  -2.480  12.112  1.00 66.51  ? 136 THR a CA  1 
ATOM   521  C C   . THR A 1 136 ? -4.006  -3.895  11.697  1.00 66.51  ? 136 THR a C   1 
ATOM   522  O O   . THR A 1 136 ? -3.978  -4.229  10.511  1.00 66.51  ? 136 THR a O   1 
ATOM   523  C CB  . THR A 1 136 ? -5.870  -2.427  12.472  1.00 66.51  ? 136 THR a CB  1 
ATOM   524  O OG1 . THR A 1 136 ? -6.143  -3.363  13.520  1.00 66.51  ? 136 THR a OG1 1 
ATOM   525  C CG2 . THR A 1 136 ? -6.719  -2.778  11.272  1.00 66.51  ? 136 THR a CG2 1 
ATOM   526  N N   . ASP A 1 137 ? -3.717  -4.725  12.695  1.00 71.64  ? 137 ASP a N   1 
ATOM   527  C CA  . ASP A 1 137 ? -3.347  -6.116  12.476  1.00 71.64  ? 137 ASP a CA  1 
ATOM   528  C C   . ASP A 1 137 ? -4.524  -7.069  12.627  1.00 71.64  ? 137 ASP a C   1 
ATOM   529  O O   . ASP A 1 137 ? -4.571  -8.092  11.939  1.00 71.64  ? 137 ASP a O   1 
ATOM   530  C CB  . ASP A 1 137 ? -2.230  -6.513  13.449  1.00 71.64  ? 137 ASP a CB  1 
ATOM   531  C CG  . ASP A 1 137 ? -1.473  -7.752  13.012  1.00 71.64  ? 137 ASP a CG  1 
ATOM   532  O OD1 . ASP A 1 137 ? -0.226  -7.728  13.060  1.00 71.64  ? 137 ASP a OD1 1 
ATOM   533  O OD2 . ASP A 1 137 ? -2.110  -8.759  12.646  1.00 71.64  ? 137 ASP a OD2 1 
ATOM   534  N N   . ASP A 1 138 ? -5.481  -6.749  13.491  1.00 81.66  ? 138 ASP a N   1 
ATOM   535  C CA  . ASP A 1 138 ? -6.662  -7.577  13.695  1.00 81.66  ? 138 ASP a CA  1 
ATOM   536  C C   . ASP A 1 138 ? -7.761  -7.135  12.740  1.00 81.66  ? 138 ASP a C   1 
ATOM   537  O O   . ASP A 1 138 ? -8.169  -5.970  12.755  1.00 81.66  ? 138 ASP a O   1 
ATOM   538  C CB  . ASP A 1 138 ? -7.142  -7.486  15.142  1.00 81.66  ? 138 ASP a CB  1 
ATOM   539  C CG  . ASP A 1 138 ? -8.200  -8.521  15.472  1.00 81.66  ? 138 ASP a CG  1 
ATOM   540  O OD1 . ASP A 1 138 ? -9.390  -8.275  15.183  1.00 81.66  ? 138 ASP a OD1 1 
ATOM   541  O OD2 . ASP A 1 138 ? -7.842  -9.585  16.019  1.00 81.66  ? 138 ASP a OD2 1 
ATOM   542  N N   . VAL A 1 139 ? -8.237  -8.063  11.913  1.00 84.79  ? 139 VAL a N   1 
ATOM   543  C CA  . VAL A 1 139 ? -9.324  -7.801  10.976  1.00 84.79  ? 139 VAL a CA  1 
ATOM   544  C C   . VAL A 1 139 ? -10.276 -8.987  11.026  1.00 84.79  ? 139 VAL a C   1 
ATOM   545  O O   . VAL A 1 139 ? -9.873  -10.120 10.744  1.00 84.79  ? 139 VAL a O   1 
ATOM   546  C CB  . VAL A 1 139 ? -8.822  -7.577  9.539   1.00 84.79  ? 139 VAL a CB  1 
ATOM   547  C CG1 . VAL A 1 139 ? -9.985  -7.603  8.564   1.00 84.79  ? 139 VAL a CG1 1 
ATOM   548  C CG2 . VAL A 1 139 ? -8.070  -6.261  9.435   1.00 84.79  ? 139 VAL a CG2 1 
ATOM   549  N N   . THR A 1 140 ? -11.528 -8.733  11.386  1.00 93.93  ? 140 THR a N   1 
ATOM   550  C CA  . THR A 1 140 ? -12.535 -9.776  11.533  1.00 93.93  ? 140 THR a CA  1 
ATOM   551  C C   . THR A 1 140 ? -13.359 -9.866  10.255  1.00 93.93  ? 140 THR a C   1 
ATOM   552  O O   . THR A 1 140 ? -13.955 -8.873  9.826   1.00 93.93  ? 140 THR a O   1 
ATOM   553  C CB  . THR A 1 140 ? -13.436 -9.497  12.736  1.00 93.93  ? 140 THR a CB  1 
ATOM   554  O OG1 . THR A 1 140 ? -12.674 -9.615  13.943  1.00 93.93  ? 140 THR a OG1 1 
ATOM   555  C CG2 . THR A 1 140 ? -14.595 -10.480 12.778  1.00 93.93  ? 140 THR a CG2 1 
ATOM   556  N N   . THR A 1 141 ? -13.387 -11.050 9.649   1.00 101.95 ? 141 THR a N   1 
ATOM   557  C CA  . THR A 1 141 ? -14.202 -11.287 8.468   1.00 101.95 ? 141 THR a CA  1 
ATOM   558  C C   . THR A 1 141 ? -14.510 -12.774 8.376   1.00 101.95 ? 141 THR a C   1 
ATOM   559  O O   . THR A 1 141 ? -13.743 -13.611 8.860   1.00 101.95 ? 141 THR a O   1 
ATOM   560  C CB  . THR A 1 141 ? -13.513 -10.802 7.186   1.00 101.95 ? 141 THR a CB  1 
ATOM   561  O OG1 . THR A 1 141 ? -14.377 -11.028 6.067   1.00 101.95 ? 141 THR a OG1 1 
ATOM   562  C CG2 . THR A 1 141 ? -12.198 -11.539 6.968   1.00 101.95 ? 141 THR a CG2 1 
ATOM   563  N N   . GLU A 1 142 ? -15.644 -13.093 7.755   1.00 107.68 ? 142 GLU a N   1 
ATOM   564  C CA  . GLU A 1 142 ? -16.125 -14.469 7.721   1.00 107.68 ? 142 GLU a CA  1 
ATOM   565  C C   . GLU A 1 142 ? -16.506 -14.907 6.312   1.00 107.68 ? 142 GLU a C   1 
ATOM   566  O O   . GLU A 1 142 ? -16.478 -16.103 6.002   1.00 107.68 ? 142 GLU a O   1 
ATOM   567  C CB  . GLU A 1 142 ? -17.313 -14.634 8.678   1.00 107.68 ? 142 GLU a CB  1 
ATOM   568  C CG  . GLU A 1 142 ? -18.591 -13.902 8.269   1.00 107.68 ? 142 GLU a CG  1 
ATOM   569  C CD  . GLU A 1 142 ? -18.445 -12.387 8.250   1.00 107.68 ? 142 GLU a CD  1 
ATOM   570  O OE1 . GLU A 1 142 ? -17.482 -11.868 8.854   1.00 107.68 ? 142 GLU a OE1 1 
ATOM   571  O OE2 . GLU A 1 142 ? -19.291 -11.712 7.629   1.00 107.68 ? 142 GLU a OE2 1 
ATOM   572  N N   . ASP A 1 143 ? -16.866 -13.956 5.451   1.00 108.44 ? 143 ASP a N   1 
ATOM   573  C CA  . ASP A 1 143 ? -17.140 -14.267 4.049   1.00 108.44 ? 143 ASP a CA  1 
ATOM   574  C C   . ASP A 1 143 ? -17.041 -12.974 3.250   1.00 108.44 ? 143 ASP a C   1 
ATOM   575  O O   . ASP A 1 143 ? -17.810 -12.039 3.492   1.00 108.44 ? 143 ASP a O   1 
ATOM   576  C CB  . ASP A 1 143 ? -18.512 -14.922 3.884   1.00 108.44 ? 143 ASP a CB  1 
ATOM   577  C CG  . ASP A 1 143 ? -19.643 -14.076 4.444   1.00 108.44 ? 143 ASP a CG  1 
ATOM   578  O OD1 . ASP A 1 143 ? -19.383 -13.249 5.340   1.00 108.44 ? 143 ASP a OD1 1 
ATOM   579  O OD2 . ASP A 1 143 ? -20.793 -14.236 3.986   1.00 108.44 ? 143 ASP a OD2 1 
ATOM   580  N N   . GLY A 1 144 ? -16.097 -12.917 2.312   1.00 104.78 ? 144 GLY a N   1 
ATOM   581  C CA  . GLY A 1 144 ? -15.995 -11.744 1.466   1.00 104.78 ? 144 GLY a CA  1 
ATOM   582  C C   . GLY A 1 144 ? -15.711 -10.481 2.249   1.00 104.78 ? 144 GLY a C   1 
ATOM   583  O O   . GLY A 1 144 ? -14.576 -10.230 2.663   1.00 104.78 ? 144 GLY a O   1 
ATOM   584  N N   . ARG A 1 145 ? -16.754 -9.667  2.412   1.00 102.59 ? 145 ARG a N   1 
ATOM   585  C CA  . ARG A 1 145 ? -16.697 -8.413  3.153   1.00 102.59 ? 145 ARG a CA  1 
ATOM   586  C C   . ARG A 1 145 ? -15.883 -8.541  4.433   1.00 102.59 ? 145 ARG a C   1 
ATOM   587  O O   . ARG A 1 145 ? -15.957 -9.549  5.138   1.00 102.59 ? 145 ARG a O   1 
ATOM   588  C CB  . ARG A 1 145 ? -18.120 -7.975  3.510   1.00 102.59 ? 145 ARG a CB  1 
ATOM   589  C CG  . ARG A 1 145 ? -19.025 -7.688  2.326   1.00 102.59 ? 145 ARG a CG  1 
ATOM   590  C CD  . ARG A 1 145 ? -20.123 -6.717  2.713   1.00 102.59 ? 145 ARG a CD  1 
ATOM   591  N NE  . ARG A 1 145 ? -20.594 -5.924  1.583   1.00 102.59 ? 145 ARG a NE  1 
ATOM   592  C CZ  . ARG A 1 145 ? -21.774 -5.314  1.546   1.00 102.59 ? 145 ARG a CZ  1 
ATOM   593  N NH1 . ARG A 1 145 ? -22.602 -5.412  2.575   1.00 102.59 ? 145 ARG a NH1 1 
ATOM   594  N NH2 . ARG A 1 145 ? -22.128 -4.611  0.479   1.00 102.59 ? 145 ARG a NH2 1 
ATOM   595  N N   . ALA A 1 146 ? -15.095 -7.510  4.719   1.00 97.21  ? 146 ALA a N   1 
ATOM   596  C CA  . ALA A 1 146 ? -14.515 -7.325  6.041   1.00 97.21  ? 146 ALA a CA  1 
ATOM   597  C C   . ALA A 1 146 ? -15.461 -6.459  6.860   1.00 97.21  ? 146 ALA a C   1 
ATOM   598  O O   . ALA A 1 146 ? -15.811 -5.350  6.443   1.00 97.21  ? 146 ALA a O   1 
ATOM   599  C CB  . ALA A 1 146 ? -13.133 -6.681  5.949   1.00 97.21  ? 146 ALA a CB  1 
ATOM   600  N N   . VAL A 1 147 ? -15.873 -6.962  8.019   1.00 96.12  ? 147 VAL a N   1 
ATOM   601  C CA  . VAL A 1 147 ? -16.978 -6.375  8.763   1.00 96.12  ? 147 VAL a CA  1 
ATOM   602  C C   . VAL A 1 147 ? -16.497 -5.511  9.923   1.00 96.12  ? 147 VAL a C   1 
ATOM   603  O O   . VAL A 1 147 ? -17.125 -4.503  10.244  1.00 96.12  ? 147 VAL a O   1 
ATOM   604  C CB  . VAL A 1 147 ? -17.936 -7.481  9.252   1.00 96.12  ? 147 VAL a CB  1 
ATOM   605  C CG1 . VAL A 1 147 ? -18.912 -7.853  8.149   1.00 96.12  ? 147 VAL a CG1 1 
ATOM   606  C CG2 . VAL A 1 147 ? -17.151 -8.696  9.701   1.00 96.12  ? 147 VAL a CG2 1 
ATOM   607  N N   . ALA A 1 148 ? -15.393 -5.882  10.567  1.00 91.49  ? 148 ALA a N   1 
ATOM   608  C CA  . ALA A 1 148 ? -14.920 -5.125  11.716  1.00 91.49  ? 148 ALA a CA  1 
ATOM   609  C C   . ALA A 1 148 ? -13.419 -5.314  11.870  1.00 91.49  ? 148 ALA a C   1 
ATOM   610  O O   . ALA A 1 148 ? -12.845 -6.301  11.405  1.00 91.49  ? 148 ALA a O   1 
ATOM   611  C CB  . ALA A 1 148 ? -15.643 -5.542  13.001  1.00 91.49  ? 148 ALA a CB  1 
ATOM   612  N N   . HIS A 1 149 ? -12.792 -4.348  12.537  1.00 84.68  ? 149 HIS a N   1 
ATOM   613  C CA  . HIS A 1 149 ? -11.359 -4.373  12.787  1.00 84.68  ? 149 HIS a CA  1 
ATOM   614  C C   . HIS A 1 149 ? -11.097 -3.932  14.219  1.00 84.68  ? 149 HIS a C   1 
ATOM   615  O O   . HIS A 1 149 ? -12.011 -3.547  14.951  1.00 84.68  ? 149 HIS a O   1 
ATOM   616  C CB  . HIS A 1 149 ? -10.600 -3.486  11.793  1.00 84.68  ? 149 HIS a CB  1 
ATOM   617  C CG  . HIS A 1 149 ? -10.879 -2.025  11.950  1.00 84.68  ? 149 HIS a CG  1 
ATOM   618  N ND1 . HIS A 1 149 ? -11.876 -1.381  11.249  1.00 84.68  ? 149 HIS a ND1 1 
ATOM   619  C CD2 . HIS A 1 149 ? -10.289 -1.081  12.719  1.00 84.68  ? 149 HIS a CD2 1 
ATOM   620  C CE1 . HIS A 1 149 ? -11.890 -0.104  11.585  1.00 84.68  ? 149 HIS a CE1 1 
ATOM   621  N NE2 . HIS A 1 149 ? -10.937 0.104   12.475  1.00 84.68  ? 149 HIS a NE2 1 
ATOM   622  N N   . GLY A 1 150 ? -9.834  -3.987  14.613  1.00 80.60  ? 150 GLY a N   1 
ATOM   623  C CA  . GLY A 1 150 ? -9.417  -3.736  15.982  1.00 80.60  ? 150 GLY a CA  1 
ATOM   624  C C   . GLY A 1 150 ? -8.979  -2.305  16.203  1.00 80.60  ? 150 GLY a C   1 
ATOM   625  O O   . GLY A 1 150 ? -9.555  -1.363  15.650  1.00 80.60  ? 150 GLY a O   1 
ATOM   626  N N   . ASN A 1 151 ? -7.947  -2.139  17.023  1.00 76.14  ? 151 ASN a N   1 
ATOM   627  C CA  . ASN A 1 151 ? -7.462  -0.819  17.396  1.00 76.14  ? 151 ASN a CA  1 
ATOM   628  C C   . ASN A 1 151 ? -6.232  -0.442  16.584  1.00 76.14  ? 151 ASN a C   1 
ATOM   629  O O   . ASN A 1 151 ? -5.402  -1.303  16.279  1.00 76.14  ? 151 ASN a O   1 
ATOM   630  C CB  . ASN A 1 151 ? -7.119  -0.771  18.885  1.00 76.14  ? 151 ASN a CB  1 
ATOM   631  C CG  . ASN A 1 151 ? -8.305  -1.110  19.767  1.00 76.14  ? 151 ASN a CG  1 
ATOM   632  O OD1 . ASN A 1 151 ? -8.365  -2.185  20.360  1.00 76.14  ? 151 ASN a OD1 1 
ATOM   633  N ND2 . ASN A 1 151 ? -9.260  -0.189  19.854  1.00 76.14  ? 151 ASN a ND2 1 
ATOM   634  N N   . PRO A 1 152 ? -6.109  0.835   16.223  1.00 69.89  ? 152 PRO a N   1 
ATOM   635  C CA  . PRO A 1 152 ? -4.965  1.269   15.411  1.00 69.89  ? 152 PRO a CA  1 
ATOM   636  C C   . PRO A 1 152 ? -3.639  1.023   16.111  1.00 69.89  ? 152 PRO a C   1 
ATOM   637  O O   . PRO A 1 152 ? -3.488  1.277   17.307  1.00 69.89  ? 152 PRO a O   1 
ATOM   638  C CB  . PRO A 1 152 ? -5.220  2.767   15.214  1.00 69.89  ? 152 PRO a CB  1 
ATOM   639  C CG  . PRO A 1 152 ? -6.259  3.136   16.222  1.00 69.89  ? 152 PRO a CG  1 
ATOM   640  C CD  . PRO A 1 152 ? -7.083  1.917   16.425  1.00 69.89  ? 152 PRO a CD  1 
ATOM   641  N N   . MET A 1 153 ? -2.670  0.527   15.348  1.00 62.98  ? 153 MET a N   1 
ATOM   642  C CA  . MET A 1 153 ? -1.310  0.403   15.849  1.00 62.98  ? 153 MET a CA  1 
ATOM   643  C C   . MET A 1 153 ? -0.668  1.781   15.937  1.00 62.98  ? 153 MET a C   1 
ATOM   644  O O   . MET A 1 153 ? -1.020  2.701   15.196  1.00 62.98  ? 153 MET a O   1 
ATOM   645  C CB  . MET A 1 153 ? -0.494  -0.519  14.944  1.00 62.98  ? 153 MET a CB  1 
ATOM   646  C CG  . MET A 1 153 ? -1.088  -1.911  14.813  1.00 62.98  ? 153 MET a CG  1 
ATOM   647  S SD  . MET A 1 153 ? -0.469  -2.860  13.413  1.00 62.98  ? 153 MET a SD  1 
ATOM   648  C CE  . MET A 1 153 ? 1.247   -3.073  13.867  1.00 62.98  ? 153 MET a CE  1 
ATOM   649  N N   . GLN A 1 154 ? 0.285   1.926   16.856  1.00 64.13  ? 154 GLN a N   1 
ATOM   650  C CA  . GLN A 1 154 ? 0.790   3.244   17.217  1.00 64.13  ? 154 GLN a CA  1 
ATOM   651  C C   . GLN A 1 154 ? 2.238   3.465   16.796  1.00 64.13  ? 154 GLN a C   1 
ATOM   652  O O   . GLN A 1 154 ? 2.899   4.366   17.320  1.00 64.13  ? 154 GLN a O   1 
ATOM   653  C CB  . GLN A 1 154 ? 0.626   3.480   18.718  1.00 64.13  ? 154 GLN a CB  1 
ATOM   654  C CG  . GLN A 1 154 ? -0.753  3.108   19.239  1.00 64.13  ? 154 GLN a CG  1 
ATOM   655  C CD  . GLN A 1 154 ? -1.717  4.282   19.242  1.00 64.13  ? 154 GLN a CD  1 
ATOM   656  O OE1 . GLN A 1 154 ? -1.426  5.343   18.693  1.00 64.13  ? 154 GLN a OE1 1 
ATOM   657  N NE2 . GLN A 1 154 ? -2.878  4.090   19.856  1.00 64.13  ? 154 GLN a NE2 1 
ATOM   658  N N   . GLU A 1 155 ? 2.744   2.672   15.858  1.00 58.80  ? 155 GLU a N   1 
ATOM   659  C CA  . GLU A 1 155 ? 3.960   3.027   15.141  1.00 58.80  ? 155 GLU a CA  1 
ATOM   660  C C   . GLU A 1 155 ? 3.678   3.404   13.695  1.00 58.80  ? 155 GLU a C   1 
ATOM   661  O O   . GLU A 1 155 ? 4.609   3.752   12.965  1.00 58.80  ? 155 GLU a O   1 
ATOM   662  C CB  . GLU A 1 155 ? 4.985   1.889   15.206  1.00 58.80  ? 155 GLU a CB  1 
ATOM   663  C CG  . GLU A 1 155 ? 4.738   0.743   14.255  1.00 58.80  ? 155 GLU a CG  1 
ATOM   664  C CD  . GLU A 1 155 ? 3.986   -0.393  14.903  1.00 58.80  ? 155 GLU a CD  1 
ATOM   665  O OE1 . GLU A 1 155 ? 3.329   -0.157  15.938  1.00 58.80  ? 155 GLU a OE1 1 
ATOM   666  O OE2 . GLU A 1 155 ? 4.060   -1.527  14.385  1.00 58.80  ? 155 GLU a OE2 1 
ATOM   667  N N   . PHE A 1 156 ? 2.415   3.360   13.273  1.00 53.36  ? 156 PHE a N   1 
ATOM   668  C CA  . PHE A 1 156 ? 1.966   3.784   11.962  1.00 53.36  ? 156 PHE a CA  1 
ATOM   669  C C   . PHE A 1 156 ? 0.983   4.944   12.099  1.00 53.36  ? 156 PHE a C   1 
ATOM   670  O O   . PHE A 1 156 ? 0.220   5.001   13.065  1.00 53.36  ? 156 PHE a O   1 
ATOM   671  C CB  . PHE A 1 156 ? 1.297   2.633   11.202  1.00 53.36  ? 156 PHE a CB  1 
ATOM   672  C CG  . PHE A 1 156 ? 2.183   1.438   11.008  1.00 53.36  ? 156 PHE a CG  1 
ATOM   673  C CD1 . PHE A 1 156 ? 1.715   0.166   11.270  1.00 53.36  ? 156 PHE a CD1 1 
ATOM   674  C CD2 . PHE A 1 156 ? 3.483   1.584   10.560  1.00 53.36  ? 156 PHE a CD2 1 
ATOM   675  C CE1 . PHE A 1 156 ? 2.526   -0.933  11.093  1.00 53.36  ? 156 PHE a CE1 1 
ATOM   676  C CE2 . PHE A 1 156 ? 4.296   0.486   10.382  1.00 53.36  ? 156 PHE a CE2 1 
ATOM   677  C CZ  . PHE A 1 156 ? 3.814   -0.771  10.651  1.00 53.36  ? 156 PHE a CZ  1 
ATOM   678  N N   . PRO A 1 157 ? 0.985   5.882   11.152  1.00 57.53  ? 157 PRO a N   1 
ATOM   679  C CA  . PRO A 1 157 ? 0.119   7.064   11.266  1.00 57.53  ? 157 PRO a CA  1 
ATOM   680  C C   . PRO A 1 157 ? -1.363  6.717   11.293  1.00 57.53  ? 157 PRO a C   1 
ATOM   681  O O   . PRO A 1 157 ? -1.789  5.597   11.010  1.00 57.53  ? 157 PRO a O   1 
ATOM   682  C CB  . PRO A 1 157 ? 0.474   7.873   10.016  1.00 57.53  ? 157 PRO a CB  1 
ATOM   683  C CG  . PRO A 1 157 ? 1.861   7.470   9.696   1.00 57.53  ? 157 PRO a CG  1 
ATOM   684  C CD  . PRO A 1 157 ? 1.960   6.020   10.059  1.00 57.53  ? 157 PRO a CD  1 
ATOM   685  N N   . HIS A 1 158 ? -2.156  7.725   11.651  1.00 62.65  ? 158 HIS a N   1 
ATOM   686  C CA  . HIS A 1 158 ? -3.612  7.660   11.621  1.00 62.65  ? 158 HIS a CA  1 
ATOM   687  C C   . HIS A 1 158 ? -4.148  9.083   11.695  1.00 62.65  ? 158 HIS a C   1 
ATOM   688  O O   . HIS A 1 158 ? -3.446  10.005  12.116  1.00 62.65  ? 158 HIS a O   1 
ATOM   689  C CB  . HIS A 1 158 ? -4.178  6.805   12.761  1.00 62.65  ? 158 HIS a CB  1 
ATOM   690  C CG  . HIS A 1 158 ? -3.725  7.230   14.123  1.00 62.65  ? 158 HIS a CG  1 
ATOM   691  N ND1 . HIS A 1 158 ? -4.605  7.496   15.148  1.00 62.65  ? 158 HIS a ND1 1 
ATOM   692  C CD2 . HIS A 1 158 ? -2.486  7.429   14.631  1.00 62.65  ? 158 HIS a CD2 1 
ATOM   693  C CE1 . HIS A 1 158 ? -3.929  7.845   16.227  1.00 62.65  ? 158 HIS a CE1 1 
ATOM   694  N NE2 . HIS A 1 158 ? -2.641  7.813   15.940  1.00 62.65  ? 158 HIS a NE2 1 
ATOM   695  N N   . GLY A 1 159 ? -5.399  9.251   11.279  1.00 66.80  ? 159 GLY a N   1 
ATOM   696  C CA  . GLY A 1 159 ? -5.995  10.574  11.255  1.00 66.80  ? 159 GLY a CA  1 
ATOM   697  C C   . GLY A 1 159 ? -7.336  10.558  10.545  1.00 66.80  ? 159 GLY a C   1 
ATOM   698  O O   . GLY A 1 159 ? -7.949  9.504   10.373  1.00 66.80  ? 159 GLY a O   1 
ATOM   699  N N   . ALA A 1 160 ? -7.776  11.747  10.137  1.00 74.11  ? 160 ALA a N   1 
ATOM   700  C CA  . ALA A 1 160 ? -9.060  11.925  9.473   1.00 74.11  ? 160 ALA a CA  1 
ATOM   701  C C   . ALA A 1 160 ? -8.871  12.691  8.170   1.00 74.11  ? 160 ALA a C   1 
ATOM   702  O O   . ALA A 1 160 ? -7.872  13.387  7.972   1.00 74.11  ? 160 ALA a O   1 
ATOM   703  C CB  . ALA A 1 160 ? -10.062 12.660  10.370  1.00 74.11  ? 160 ALA a CB  1 
ATOM   704  N N   . PHE A 1 161 ? -9.853  12.555  7.279   1.00 78.34  ? 161 PHE a N   1 
ATOM   705  C CA  . PHE A 1 161 ? -9.784  13.155  5.955   1.00 78.34  ? 161 PHE a CA  1 
ATOM   706  C C   . PHE A 1 161 ? -11.150 13.696  5.553   1.00 78.34  ? 161 PHE a C   1 
ATOM   707  O O   . PHE A 1 161 ? -12.190 13.237  6.032   1.00 78.34  ? 161 PHE a O   1 
ATOM   708  C CB  . PHE A 1 161 ? -9.286  12.146  4.909   1.00 78.34  ? 161 PHE a CB  1 
ATOM   709  C CG  . PHE A 1 161 ? -10.062 10.858  4.882   1.00 78.34  ? 161 PHE a CG  1 
ATOM   710  C CD1 . PHE A 1 161 ? -9.612  9.750   5.575   1.00 78.34  ? 161 PHE a CD1 1 
ATOM   711  C CD2 . PHE A 1 161 ? -11.228 10.750  4.147   1.00 78.34  ? 161 PHE a CD2 1 
ATOM   712  C CE1 . PHE A 1 161 ? -10.319 8.565   5.547   1.00 78.34  ? 161 PHE a CE1 1 
ATOM   713  C CE2 . PHE A 1 161 ? -11.936 9.566   4.114   1.00 78.34  ? 161 PHE a CE2 1 
ATOM   714  C CZ  . PHE A 1 161 ? -11.480 8.472   4.816   1.00 78.34  ? 161 PHE a CZ  1 
ATOM   715  N N   . HIS A 1 162 ? -11.132 14.675  4.655   1.00 85.91  ? 162 HIS a N   1 
ATOM   716  C CA  . HIS A 1 162 ? -12.334 15.286  4.107   1.00 85.91  ? 162 HIS a CA  1 
ATOM   717  C C   . HIS A 1 162 ? -12.578 14.802  2.681   1.00 85.91  ? 162 HIS a C   1 
ATOM   718  O O   . HIS A 1 162 ? -11.721 14.183  2.050   1.00 85.91  ? 162 HIS a O   1 
ATOM   719  C CB  . HIS A 1 162 ? -12.227 16.812  4.142   1.00 85.91  ? 162 HIS a CB  1 
ATOM   720  C CG  . HIS A 1 162 ? -11.652 17.347  5.415   1.00 85.91  ? 162 HIS a CG  1 
ATOM   721  N ND1 . HIS A 1 162 ? -10.327 17.705  5.541   1.00 85.91  ? 162 HIS a ND1 1 
ATOM   722  C CD2 . HIS A 1 162 ? -12.222 17.584  6.619   1.00 85.91  ? 162 HIS a CD2 1 
ATOM   723  C CE1 . HIS A 1 162 ? -10.106 18.141  6.769   1.00 85.91  ? 162 HIS a CE1 1 
ATOM   724  N NE2 . HIS A 1 162 ? -11.240 18.077  7.444   1.00 85.91  ? 162 HIS a NE2 1 
ATOM   725  N N   . ALA A 1 163 ? -13.769 15.104  2.172   1.00 88.77  ? 163 ALA a N   1 
ATOM   726  C CA  . ALA A 1 163 ? -14.174 14.597  0.868   1.00 88.77  ? 163 ALA a CA  1 
ATOM   727  C C   . ALA A 1 163 ? -13.439 15.308  -0.262  1.00 88.77  ? 163 ALA a C   1 
ATOM   728  O O   . ALA A 1 163 ? -13.242 16.526  -0.229  1.00 88.77  ? 163 ALA a O   1 
ATOM   729  C CB  . ALA A 1 163 ? -15.683 14.748  0.685   1.00 88.77  ? 163 ALA a CB  1 
ATOM   730  N N   . ASN A 1 164 ? -13.033 14.527  -1.266  1.00 87.43  ? 164 ASN a N   1 
ATOM   731  C CA  . ASN A 1 164 ? -12.398 15.037  -2.482  1.00 87.43  ? 164 ASN a CA  1 
ATOM   732  C C   . ASN A 1 164 ? -11.133 15.835  -2.177  1.00 87.43  ? 164 ASN a C   1 
ATOM   733  O O   . ASN A 1 164 ? -10.807 16.803  -2.867  1.00 87.43  ? 164 ASN a O   1 
ATOM   734  C CB  . ASN A 1 164 ? -13.379 15.872  -3.309  1.00 87.43  ? 164 ASN a CB  1 
ATOM   735  C CG  . ASN A 1 164 ? -14.466 15.031  -3.941  1.00 87.43  ? 164 ASN a CG  1 
ATOM   736  O OD1 . ASN A 1 164 ? -15.633 15.119  -3.561  1.00 87.43  ? 164 ASN a OD1 1 
ATOM   737  N ND2 . ASN A 1 164 ? -14.090 14.205  -4.909  1.00 87.43  ? 164 ASN a ND2 1 
ATOM   738  N N   . GLU A 1 165 ? -10.408 15.424  -1.143  1.00 83.01  ? 165 GLU a N   1 
ATOM   739  C CA  . GLU A 1 165 ? -9.106  15.991  -0.835  1.00 83.01  ? 165 GLU a CA  1 
ATOM   740  C C   . GLU A 1 165 ? -8.074  14.873  -0.770  1.00 83.01  ? 165 GLU a C   1 
ATOM   741  O O   . GLU A 1 165 ? -8.395  13.730  -0.441  1.00 83.01  ? 165 GLU a O   1 
ATOM   742  C CB  . GLU A 1 165 ? -9.132  16.777  0.481   1.00 83.01  ? 165 GLU a CB  1 
ATOM   743  C CG  . GLU A 1 165 ? -8.019  17.802  0.607   1.00 83.01  ? 165 GLU a CG  1 
ATOM   744  C CD  . GLU A 1 165 ? -7.699  18.484  -0.710  1.00 83.01  ? 165 GLU a CD  1 
ATOM   745  O OE1 . GLU A 1 165 ? -8.630  19.017  -1.354  1.00 83.01  ? 165 GLU a OE1 1 
ATOM   746  O OE2 . GLU A 1 165 ? -6.516  18.483  -1.106  1.00 83.01  ? 165 GLU a OE2 1 
ATOM   747  N N   . LYS A 1 166 ? -6.828  15.214  -1.087  1.00 72.80  ? 166 LYS a N   1 
ATOM   748  C CA  . LYS A 1 166 ? -5.746  14.243  -1.174  1.00 72.80  ? 166 LYS a CA  1 
ATOM   749  C C   . LYS A 1 166 ? -4.949  14.218  0.122   1.00 72.80  ? 166 LYS a C   1 
ATOM   750  O O   . LYS A 1 166 ? -4.530  15.269  0.618   1.00 72.80  ? 166 LYS a O   1 
ATOM   751  C CB  . LYS A 1 166 ? -4.815  14.571  -2.341  1.00 72.80  ? 166 LYS a CB  1 
ATOM   752  C CG  . LYS A 1 166 ? -5.323  14.136  -3.697  1.00 72.80  ? 166 LYS a CG  1 
ATOM   753  C CD  . LYS A 1 166 ? -4.206  14.149  -4.730  1.00 72.80  ? 166 LYS a CD  1 
ATOM   754  C CE  . LYS A 1 166 ? -3.185  15.238  -4.442  1.00 72.80  ? 166 LYS a CE  1 
ATOM   755  N NZ  . LYS A 1 166 ? -2.036  15.189  -5.386  1.00 72.80  ? 166 LYS a NZ  1 
ATOM   756  N N   . PHE A 1 167 ? -4.731  13.019  0.657   1.00 62.97  ? 167 PHE a N   1 
ATOM   757  C CA  . PHE A 1 167 ? -3.867  12.823  1.811   1.00 62.97  ? 167 PHE a CA  1 
ATOM   758  C C   . PHE A 1 167 ? -2.918  11.664  1.540   1.00 62.97  ? 167 PHE a C   1 
ATOM   759  O O   . PHE A 1 167 ? -3.230  10.752  0.771   1.00 62.97  ? 167 PHE a O   1 
ATOM   760  C CB  . PHE A 1 167 ? -4.674  12.569  3.094   1.00 62.97  ? 167 PHE a CB  1 
ATOM   761  C CG  . PHE A 1 167 ? -5.421  11.266  3.101   1.00 62.97  ? 167 PHE a CG  1 
ATOM   762  C CD1 . PHE A 1 167 ? -4.947  10.188  3.826   1.00 62.97  ? 167 PHE a CD1 1 
ATOM   763  C CD2 . PHE A 1 167 ? -6.603  11.123  2.399   1.00 62.97  ? 167 PHE a CD2 1 
ATOM   764  C CE1 . PHE A 1 167 ? -5.630  8.992   3.840   1.00 62.97  ? 167 PHE a CE1 1 
ATOM   765  C CE2 . PHE A 1 167 ? -7.290  9.930   2.411   1.00 62.97  ? 167 PHE a CE2 1 
ATOM   766  C CZ  . PHE A 1 167 ? -6.802  8.864   3.133   1.00 62.97  ? 167 PHE a CZ  1 
ATOM   767  N N   . GLY A 1 168 ? -1.754  11.710  2.181   1.00 54.21  ? 168 GLY a N   1 
ATOM   768  C CA  . GLY A 1 168 ? -0.751  10.683  1.987   1.00 54.21  ? 168 GLY a CA  1 
ATOM   769  C C   . GLY A 1 168 ? 0.196   10.609  3.160   1.00 54.21  ? 168 GLY a C   1 
ATOM   770  O O   . GLY A 1 168 ? 0.353   11.568  3.921   1.00 54.21  ? 168 GLY a O   1 
ATOM   771  N N   . PHE A 1 169 ? 0.847   9.454   3.287   1.00 46.43  ? 169 PHE a N   1 
ATOM   772  C CA  . PHE A 1 169 ? 1.676   9.149   4.443   1.00 46.43  ? 169 PHE a CA  1 
ATOM   773  C C   . PHE A 1 169 ? 2.776   8.184   4.023   1.00 46.43  ? 169 PHE a C   1 
ATOM   774  O O   . PHE A 1 169 ? 2.739   7.605   2.937   1.00 46.43  ? 169 PHE a O   1 
ATOM   775  C CB  . PHE A 1 169 ? 0.838   8.548   5.575   1.00 46.43  ? 169 PHE a CB  1 
ATOM   776  C CG  . PHE A 1 169 ? -0.091  7.461   5.123   1.00 46.43  ? 169 PHE a CG  1 
ATOM   777  C CD1 . PHE A 1 169 ? 0.315   6.141   5.130   1.00 46.43  ? 169 PHE a CD1 1 
ATOM   778  C CD2 . PHE A 1 169 ? -1.365  7.757   4.684   1.00 46.43  ? 169 PHE a CD2 1 
ATOM   779  C CE1 . PHE A 1 169 ? -0.531  5.142   4.713   1.00 46.43  ? 169 PHE a CE1 1 
ATOM   780  C CE2 . PHE A 1 169 ? -2.215  6.758   4.264   1.00 46.43  ? 169 PHE a CE2 1 
ATOM   781  C CZ  . PHE A 1 169 ? -1.795  5.450   4.279   1.00 46.43  ? 169 PHE a CZ  1 
ATOM   782  N N   . GLU A 1 170 ? 3.754   8.006   4.905   1.00 41.39  ? 170 GLU a N   1 
ATOM   783  C CA  . GLU A 1 170 ? 4.819   7.038   4.695   1.00 41.39  ? 170 GLU a CA  1 
ATOM   784  C C   . GLU A 1 170 ? 4.915   6.099   5.892   1.00 41.39  ? 170 GLU a C   1 
ATOM   785  O O   . GLU A 1 170 ? 4.708   6.512   7.036   1.00 41.39  ? 170 GLU a O   1 
ATOM   786  C CB  . GLU A 1 170 ? 6.161   7.734   4.439   1.00 41.39  ? 170 GLU a CB  1 
ATOM   787  C CG  . GLU A 1 170 ? 6.924   8.149   5.665   1.00 41.39  ? 170 GLU a CG  1 
ATOM   788  C CD  . GLU A 1 170 ? 8.417   8.086   5.452   1.00 41.39  ? 170 GLU a CD  1 
ATOM   789  O OE1 . GLU A 1 170 ? 8.845   7.492   4.444   1.00 41.39  ? 170 GLU a OE1 1 
ATOM   790  O OE2 . GLU A 1 170 ? 9.166   8.630   6.288   1.00 41.39  ? 170 GLU a OE2 1 
ATOM   791  N N   . LEU A 1 171 ? 5.202   4.828   5.617   1.00 35.07  ? 171 LEU a N   1 
ATOM   792  C CA  . LEU A 1 171 ? 5.349   3.797   6.633   1.00 35.07  ? 171 LEU a CA  1 
ATOM   793  C C   . LEU A 1 171 ? 6.805   3.367   6.738   1.00 35.07  ? 171 LEU a C   1 
ATOM   794  O O   . LEU A 1 171 ? 7.541   3.371   5.751   1.00 35.07  ? 171 LEU a O   1 
ATOM   795  C CB  . LEU A 1 171 ? 4.485   2.576   6.318   1.00 35.07  ? 171 LEU a CB  1 
ATOM   796  C CG  . LEU A 1 171 ? 3.054   2.813   5.847   1.00 35.07  ? 171 LEU a CG  1 
ATOM   797  C CD1 . LEU A 1 171 ? 2.438   1.528   5.344   1.00 35.07  ? 171 LEU a CD1 1 
ATOM   798  C CD2 . LEU A 1 171 ? 2.225   3.391   6.966   1.00 35.07  ? 171 LEU a CD2 1 
ATOM   799  N N   . VAL A 1 172 ? 7.216   2.996   7.945   1.00 31.39  ? 172 VAL a N   1 
ATOM   800  C CA  . VAL A 1 172 ? 8.552   2.474   8.201   1.00 31.39  ? 172 VAL a CA  1 
ATOM   801  C C   . VAL A 1 172 ? 8.412   1.100   8.837   1.00 31.39  ? 172 VAL a C   1 
ATOM   802  O O   . VAL A 1 172 ? 7.555   0.893   9.702   1.00 31.39  ? 172 VAL a O   1 
ATOM   803  C CB  . VAL A 1 172 ? 9.371   3.420   9.101   1.00 31.39  ? 172 VAL a CB  1 
ATOM   804  C CG1 . VAL A 1 172 ? 10.767  2.882   9.313   1.00 31.39  ? 172 VAL a CG1 1 
ATOM   805  C CG2 . VAL A 1 172 ? 9.431   4.799   8.490   1.00 31.39  ? 172 VAL a CG2 1 
ATOM   806  N N   . PHE A 1 173 ? 9.243   0.159   8.396   1.00 28.83  ? 173 PHE a N   1 
ATOM   807  C CA  . PHE A 1 173 ? 9.195   -1.221  8.857   1.00 28.83  ? 173 PHE a CA  1 
ATOM   808  C C   . PHE A 1 173 ? 10.522  -1.591  9.501   1.00 28.83  ? 173 PHE a C   1 
ATOM   809  O O   . PHE A 1 173 ? 11.585  -1.191  9.024   1.00 28.83  ? 173 PHE a O   1 
ATOM   810  C CB  . PHE A 1 173 ? 8.891   -2.179  7.709   1.00 28.83  ? 173 PHE a CB  1 
ATOM   811  C CG  . PHE A 1 173 ? 7.674   -1.811  6.915   1.00 28.83  ? 173 PHE a CG  1 
ATOM   812  C CD1 . PHE A 1 173 ? 6.414   -1.914  7.464   1.00 28.83  ? 173 PHE a CD1 1 
ATOM   813  C CD2 . PHE A 1 173 ? 7.793   -1.372  5.608   1.00 28.83  ? 173 PHE a CD2 1 
ATOM   814  C CE1 . PHE A 1 173 ? 5.300   -1.585  6.731   1.00 28.83  ? 173 PHE a CE1 1 
ATOM   815  C CE2 . PHE A 1 173 ? 6.683   -1.044  4.873   1.00 28.83  ? 173 PHE a CE2 1 
ATOM   816  C CZ  . PHE A 1 173 ? 5.436   -1.150  5.433   1.00 28.83  ? 173 PHE a CZ  1 
ATOM   817  N N   . THR A 1 174 ? 10.455  -2.357  10.586  1.00 34.67  ? 174 THR a N   1 
ATOM   818  C CA  . THR A 1 174 ? 11.649  -2.710  11.339  1.00 34.67  ? 174 THR a CA  1 
ATOM   819  C C   . THR A 1 174 ? 11.444  -4.062  12.006  1.00 34.67  ? 174 THR a C   1 
ATOM   820  O O   . THR A 1 174 ? 10.315  -4.526  12.184  1.00 34.67  ? 174 THR a O   1 
ATOM   821  C CB  . THR A 1 174 ? 11.992  -1.629  12.377  1.00 34.67  ? 174 THR a CB  1 
ATOM   822  O OG1 . THR A 1 174 ? 13.375  -1.723  12.740  1.00 34.67  ? 174 THR a OG1 1 
ATOM   823  C CG2 . THR A 1 174 ? 11.139  -1.779  13.620  1.00 34.67  ? 174 THR a CG2 1 
ATOM   824  N N   . ALA A 1 175 ? 12.554  -4.695  12.358  1.00 36.45  ? 175 ALA a N   1 
ATOM   825  C CA  . ALA A 1 175 ? 12.585  -5.953  13.082  1.00 36.45  ? 175 ALA a CA  1 
ATOM   826  C C   . ALA A 1 175 ? 13.326  -5.767  14.402  1.00 36.45  ? 175 ALA a C   1 
ATOM   827  O O   . ALA A 1 175 ? 14.049  -4.780  14.581  1.00 36.45  ? 175 ALA a O   1 
ATOM   828  C CB  . ALA A 1 175 ? 13.266  -7.049  12.248  1.00 36.45  ? 175 ALA a CB  1 
ATOM   829  N N   . PRO A 1 176 ? 13.156  -6.685  15.358  1.00 38.70  ? 176 PRO a N   1 
ATOM   830  C CA  . PRO A 1 176 ? 13.850  -6.535  16.647  1.00 38.70  ? 176 PRO a CA  1 
ATOM   831  C C   . PRO A 1 176 ? 15.369  -6.500  16.558  1.00 38.70  ? 176 PRO a C   1 
ATOM   832  O O   . PRO A 1 176 ? 16.008  -6.067  17.522  1.00 38.70  ? 176 PRO a O   1 
ATOM   833  C CB  . PRO A 1 176 ? 13.369  -7.755  17.437  1.00 38.70  ? 176 PRO a CB  1 
ATOM   834  C CG  . PRO A 1 176 ? 12.020  -8.007  16.909  1.00 38.70  ? 176 PRO a CG  1 
ATOM   835  C CD  . PRO A 1 176 ? 12.086  -7.694  15.439  1.00 38.70  ? 176 PRO a CD  1 
ATOM   836  N N   . THR A 1 177 ? 15.974  -6.924  15.449  1.00 38.69  ? 177 THR a N   1 
ATOM   837  C CA  . THR A 1 177 ? 17.428  -6.936  15.346  1.00 38.69  ? 177 THR a CA  1 
ATOM   838  C C   . THR A 1 177 ? 17.994  -6.217  14.131  1.00 38.69  ? 177 THR a C   1 
ATOM   839  O O   . THR A 1 177 ? 19.215  -6.057  14.058  1.00 38.69  ? 177 THR a O   1 
ATOM   840  C CB  . THR A 1 177 ? 17.959  -8.377  15.340  1.00 38.69  ? 177 THR a CB  1 
ATOM   841  O OG1 . THR A 1 177 ? 17.016  -9.235  14.687  1.00 38.69  ? 177 THR a OG1 1 
ATOM   842  C CG2 . THR A 1 177 ? 18.198  -8.868  16.759  1.00 38.69  ? 177 THR a CG2 1 
ATOM   843  N N   . HIS A 1 178 ? 17.168  -5.782  13.185  1.00 35.31  ? 178 HIS a N   1 
ATOM   844  C CA  . HIS A 1 178 ? 17.678  -5.138  11.982  1.00 35.31  ? 178 HIS a CA  1 
ATOM   845  C C   . HIS A 1 178 ? 16.578  -4.277  11.383  1.00 35.31  ? 178 HIS a C   1 
ATOM   846  O O   . HIS A 1 178 ? 15.411  -4.368  11.765  1.00 35.31  ? 178 HIS a O   1 
ATOM   847  C CB  . HIS A 1 178 ? 18.187  -6.170  10.970  1.00 35.31  ? 178 HIS a CB  1 
ATOM   848  C CG  . HIS A 1 178 ? 17.121  -7.074  10.437  1.00 35.31  ? 178 HIS a CG  1 
ATOM   849  N ND1 . HIS A 1 178 ? 16.956  -8.369  10.874  1.00 35.31  ? 178 HIS a ND1 1 
ATOM   850  C CD2 . HIS A 1 178 ? 16.165  -6.870  9.501   1.00 35.31  ? 178 HIS a CD2 1 
ATOM   851  C CE1 . HIS A 1 178 ? 15.942  -8.922  10.234  1.00 35.31  ? 178 HIS a CE1 1 
ATOM   852  N NE2 . HIS A 1 178 ? 15.444  -8.033  9.396   1.00 35.31  ? 178 HIS a NE2 1 
ATOM   853  N N   . ALA A 1 179 ? 16.971  -3.435  10.432  1.00 32.22  ? 179 ALA a N   1 
ATOM   854  C CA  . ALA A 1 179 ? 16.034  -2.594  9.701   1.00 32.22  ? 179 ALA a CA  1 
ATOM   855  C C   . ALA A 1 179 ? 15.491  -3.338  8.491   1.00 32.22  ? 179 ALA a C   1 
ATOM   856  O O   . ALA A 1 179 ? 16.239  -3.999  7.766   1.00 32.22  ? 179 ALA a O   1 
ATOM   857  C CB  . ALA A 1 179 ? 16.706  -1.297  9.256   1.00 32.22  ? 179 ALA a CB  1 
ATOM   858  N N   . GLY A 1 180 ? 14.188  -3.232  8.283   1.00 28.73  ? 180 GLY a N   1 
ATOM   859  C CA  . GLY A 1 180 ? 13.514  -3.871  7.172   1.00 28.73  ? 180 GLY a CA  1 
ATOM   860  C C   . GLY A 1 180 ? 12.654  -5.036  7.628   1.00 28.73  ? 180 GLY a C   1 
ATOM   861  O O   . GLY A 1 180 ? 12.611  -5.401  8.801   1.00 28.73  ? 180 GLY a O   1 
ATOM   862  N N   . MET A 1 181 ? 11.959  -5.618  6.656   1.00 25.90  ? 181 MET a N   1 
ATOM   863  C CA  . MET A 1 181 ? 11.112  -6.778  6.886   1.00 25.90  ? 181 MET a CA  1 
ATOM   864  C C   . MET A 1 181 ? 11.054  -7.578  5.595   1.00 25.90  ? 181 MET a C   1 
ATOM   865  O O   . MET A 1 181 ? 10.819  -7.007  4.529   1.00 25.90  ? 181 MET a O   1 
ATOM   866  C CB  . MET A 1 181 ? 9.710   -6.351  7.337   1.00 25.90  ? 181 MET a CB  1 
ATOM   867  C CG  . MET A 1 181 ? 8.793   -7.485  7.783   1.00 25.90  ? 181 MET a CG  1 
ATOM   868  S SD  . MET A 1 181 ? 9.442   -8.528  9.107   1.00 25.90  ? 181 MET a SD  1 
ATOM   869  C CE  . MET A 1 181 ? 9.360   -7.428  10.510  1.00 25.90  ? 181 MET a CE  1 
ATOM   870  N N   . GLN A 1 182 ? 11.281  -8.886  5.686   1.00 21.49  ? 182 GLN a N   1 
ATOM   871  C CA  . GLN A 1 182 ? 11.279  -9.729  4.499   1.00 21.49  ? 182 GLN a CA  1 
ATOM   872  C C   . GLN A 1 182 ? 9.868   -9.887  3.949   1.00 21.49  ? 182 GLN a C   1 
ATOM   873  O O   . GLN A 1 182 ? 8.896   -9.983  4.698   1.00 21.49  ? 182 GLN a O   1 
ATOM   874  C CB  . GLN A 1 182 ? 11.882  -11.097 4.802   1.00 21.49  ? 182 GLN a CB  1 
ATOM   875  C CG  . GLN A 1 182 ? 13.396  -11.110 4.824   1.00 21.49  ? 182 GLN a CG  1 
ATOM   876  C CD  . GLN A 1 182 ? 13.977  -12.503 4.975   1.00 21.49  ? 182 GLN a CD  1 
ATOM   877  O OE1 . GLN A 1 182 ? 13.277  -13.497 4.828   1.00 21.49  ? 182 GLN a OE1 1 
ATOM   878  N NE2 . GLN A 1 182 ? 15.264  -12.576 5.262   1.00 21.49  ? 182 GLN a NE2 1 
ATOM   879  N N   . ASN A 1 183 ? 9.776   -9.928  2.618   1.00 23.54  ? 183 ASN a N   1 
ATOM   880  C CA  . ASN A 1 183 ? 8.492   -9.899  1.926   1.00 23.54  ? 183 ASN a CA  1 
ATOM   881  C C   . ASN A 1 183 ? 7.565   -11.031 2.363   1.00 23.54  ? 183 ASN a C   1 
ATOM   882  O O   . ASN A 1 183 ? 6.343   -10.859 2.400   1.00 23.54  ? 183 ASN a O   1 
ATOM   883  C CB  . ASN A 1 183 ? 8.747   -9.944  0.416   1.00 23.54  ? 183 ASN a CB  1 
ATOM   884  C CG  . ASN A 1 183 ? 7.480   -10.048 -0.400  1.00 23.54  ? 183 ASN a CG  1 
ATOM   885  O OD1 . ASN A 1 183 ? 7.371   -10.891 -1.284  1.00 23.54  ? 183 ASN a OD1 1 
ATOM   886  N ND2 . ASN A 1 183 ? 6.521   -9.184  -0.120  1.00 23.54  ? 183 ASN a ND2 1 
ATOM   887  N N   . GLN A 1 184 ? 8.123   -12.196 2.703   1.00 23.66  ? 184 GLN a N   1 
ATOM   888  C CA  . GLN A 1 184 ? 7.283   -13.341 3.049   1.00 23.66  ? 184 GLN a CA  1 
ATOM   889  C C   . GLN A 1 184 ? 6.585   -13.160 4.392   1.00 23.66  ? 184 GLN a C   1 
ATOM   890  O O   . GLN A 1 184 ? 5.590   -13.837 4.666   1.00 23.66  ? 184 GLN a O   1 
ATOM   891  C CB  . GLN A 1 184 ? 8.113   -14.624 3.058   1.00 23.66  ? 184 GLN a CB  1 
ATOM   892  C CG  . GLN A 1 184 ? 9.294   -14.604 4.009   1.00 23.66  ? 184 GLN a CG  1 
ATOM   893  C CD  . GLN A 1 184 ? 10.140  -15.855 3.917   1.00 23.66  ? 184 GLN a CD  1 
ATOM   894  O OE1 . GLN A 1 184 ? 9.632   -16.939 3.662   1.00 23.66  ? 184 GLN a OE1 1 
ATOM   895  N NE2 . GLN A 1 184 ? 11.437  -15.707 4.117   1.00 23.66  ? 184 GLN a NE2 1 
ATOM   896  N N   . ASN A 1 185 ? 7.081   -12.253 5.236   1.00 24.01  ? 185 ASN a N   1 
ATOM   897  C CA  . ASN A 1 185 ? 6.542   -12.119 6.585   1.00 24.01  ? 185 ASN a CA  1 
ATOM   898  C C   . ASN A 1 185 ? 5.227   -11.351 6.592   1.00 24.01  ? 185 ASN a C   1 
ATOM   899  O O   . ASN A 1 185 ? 4.434   -11.483 7.527   1.00 24.01  ? 185 ASN a O   1 
ATOM   900  C CB  . ASN A 1 185 ? 7.568   -11.437 7.486   1.00 24.01  ? 185 ASN a CB  1 
ATOM   901  C CG  . ASN A 1 185 ? 8.599   -12.400 8.018   1.00 24.01  ? 185 ASN a CG  1 
ATOM   902  O OD1 . ASN A 1 185 ? 8.260   -13.468 8.507   1.00 24.01  ? 185 ASN a OD1 1 
ATOM   903  N ND2 . ASN A 1 185 ? 9.863   -12.029 7.929   1.00 24.01  ? 185 ASN a ND2 1 
ATOM   904  N N   . PHE A 1 186 ? 4.968   -10.558 5.552   1.00 27.48  ? 186 PHE a N   1 
ATOM   905  C CA  . PHE A 1 186 ? 3.736   -9.784  5.442   1.00 27.48  ? 186 PHE a CA  1 
ATOM   906  C C   . PHE A 1 186 ? 2.525   -10.684 5.239   1.00 27.48  ? 186 PHE a C   1 
ATOM   907  O O   . PHE A 1 186 ? 1.406   -10.197 5.065   1.00 27.48  ? 186 PHE a O   1 
ATOM   908  C CB  . PHE A 1 186 ? 3.834   -8.778  4.293   1.00 27.48  ? 186 PHE a CB  1 
ATOM   909  C CG  . PHE A 1 186 ? 4.665   -7.569  4.609   1.00 27.48  ? 186 PHE a CG  1 
ATOM   910  C CD1 . PHE A 1 186 ? 5.992   -7.511  4.241   1.00 27.48  ? 186 PHE a CD1 1 
ATOM   911  C CD2 . PHE A 1 186 ? 4.113   -6.486  5.263   1.00 27.48  ? 186 PHE a CD2 1 
ATOM   912  C CE1 . PHE A 1 186 ? 6.754   -6.403  4.527   1.00 27.48  ? 186 PHE a CE1 1 
ATOM   913  C CE2 . PHE A 1 186 ? 4.872   -5.377  5.550   1.00 27.48  ? 186 PHE a CE2 1 
ATOM   914  C CZ  . PHE A 1 186 ? 6.194   -5.336  5.180   1.00 27.48  ? 186 PHE a CZ  1 
ATOM   915  N N   . LYS A 1 187 ? 2.738   -11.995 5.251   1.00 34.35  ? 187 LYS a N   1 
ATOM   916  C CA  . LYS A 1 187 ? 1.671   -12.969 5.110   1.00 34.35  ? 187 LYS a CA  1 
ATOM   917  C C   . LYS A 1 187 ? 1.539   -13.905 6.302   1.00 34.35  ? 187 LYS a C   1 
ATOM   918  O O   . LYS A 1 187 ? 0.474   -14.504 6.478   1.00 34.35  ? 187 LYS a O   1 
ATOM   919  C CB  . LYS A 1 187 ? 1.885   -13.805 3.839   1.00 34.35  ? 187 LYS a CB  1 
ATOM   920  C CG  . LYS A 1 187 ? 0.624   -14.356 3.233   1.00 34.35  ? 187 LYS a CG  1 
ATOM   921  C CD  . LYS A 1 187 ? 0.445   -13.858 1.816   1.00 34.35  ? 187 LYS a CD  1 
ATOM   922  C CE  . LYS A 1 187 ? 1.678   -14.128 0.974   1.00 34.35  ? 187 LYS a CE  1 
ATOM   923  N NZ  . LYS A 1 187 ? 1.567   -13.506 -0.374  1.00 34.35  ? 187 LYS a NZ  1 
ATOM   924  N N   . HIS A 1 188 ? 2.584   -14.043 7.120   1.00 32.77  ? 188 HIS a N   1 
ATOM   925  C CA  . HIS A 1 188 ? 2.565   -14.849 8.342   1.00 32.77  ? 188 HIS a CA  1 
ATOM   926  C C   . HIS A 1 188 ? 3.143   -13.975 9.450   1.00 32.77  ? 188 HIS a C   1 
ATOM   927  O O   . HIS A 1 188 ? 4.311   -13.587 9.374   1.00 32.77  ? 188 HIS a O   1 
ATOM   928  C CB  . HIS A 1 188 ? 3.390   -16.124 8.207   1.00 32.77  ? 188 HIS a CB  1 
ATOM   929  C CG  . HIS A 1 188 ? 3.155   -16.891 6.945   1.00 32.77  ? 188 HIS a CG  1 
ATOM   930  N ND1 . HIS A 1 188 ? 4.056   -16.897 5.904   1.00 32.77  ? 188 HIS a ND1 1 
ATOM   931  C CD2 . HIS A 1 188 ? 2.147   -17.714 6.575   1.00 32.77  ? 188 HIS a CD2 1 
ATOM   932  C CE1 . HIS A 1 188 ? 3.599   -17.668 4.934   1.00 32.77  ? 188 HIS a CE1 1 
ATOM   933  N NE2 . HIS A 1 188 ? 2.444   -18.178 5.317   1.00 32.77  ? 188 HIS a NE2 1 
ATOM   934  N N   . SER A 1 189 ? 2.336   -13.666 10.463  1.00 33.16  ? 189 SER a N   1 
ATOM   935  C CA  . SER A 1 189 ? 2.769   -13.014 11.706  1.00 33.16  ? 189 SER a CA  1 
ATOM   936  C C   . SER A 1 189 ? 3.039   -11.520 11.581  1.00 33.16  ? 189 SER a C   1 
ATOM   937  O O   . SER A 1 189 ? 3.348   -10.884 12.593  1.00 33.16  ? 189 SER a O   1 
ATOM   938  C CB  . SER A 1 189 ? 4.024   -13.675 12.287  1.00 33.16  ? 189 SER a CB  1 
ATOM   939  O OG  . SER A 1 189 ? 4.551   -12.924 13.358  1.00 33.16  ? 189 SER a OG  1 
ATOM   940  N N   . TYR A 1 190 ? 2.945   -10.938 10.388  1.00 33.83  ? 190 TYR a N   1 
ATOM   941  C CA  . TYR A 1 190 ? 3.117   -9.500  10.224  1.00 33.83  ? 190 TYR a CA  1 
ATOM   942  C C   . TYR A 1 190 ? 2.102   -8.974  9.218   1.00 33.83  ? 190 TYR a C   1 
ATOM   943  O O   . TYR A 1 190 ? 2.411   -8.108  8.393   1.00 33.83  ? 190 TYR a O   1 
ATOM   944  C CB  . TYR A 1 190 ? 4.545   -9.160  9.795   1.00 33.83  ? 190 TYR a CB  1 
ATOM   945  C CG  . TYR A 1 190 ? 4.998   -7.747  10.086  1.00 33.83  ? 190 TYR a CG  1 
ATOM   946  C CD1 . TYR A 1 190 ? 5.150   -6.825  9.060   1.00 33.83  ? 190 TYR a CD1 1 
ATOM   947  C CD2 . TYR A 1 190 ? 5.304   -7.344  11.378  1.00 33.83  ? 190 TYR a CD2 1 
ATOM   948  C CE1 . TYR A 1 190 ? 5.575   -5.539  9.315   1.00 33.83  ? 190 TYR a CE1 1 
ATOM   949  C CE2 . TYR A 1 190 ? 5.731   -6.059  11.643  1.00 33.83  ? 190 TYR a CE2 1 
ATOM   950  C CZ  . TYR A 1 190 ? 5.864   -5.160  10.607  1.00 33.83  ? 190 TYR a CZ  1 
ATOM   951  O OH  . TYR A 1 190 ? 6.292   -3.879  10.857  1.00 33.83  ? 190 TYR a OH  1 
ATOM   952  N N   . ALA A 1 191 ? 0.879   -9.498  9.270   1.00 42.37  ? 191 ALA a N   1 
ATOM   953  C CA  . ALA A 1 191 ? -0.138  -9.219  8.258   1.00 42.37  ? 191 ALA a CA  1 
ATOM   954  C C   . ALA A 1 191 ? -0.895  -7.946  8.625   1.00 42.37  ? 191 ALA a C   1 
ATOM   955  O O   . ALA A 1 191 ? -2.005  -7.967  9.161   1.00 42.37  ? 191 ALA a O   1 
ATOM   956  C CB  . ALA A 1 191 ? -1.077  -10.408 8.106   1.00 42.37  ? 191 ALA a CB  1 
ATOM   957  N N   . VAL A 1 192 ? -0.277  -6.813  8.312   1.00 46.48  ? 192 VAL a N   1 
ATOM   958  C CA  . VAL A 1 192 ? -0.881  -5.505  8.525   1.00 46.48  ? 192 VAL a CA  1 
ATOM   959  C C   . VAL A 1 192 ? -1.884  -5.228  7.415   1.00 46.48  ? 192 VAL a C   1 
ATOM   960  O O   . VAL A 1 192 ? -1.714  -5.681  6.279   1.00 46.48  ? 192 VAL a O   1 
ATOM   961  C CB  . VAL A 1 192 ? 0.213   -4.424  8.578   1.00 46.48  ? 192 VAL a CB  1 
ATOM   962  C CG1 . VAL A 1 192 ? -0.367  -3.079  8.968   1.00 46.48  ? 192 VAL a CG1 1 
ATOM   963  C CG2 . VAL A 1 192 ? 1.303   -4.832  9.541   1.00 46.48  ? 192 VAL a CG2 1 
ATOM   964  N N   . ALA A 1 193 ? -2.941  -4.486  7.735   1.00 53.73  ? 193 ALA a N   1 
ATOM   965  C CA  . ALA A 1 193 ? -3.943  -4.101  6.754   1.00 53.73  ? 193 ALA a CA  1 
ATOM   966  C C   . ALA A 1 193 ? -4.216  -2.607  6.854   1.00 53.73  ? 193 ALA a C   1 
ATOM   967  O O   . ALA A 1 193 ? -3.920  -1.967  7.863   1.00 53.73  ? 193 ALA a O   1 
ATOM   968  C CB  . ALA A 1 193 ? -5.245  -4.885  6.938   1.00 53.73  ? 193 ALA a CB  1 
ATOM   969  N N   . LEU A 1 194 ? -4.791  -2.059  5.789   1.00 61.33  ? 194 LEU a N   1 
ATOM   970  C CA  . LEU A 1 194 ? -5.158  -0.649  5.713   1.00 61.33  ? 194 LEU a CA  1 
ATOM   971  C C   . LEU A 1 194 ? -6.675  -0.541  5.677   1.00 61.33  ? 194 LEU a C   1 
ATOM   972  O O   . LEU A 1 194 ? -7.319  -1.140  4.811   1.00 61.33  ? 194 LEU a O   1 
ATOM   973  C CB  . LEU A 1 194 ? -4.538  0.012   4.484   1.00 61.33  ? 194 LEU a CB  1 
ATOM   974  C CG  . LEU A 1 194 ? -5.065  1.394   4.097   1.00 61.33  ? 194 LEU a CG  1 
ATOM   975  C CD1 . LEU A 1 194 ? -4.699  2.431   5.148   1.00 61.33  ? 194 LEU a CD1 1 
ATOM   976  C CD2 . LEU A 1 194 ? -4.530  1.798   2.739   1.00 61.33  ? 194 LEU a CD2 1 
ATOM   977  N N   . CYS A 1 195 ? -7.239  0.222   6.611   1.00 72.12  ? 195 CYS a N   1 
ATOM   978  C CA  . CYS A 1 195 ? -8.682  0.310   6.793   1.00 72.12  ? 195 CYS a CA  1 
ATOM   979  C C   . CYS A 1 195 ? -9.135  1.760   6.716   1.00 72.12  ? 195 CYS a C   1 
ATOM   980  O O   . CYS A 1 195 ? -8.531  2.638   7.340   1.00 72.12  ? 195 CYS a O   1 
ATOM   981  C CB  . CYS A 1 195 ? -9.102  -0.297  8.133   1.00 72.12  ? 195 CYS a CB  1 
ATOM   982  S SG  . CYS A 1 195 ? -8.574  -2.001  8.368   1.00 72.12  ? 195 CYS a SG  1 
ATOM   983  N N   . LEU A 1 196 ? -10.206 2.000   5.961   1.00 79.00  ? 196 LEU a N   1 
ATOM   984  C CA  . LEU A 1 196 ? -10.814 3.319   5.825   1.00 79.00  ? 196 LEU a CA  1 
ATOM   985  C C   . LEU A 1 196 ? -12.224 3.252   6.384   1.00 79.00  ? 196 LEU a C   1 
ATOM   986  O O   . LEU A 1 196 ? -13.013 2.397   5.973   1.00 79.00  ? 196 LEU a O   1 
ATOM   987  C CB  . LEU A 1 196 ? -10.844 3.773   4.364   1.00 79.00  ? 196 LEU a CB  1 
ATOM   988  C CG  . LEU A 1 196 ? -9.521  4.076   3.665   1.00 79.00  ? 196 LEU a CG  1 
ATOM   989  C CD1 . LEU A 1 196 ? -9.758  4.220   2.183   1.00 79.00  ? 196 LEU a CD1 1 
ATOM   990  C CD2 . LEU A 1 196 ? -8.903  5.338   4.216   1.00 79.00  ? 196 LEU a CD2 1 
ATOM   991  N N   . ASP A 1 197 ? -12.544 4.153   7.307   1.00 88.03  ? 197 ASP a N   1 
ATOM   992  C CA  . ASP A 1 197 ? -13.850 4.181   7.960   1.00 88.03  ? 197 ASP a CA  1 
ATOM   993  C C   . ASP A 1 197 ? -14.636 5.385   7.457   1.00 88.03  ? 197 ASP a C   1 
ATOM   994  O O   . ASP A 1 197 ? -14.165 6.522   7.547   1.00 88.03  ? 197 ASP a O   1 
ATOM   995  C CB  . ASP A 1 197 ? -13.696 4.230   9.475   1.00 88.03  ? 197 ASP a CB  1 
ATOM   996  C CG  . ASP A 1 197 ? -13.799 2.867   10.110  1.00 88.03  ? 197 ASP a CG  1 
ATOM   997  O OD1 . ASP A 1 197 ? -13.010 2.586   11.033  1.00 88.03  ? 197 ASP a OD1 1 
ATOM   998  O OD2 . ASP A 1 197 ? -14.663 2.074   9.683   1.00 88.03  ? 197 ASP a OD2 1 
ATOM   999  N N   . PHE A 1 198 ? -15.833 5.136   6.936   1.00 96.07  ? 198 PHE a N   1 
ATOM   1000 C CA  . PHE A 1 198 ? -16.732 6.189   6.483   1.00 96.07  ? 198 PHE a CA  1 
ATOM   1001 C C   . PHE A 1 198 ? -17.877 6.333   7.478   1.00 96.07  ? 198 PHE a C   1 
ATOM   1002 O O   . PHE A 1 198 ? -18.405 5.332   7.972   1.00 96.07  ? 198 PHE a O   1 
ATOM   1003 C CB  . PHE A 1 198 ? -17.258 5.883   5.081   1.00 96.07  ? 198 PHE a CB  1 
ATOM   1004 C CG  . PHE A 1 198 ? -16.190 5.882   4.026   1.00 96.07  ? 198 PHE a CG  1 
ATOM   1005 C CD1 . PHE A 1 198 ? -15.564 7.060   3.658   1.00 96.07  ? 198 PHE a CD1 1 
ATOM   1006 C CD2 . PHE A 1 198 ? -15.807 4.705   3.408   1.00 96.07  ? 198 PHE a CD2 1 
ATOM   1007 C CE1 . PHE A 1 198 ? -14.580 7.064   2.689   1.00 96.07  ? 198 PHE a CE1 1 
ATOM   1008 C CE2 . PHE A 1 198 ? -14.824 4.705   2.439   1.00 96.07  ? 198 PHE a CE2 1 
ATOM   1009 C CZ  . PHE A 1 198 ? -14.211 5.885   2.080   1.00 96.07  ? 198 PHE a CZ  1 
ATOM   1010 N N   . ASP A 1 199 ? -18.260 7.580   7.766   1.00 105.86 ? 199 ASP a N   1 
ATOM   1011 C CA  . ASP A 1 199 ? -19.059 7.844   8.960   1.00 105.86 ? 199 ASP a CA  1 
ATOM   1012 C C   . ASP A 1 199 ? -20.559 7.792   8.685   1.00 105.86 ? 199 ASP a C   1 
ATOM   1013 O O   . ASP A 1 199 ? -21.295 7.086   9.384   1.00 105.86 ? 199 ASP a O   1 
ATOM   1014 C CB  . ASP A 1 199 ? -18.672 9.198   9.556   1.00 105.86 ? 199 ASP a CB  1 
ATOM   1015 C CG  . ASP A 1 199 ? -18.655 10.307  8.527   1.00 105.86 ? 199 ASP a CG  1 
ATOM   1016 O OD1 . ASP A 1 199 ? -17.572 10.879  8.289   1.00 105.86 ? 199 ASP a OD1 1 
ATOM   1017 O OD2 . ASP A 1 199 ? -19.722 10.609  7.957   1.00 105.86 ? 199 ASP a OD2 1 
ATOM   1018 N N   . ALA A 1 200 ? -21.033 8.529   7.684   1.00 113.09 ? 200 ALA a N   1 
ATOM   1019 C CA  . ALA A 1 200 ? -22.459 8.806   7.560   1.00 113.09 ? 200 ALA a CA  1 
ATOM   1020 C C   . ALA A 1 200 ? -23.252 7.553   7.217   1.00 113.09 ? 200 ALA a C   1 
ATOM   1021 O O   . ALA A 1 200 ? -22.766 6.661   6.517   1.00 113.09 ? 200 ALA a O   1 
ATOM   1022 C CB  . ALA A 1 200 ? -22.705 9.879   6.501   1.00 113.09 ? 200 ALA a CB  1 
ATOM   1023 N N   . GLN A 1 201 ? -24.484 7.496   7.719   1.00 121.62 ? 201 GLN a N   1 
ATOM   1024 C CA  . GLN A 1 201 ? -25.388 6.383   7.460   1.00 121.62 ? 201 GLN a CA  1 
ATOM   1025 C C   . GLN A 1 201 ? -26.763 6.886   7.024   1.00 121.62 ? 201 GLN a C   1 
ATOM   1026 O O   . GLN A 1 201 ? -27.736 6.755   7.779   1.00 121.62 ? 201 GLN a O   1 
ATOM   1027 C CB  . GLN A 1 201 ? -25.509 5.502   8.707   1.00 121.62 ? 201 GLN a CB  1 
ATOM   1028 C CG  . GLN A 1 201 ? -26.155 4.145   8.468   1.00 121.62 ? 201 GLN a CG  1 
ATOM   1029 C CD  . GLN A 1 201 ? -25.175 3.119   7.939   1.00 121.62 ? 201 GLN a CD  1 
ATOM   1030 O OE1 . GLN A 1 201 ? -23.962 3.278   8.069   1.00 121.62 ? 201 GLN a OE1 1 
ATOM   1031 N NE2 . GLN A 1 201 ? -25.698 2.056   7.337   1.00 121.62 ? 201 GLN a NE2 1 
ATOM   1032 N N   . PRO A 1 202 ? -26.887 7.482   5.839   1.00 125.14 ? 202 PRO a N   1 
ATOM   1033 C CA  . PRO A 1 202 ? -28.218 7.842   5.340   1.00 125.14 ? 202 PRO a CA  1 
ATOM   1034 C C   . PRO A 1 202 ? -28.861 6.675   4.610   1.00 125.14 ? 202 PRO a C   1 
ATOM   1035 O O   . PRO A 1 202 ? -28.185 5.852   3.989   1.00 125.14 ? 202 PRO a O   1 
ATOM   1036 C CB  . PRO A 1 202 ? -27.938 9.009   4.382   1.00 125.14 ? 202 PRO a CB  1 
ATOM   1037 C CG  . PRO A 1 202 ? -26.419 9.184   4.358   1.00 125.14 ? 202 PRO a CG  1 
ATOM   1038 C CD  . PRO A 1 202 ? -25.832 7.931   4.919   1.00 125.14 ? 202 PRO a CD  1 
ATOM   1039 N N   . GLU A 1 203 ? -30.193 6.604   4.698   1.00 128.16 ? 203 GLU a N   1 
ATOM   1040 C CA  . GLU A 1 203 ? -30.913 5.553   3.983   1.00 128.16 ? 203 GLU a CA  1 
ATOM   1041 C C   . GLU A 1 203 ? -30.683 5.666   2.482   1.00 128.16 ? 203 GLU a C   1 
ATOM   1042 O O   . GLU A 1 203 ? -30.162 4.736   1.855   1.00 128.16 ? 203 GLU a O   1 
ATOM   1043 C CB  . GLU A 1 203 ? -32.406 5.618   4.307   1.00 128.16 ? 203 GLU a CB  1 
ATOM   1044 C CG  . GLU A 1 203 ? -33.142 4.294   4.132   1.00 128.16 ? 203 GLU a CG  1 
ATOM   1045 C CD  . GLU A 1 203 ? -33.279 3.876   2.680   1.00 128.16 ? 203 GLU a CD  1 
ATOM   1046 O OE1 . GLU A 1 203 ? -34.097 4.486   1.961   1.00 128.16 ? 203 GLU a OE1 1 
ATOM   1047 O OE2 . GLU A 1 203 ? -32.566 2.941   2.259   1.00 128.16 ? 203 GLU a OE2 1 
ATOM   1048 N N   . GLY A 1 204 ? -31.066 6.792   1.888   1.00 126.24 ? 204 GLY a N   1 
ATOM   1049 C CA  . GLY A 1 204 ? -30.686 7.074   0.521   1.00 126.24 ? 204 GLY a CA  1 
ATOM   1050 C C   . GLY A 1 204 ? -29.248 7.541   0.486   1.00 126.24 ? 204 GLY a C   1 
ATOM   1051 O O   . GLY A 1 204 ? -28.919 8.590   1.049   1.00 126.24 ? 204 GLY a O   1 
ATOM   1052 N N   . SER A 1 205 ? -28.378 6.776   -0.161  1.00 121.97 ? 205 SER a N   1 
ATOM   1053 C CA  . SER A 1 205 ? -26.948 7.040   -0.087  1.00 121.97 ? 205 SER a CA  1 
ATOM   1054 C C   . SER A 1 205 ? -26.278 6.480   -1.336  1.00 121.97 ? 205 SER a C   1 
ATOM   1055 O O   . SER A 1 205 ? -26.937 6.172   -2.335  1.00 121.97 ? 205 SER a O   1 
ATOM   1056 C CB  . SER A 1 205 ? -26.354 6.446   1.194   1.00 121.97 ? 205 SER a CB  1 
ATOM   1057 O OG  . SER A 1 205 ? -27.001 5.230   1.535   1.00 121.97 ? 205 SER a OG  1 
ATOM   1058 N N   . LYS A 1 206 ? -24.955 6.361   -1.273  1.00 114.00 ? 206 LYS a N   1 
ATOM   1059 C CA  . LYS A 1 206 ? -24.140 5.844   -2.363  1.00 114.00 ? 206 LYS a CA  1 
ATOM   1060 C C   . LYS A 1 206 ? -22.789 5.431   -1.800  1.00 114.00 ? 206 LYS a C   1 
ATOM   1061 O O   . LYS A 1 206 ? -22.181 6.188   -1.037  1.00 114.00 ? 206 LYS a O   1 
ATOM   1062 C CB  . LYS A 1 206 ? -23.981 6.892   -3.471  1.00 114.00 ? 206 LYS a CB  1 
ATOM   1063 C CG  . LYS A 1 206 ? -23.389 6.394   -4.804  1.00 114.00 ? 206 LYS a CG  1 
ATOM   1064 C CD  . LYS A 1 206 ? -23.939 5.063   -5.347  1.00 114.00 ? 206 LYS a CD  1 
ATOM   1065 C CE  . LYS A 1 206 ? -25.459 4.937   -5.276  1.00 114.00 ? 206 LYS a CE  1 
ATOM   1066 N NZ  . LYS A 1 206 ? -25.912 3.595   -5.734  1.00 114.00 ? 206 LYS a NZ  1 
ATOM   1067 N N   . ASN A 1 207 ? -22.323 4.240   -2.156  1.00 105.75 ? 207 ASN a N   1 
ATOM   1068 C CA  . ASN A 1 207 ? -21.121 3.684   -1.542  1.00 105.75 ? 207 ASN a CA  1 
ATOM   1069 C C   . ASN A 1 207 ? -19.923 4.593   -1.791  1.00 105.75 ? 207 ASN a C   1 
ATOM   1070 O O   . ASN A 1 207 ? -19.525 4.784   -2.946  1.00 105.75 ? 207 ASN a O   1 
ATOM   1071 C CB  . ASN A 1 207 ? -20.847 2.287   -2.090  1.00 105.75 ? 207 ASN a CB  1 
ATOM   1072 C CG  . ASN A 1 207 ? -21.856 1.267   -1.608  1.00 105.75 ? 207 ASN a CG  1 
ATOM   1073 O OD1 . ASN A 1 207 ? -22.130 0.278   -2.287  1.00 105.75 ? 207 ASN a OD1 1 
ATOM   1074 N ND2 . ASN A 1 207 ? -22.418 1.504   -0.429  1.00 105.75 ? 207 ASN a ND2 1 
ATOM   1075 N N   . PRO A 1 208 ? -19.332 5.174   -0.748  1.00 99.13  ? 208 PRO a N   1 
ATOM   1076 C CA  . PRO A 1 208 ? -18.186 6.070   -0.954  1.00 99.13  ? 208 PRO a CA  1 
ATOM   1077 C C   . PRO A 1 208 ? -16.975 5.306   -1.469  1.00 99.13  ? 208 PRO a C   1 
ATOM   1078 O O   . PRO A 1 208 ? -16.414 4.457   -0.774  1.00 99.13  ? 208 PRO a O   1 
ATOM   1079 C CB  . PRO A 1 208 ? -17.933 6.650   0.443   1.00 99.13  ? 208 PRO a CB  1 
ATOM   1080 C CG  . PRO A 1 208 ? -19.209 6.438   1.186   1.00 99.13  ? 208 PRO a CG  1 
ATOM   1081 C CD  . PRO A 1 208 ? -19.787 5.173   0.651   1.00 99.13  ? 208 PRO a CD  1 
ATOM   1082 N N   . SER A 1 209 ? -16.567 5.626   -2.691  1.00 91.86  ? 209 SER a N   1 
ATOM   1083 C CA  . SER A 1 209 ? -15.429 4.987   -3.326  1.00 91.86  ? 209 SER a CA  1 
ATOM   1084 C C   . SER A 1 209 ? -14.150 5.751   -2.999  1.00 91.86  ? 209 SER a C   1 
ATOM   1085 O O   . SER A 1 209 ? -14.174 6.858   -2.459  1.00 91.86  ? 209 SER a O   1 
ATOM   1086 C CB  . SER A 1 209 ? -15.650 4.896   -4.838  1.00 91.86  ? 209 SER a CB  1 
ATOM   1087 O OG  . SER A 1 209 ? -16.702 3.999   -5.141  1.00 91.86  ? 209 SER a OG  1 
ATOM   1088 N N   . TYR A 1 210 ? -13.014 5.139   -3.330  1.00 82.57  ? 210 TYR a N   1 
ATOM   1089 C CA  . TYR A 1 210 ? -11.712 5.756   -3.124  1.00 82.57  ? 210 TYR a CA  1 
ATOM   1090 C C   . TYR A 1 210 ? -10.765 5.250   -4.200  1.00 82.57  ? 210 TYR a C   1 
ATOM   1091 O O   . TYR A 1 210 ? -10.990 4.202   -4.809  1.00 82.57  ? 210 TYR a O   1 
ATOM   1092 C CB  . TYR A 1 210 ? -11.153 5.475   -1.721  1.00 82.57  ? 210 TYR a CB  1 
ATOM   1093 C CG  . TYR A 1 210 ? -11.124 4.015   -1.314  1.00 82.57  ? 210 TYR a CG  1 
ATOM   1094 C CD1 . TYR A 1 210 ? -9.925  3.320   -1.240  1.00 82.57  ? 210 TYR a CD1 1 
ATOM   1095 C CD2 . TYR A 1 210 ? -12.290 3.342   -0.973  1.00 82.57  ? 210 TYR a CD2 1 
ATOM   1096 C CE1 . TYR A 1 210 ? -9.893  1.993   -0.860  1.00 82.57  ? 210 TYR a CE1 1 
ATOM   1097 C CE2 . TYR A 1 210 ? -12.265 2.018   -0.598  1.00 82.57  ? 210 TYR a CE2 1 
ATOM   1098 C CZ  . TYR A 1 210 ? -11.065 1.349   -0.540  1.00 82.57  ? 210 TYR a CZ  1 
ATOM   1099 O OH  . TYR A 1 210 ? -11.041 0.028   -0.162  1.00 82.57  ? 210 TYR a OH  1 
ATOM   1100 N N   . ARG A 1 211 ? -9.698  6.011   -4.430  1.00 71.91  ? 211 ARG a N   1 
ATOM   1101 C CA  . ARG A 1 211 ? -8.820  5.774   -5.567  1.00 71.91  ? 211 ARG a CA  1 
ATOM   1102 C C   . ARG A 1 211 ? -7.374  6.031   -5.177  1.00 71.91  ? 211 ARG a C   1 
ATOM   1103 O O   . ARG A 1 211 ? -7.058  7.087   -4.621  1.00 71.91  ? 211 ARG a O   1 
ATOM   1104 C CB  . ARG A 1 211 ? -9.215  6.666   -6.748  1.00 71.91  ? 211 ARG a CB  1 
ATOM   1105 C CG  . ARG A 1 211 ? -8.275  6.611   -7.937  1.00 71.91  ? 211 ARG a CG  1 
ATOM   1106 C CD  . ARG A 1 211 ? -8.719  7.587   -9.010  1.00 71.91  ? 211 ARG a CD  1 
ATOM   1107 N NE  . ARG A 1 211 ? -8.047  7.360   -10.286 1.00 71.91  ? 211 ARG a NE  1 
ATOM   1108 C CZ  . ARG A 1 211 ? -6.972  8.027   -10.692 1.00 71.91  ? 211 ARG a CZ  1 
ATOM   1109 N NH1 . ARG A 1 211 ? -6.440  8.965   -9.921  1.00 71.91  ? 211 ARG a NH1 1 
ATOM   1110 N NH2 . ARG A 1 211 ? -6.427  7.757   -11.870 1.00 71.91  ? 211 ARG a NH2 1 
ATOM   1111 N N   . PHE A 1 212 ? -6.503  5.074   -5.482  1.00 63.03  ? 212 PHE a N   1 
ATOM   1112 C CA  . PHE A 1 212 ? -5.079  5.224   -5.223  1.00 63.03  ? 212 PHE a CA  1 
ATOM   1113 C C   . PHE A 1 212 ? -4.408  5.924   -6.397  1.00 63.03  ? 212 PHE a C   1 
ATOM   1114 O O   . PHE A 1 212 ? -4.609  5.545   -7.554  1.00 63.03  ? 212 PHE a O   1 
ATOM   1115 C CB  . PHE A 1 212 ? -4.432  3.859   -4.981  1.00 63.03  ? 212 PHE a CB  1 
ATOM   1116 C CG  . PHE A 1 212 ? -4.944  3.153   -3.760  1.00 63.03  ? 212 PHE a CG  1 
ATOM   1117 C CD1 . PHE A 1 212 ? -4.388  3.400   -2.519  1.00 63.03  ? 212 PHE a CD1 1 
ATOM   1118 C CD2 . PHE A 1 212 ? -5.980  2.244   -3.854  1.00 63.03  ? 212 PHE a CD2 1 
ATOM   1119 C CE1 . PHE A 1 212 ? -4.856  2.757   -1.398  1.00 63.03  ? 212 PHE a CE1 1 
ATOM   1120 C CE2 . PHE A 1 212 ? -6.453  1.597   -2.733  1.00 63.03  ? 212 PHE a CE2 1 
ATOM   1121 C CZ  . PHE A 1 212 ? -5.888  1.852   -1.505  1.00 63.03  ? 212 PHE a CZ  1 
ATOM   1122 N N   . ASN A 1 213 ? -3.606  6.943   -6.098  1.00 60.33  ? 213 ASN a N   1 
ATOM   1123 C CA  . ASN A 1 213 ? -2.919  7.715   -7.122  1.00 60.33  ? 213 ASN a CA  1 
ATOM   1124 C C   . ASN A 1 213 ? -1.444  7.376   -7.260  1.00 60.33  ? 213 ASN a C   1 
ATOM   1125 O O   . ASN A 1 213 ? -0.894  7.526   -8.350  1.00 60.33  ? 213 ASN a O   1 
ATOM   1126 C CB  . ASN A 1 213 ? -3.052  9.217   -6.837  1.00 60.33  ? 213 ASN a CB  1 
ATOM   1127 C CG  . ASN A 1 213 ? -4.492  9.652   -6.636  1.00 60.33  ? 213 ASN a CG  1 
ATOM   1128 O OD1 . ASN A 1 213 ? -5.409  9.122   -7.263  1.00 60.33  ? 213 ASN a OD1 1 
ATOM   1129 N ND2 . ASN A 1 213 ? -4.696  10.625  -5.760  1.00 60.33  ? 213 ASN a ND2 1 
ATOM   1130 N N   . GLU A 1 214 ? -0.795  6.924   -6.190  1.00 52.41  ? 214 GLU a N   1 
ATOM   1131 C CA  . GLU A 1 214 ? 0.623   6.596   -6.229  1.00 52.41  ? 214 GLU a CA  1 
ATOM   1132 C C   . GLU A 1 214 ? 0.932   5.597   -5.126  1.00 52.41  ? 214 GLU a C   1 
ATOM   1133 O O   . GLU A 1 214 ? 0.400   5.706   -4.020  1.00 52.41  ? 214 GLU a O   1 
ATOM   1134 C CB  . GLU A 1 214 ? 1.491   7.850   -6.064  1.00 52.41  ? 214 GLU a CB  1 
ATOM   1135 C CG  . GLU A 1 214 ? 1.922   8.503   -7.365  1.00 52.41  ? 214 GLU a CG  1 
ATOM   1136 C CD  . GLU A 1 214 ? 2.490   9.892   -7.158  1.00 52.41  ? 214 GLU a CD  1 
ATOM   1137 O OE1 . GLU A 1 214 ? 1.913   10.651  -6.357  1.00 52.41  ? 214 GLU a OE1 1 
ATOM   1138 O OE2 . GLU A 1 214 ? 3.514   10.228  -7.787  1.00 52.41  ? 214 GLU a OE2 1 
ATOM   1139 N N   . VAL A 1 215 ? 1.782   4.619   -5.438  1.00 38.32  ? 215 VAL a N   1 
ATOM   1140 C CA  . VAL A 1 215 ? 2.312   3.675   -4.458  1.00 38.32  ? 215 VAL a CA  1 
ATOM   1141 C C   . VAL A 1 215 ? 3.793   3.481   -4.748  1.00 38.32  ? 215 VAL a C   1 
ATOM   1142 O O   . VAL A 1 215 ? 4.173   3.209   -5.890  1.00 38.32  ? 215 VAL a O   1 
ATOM   1143 C CB  . VAL A 1 215 ? 1.583   2.315   -4.480  1.00 38.32  ? 215 VAL a CB  1 
ATOM   1144 C CG1 . VAL A 1 215 ? 1.990   1.485   -3.280  1.00 38.32  ? 215 VAL a CG1 1 
ATOM   1145 C CG2 . VAL A 1 215 ? 0.080   2.490   -4.496  1.00 38.32  ? 215 VAL a CG2 1 
ATOM   1146 N N   . TRP A 1 216 ? 4.626   3.617   -3.722  1.00 34.96  ? 216 TRP a N   1 
ATOM   1147 C CA  . TRP A 1 216 ? 6.067   3.477   -3.856  1.00 34.96  ? 216 TRP a CA  1 
ATOM   1148 C C   . TRP A 1 216 ? 6.605   2.541   -2.781  1.00 34.96  ? 216 TRP a C   1 
ATOM   1149 O O   . TRP A 1 216 ? 6.052   2.452   -1.687  1.00 34.96  ? 216 TRP a O   1 
ATOM   1150 C CB  . TRP A 1 216 ? 6.769   4.835   -3.755  1.00 34.96  ? 216 TRP a CB  1 
ATOM   1151 C CG  . TRP A 1 216 ? 6.452   5.776   -4.879  1.00 34.96  ? 216 TRP a CG  1 
ATOM   1152 C CD1 . TRP A 1 216 ? 5.304   6.493   -5.052  1.00 34.96  ? 216 TRP a CD1 1 
ATOM   1153 C CD2 . TRP A 1 216 ? 7.301   6.111   -5.981  1.00 34.96  ? 216 TRP a CD2 1 
ATOM   1154 N NE1 . TRP A 1 216 ? 5.382   7.247   -6.194  1.00 34.96  ? 216 TRP a NE1 1 
ATOM   1155 C CE2 . TRP A 1 216 ? 6.599   7.032   -6.784  1.00 34.96  ? 216 TRP a CE2 1 
ATOM   1156 C CE3 . TRP A 1 216 ? 8.585   5.723   -6.369  1.00 34.96  ? 216 TRP a CE3 1 
ATOM   1157 C CZ2 . TRP A 1 216 ? 7.141   7.569   -7.950  1.00 34.96  ? 216 TRP a CZ2 1 
ATOM   1158 C CZ3 . TRP A 1 216 ? 9.118   6.253   -7.525  1.00 34.96  ? 216 TRP a CZ3 1 
ATOM   1159 C CH2 . TRP A 1 216 ? 8.398   7.167   -8.301  1.00 34.96  ? 216 TRP a CH2 1 
ATOM   1160 N N   . VAL A 1 217 ? 7.698   1.845   -3.105  1.00 30.20  ? 217 VAL a N   1 
ATOM   1161 C CA  . VAL A 1 217 ? 8.376   0.941   -2.184  1.00 30.20  ? 217 VAL a CA  1 
ATOM   1162 C C   . VAL A 1 217 ? 9.875   1.179   -2.296  1.00 30.20  ? 217 VAL a C   1 
ATOM   1163 O O   . VAL A 1 217 ? 10.392  1.495   -3.369  1.00 30.20  ? 217 VAL a O   1 
ATOM   1164 C CB  . VAL A 1 217 ? 8.029   -0.544  -2.467  1.00 30.20  ? 217 VAL a CB  1 
ATOM   1165 C CG1 . VAL A 1 217 ? 8.854   -1.478  -1.610  1.00 30.20  ? 217 VAL a CG1 1 
ATOM   1166 C CG2 . VAL A 1 217 ? 6.567   -0.805  -2.205  1.00 30.20  ? 217 VAL a CG2 1 
ATOM   1167 N N   . GLU A 1 218 ? 10.576  1.039   -1.177  1.00 29.57  ? 218 GLU a N   1 
ATOM   1168 C CA  . GLU A 1 218 ? 12.024  1.193   -1.125  1.00 29.57  ? 218 GLU a CA  1 
ATOM   1169 C C   . GLU A 1 218 ? 12.671  -0.179  -0.944  1.00 29.57  ? 218 GLU a C   1 
ATOM   1170 O O   . GLU A 1 218 ? 12.352  -0.899  0.005   1.00 29.57  ? 218 GLU a O   1 
ATOM   1171 C CB  . GLU A 1 218 ? 12.412  2.143   0.003   1.00 29.57  ? 218 GLU a CB  1 
ATOM   1172 C CG  . GLU A 1 218 ? 13.809  2.682   -0.089  1.00 29.57  ? 218 GLU a CG  1 
ATOM   1173 C CD  . GLU A 1 218 ? 14.228  3.358   1.185   1.00 29.57  ? 218 GLU a CD  1 
ATOM   1174 O OE1 . GLU A 1 218 ? 15.408  3.730   1.315   1.00 29.57  ? 218 GLU a OE1 1 
ATOM   1175 O OE2 . GLU A 1 218 ? 13.367  3.517   2.068   1.00 29.57  ? 218 GLU a OE2 1 
ATOM   1176 N N   . ARG A 1 219 ? 13.582  -0.532  -1.852  1.00 29.66  ? 219 ARG a N   1 
ATOM   1177 C CA  . ARG A 1 219 ? 14.180  -1.859  -1.946  1.00 29.66  ? 219 ARG a CA  1 
ATOM   1178 C C   . ARG A 1 219 ? 15.697  -1.740  -1.962  1.00 29.66  ? 219 ARG a C   1 
ATOM   1179 O O   . ARG A 1 219 ? 16.258  -0.658  -1.814  1.00 29.66  ? 219 ARG a O   1 
ATOM   1180 C CB  . ARG A 1 219 ? 13.727  -2.592  -3.211  1.00 29.66  ? 219 ARG a CB  1 
ATOM   1181 C CG  . ARG A 1 219 ? 12.282  -2.978  -3.265  1.00 29.66  ? 219 ARG a CG  1 
ATOM   1182 C CD  . ARG A 1 219 ? 11.935  -3.424  -4.669  1.00 29.66  ? 219 ARG a CD  1 
ATOM   1183 N NE  . ARG A 1 219 ? 12.680  -4.614  -5.062  1.00 29.66  ? 219 ARG a NE  1 
ATOM   1184 C CZ  . ARG A 1 219 ? 12.330  -5.424  -6.052  1.00 29.66  ? 219 ARG a CZ  1 
ATOM   1185 N NH1 . ARG A 1 219 ? 11.245  -5.174  -6.763  1.00 29.66  ? 219 ARG a NH1 1 
ATOM   1186 N NH2 . ARG A 1 219 ? 13.069  -6.481  -6.334  1.00 29.66  ? 219 ARG a NH2 1 
ATOM   1187 N N   . LYS A 1 220 ? 16.360  -2.875  -2.147  1.00 34.29  ? 220 LYS a N   1 
ATOM   1188 C CA  . LYS A 1 220 ? 17.786  -2.900  -2.428  1.00 34.29  ? 220 LYS a CA  1 
ATOM   1189 C C   . LYS A 1 220 ? 18.034  -2.529  -3.888  1.00 34.29  ? 220 LYS a C   1 
ATOM   1190 O O   . LYS A 1 220 ? 17.186  -2.744  -4.755  1.00 34.29  ? 220 LYS a O   1 
ATOM   1191 C CB  . LYS A 1 220 ? 18.367  -4.283  -2.133  1.00 34.29  ? 220 LYS a CB  1 
ATOM   1192 C CG  . LYS A 1 220 ? 19.633  -4.285  -1.304  1.00 34.29  ? 220 LYS a CG  1 
ATOM   1193 C CD  . LYS A 1 220 ? 19.426  -3.580  0.016   1.00 34.29  ? 220 LYS a CD  1 
ATOM   1194 C CE  . LYS A 1 220 ? 20.737  -3.407  0.760   1.00 34.29  ? 220 LYS a CE  1 
ATOM   1195 N NZ  . LYS A 1 220 ? 20.734  -2.193  1.620   1.00 34.29  ? 220 LYS a NZ  1 
ATOM   1196 N N   . ALA A 1 221 ? 19.213  -1.974  -4.153  1.00 33.04  ? 221 ALA a N   1 
ATOM   1197 C CA  . ALA A 1 221 ? 19.508  -1.425  -5.471  1.00 33.04  ? 221 ALA a CA  1 
ATOM   1198 C C   . ALA A 1 221 ? 19.667  -2.527  -6.514  1.00 33.04  ? 221 ALA a C   1 
ATOM   1199 O O   . ALA A 1 221 ? 20.407  -3.492  -6.307  1.00 33.04  ? 221 ALA a O   1 
ATOM   1200 C CB  . ALA A 1 221 ? 20.772  -0.575  -5.416  1.00 33.04  ? 221 ALA a CB  1 
ATOM   1201 N N   . PHE A 1 222 ? 18.975  -2.374  -7.635  1.00 32.36  ? 222 PHE a N   1 
ATOM   1202 C CA  . PHE A 1 222 ? 19.095  -3.228  -8.805  1.00 32.36  ? 222 PHE a CA  1 
ATOM   1203 C C   . PHE A 1 222 ? 19.374  -2.367  -10.027 1.00 32.36  ? 222 PHE a C   1 
ATOM   1204 O O   . PHE A 1 222 ? 19.105  -1.161  -10.017 1.00 32.36  ? 222 PHE a O   1 
ATOM   1205 C CB  . PHE A 1 222 ? 17.825  -4.068  -9.013  1.00 32.36  ? 222 PHE a CB  1 
ATOM   1206 C CG  . PHE A 1 222 ? 16.560  -3.272  -9.065  1.00 32.36  ? 222 PHE a CG  1 
ATOM   1207 C CD1 . PHE A 1 222 ? 16.134  -2.694  -10.246 1.00 32.36  ? 222 PHE a CD1 1 
ATOM   1208 C CD2 . PHE A 1 222 ? 15.778  -3.122  -7.936  1.00 32.36  ? 222 PHE a CD2 1 
ATOM   1209 C CE1 . PHE A 1 222 ? 14.965  -1.970  -10.296 1.00 32.36  ? 222 PHE a CE1 1 
ATOM   1210 C CE2 . PHE A 1 222 ? 14.610  -2.402  -7.982  1.00 32.36  ? 222 PHE a CE2 1 
ATOM   1211 C CZ  . PHE A 1 222 ? 14.203  -1.824  -9.163  1.00 32.36  ? 222 PHE a CZ  1 
ATOM   1212 N N   . PRO A 1 223 ? 19.924  -2.947  -11.096 1.00 32.54  ? 223 PRO a N   1 
ATOM   1213 C CA  . PRO A 1 223 ? 20.326  -2.139  -12.255 1.00 32.54  ? 223 PRO a CA  1 
ATOM   1214 C C   . PRO A 1 223 ? 19.147  -1.603  -13.058 1.00 32.54  ? 223 PRO a C   1 
ATOM   1215 O O   . PRO A 1 223 ? 18.043  -2.153  -13.052 1.00 32.54  ? 223 PRO a O   1 
ATOM   1216 C CB  . PRO A 1 223 ? 21.163  -3.112  -13.094 1.00 32.54  ? 223 PRO a CB  1 
ATOM   1217 C CG  . PRO A 1 223 ? 20.741  -4.461  -12.654 1.00 32.54  ? 223 PRO a CG  1 
ATOM   1218 C CD  . PRO A 1 223 ? 20.418  -4.333  -11.203 1.00 32.54  ? 223 PRO a CD  1 
ATOM   1219 N N   . ARG A 1 224 ? 19.417  -0.516  -13.783 1.00 31.76  ? 224 ARG a N   1 
ATOM   1220 C CA  . ARG A 1 224 ? 18.400  0.169   -14.573 1.00 31.76  ? 224 ARG a CA  1 
ATOM   1221 C C   . ARG A 1 224 ? 18.010  -0.636  -15.808 1.00 31.76  ? 224 ARG a C   1 
ATOM   1222 O O   . ARG A 1 224 ? 18.808  -1.394  -16.364 1.00 31.76  ? 224 ARG a O   1 
ATOM   1223 C CB  . ARG A 1 224 ? 18.899  1.542   -15.022 1.00 31.76  ? 224 ARG a CB  1 
ATOM   1224 C CG  . ARG A 1 224 ? 19.130  2.564   -13.935 1.00 31.76  ? 224 ARG a CG  1 
ATOM   1225 C CD  . ARG A 1 224 ? 18.811  3.960   -14.450 1.00 31.76  ? 224 ARG a CD  1 
ATOM   1226 N NE  . ARG A 1 224 ? 19.714  4.978   -13.921 1.00 31.76  ? 224 ARG a NE  1 
ATOM   1227 C CZ  . ARG A 1 224 ? 19.443  6.279   -13.900 1.00 31.76  ? 224 ARG a CZ  1 
ATOM   1228 N NH1 . ARG A 1 224 ? 18.294  6.729   -14.379 1.00 31.76  ? 224 ARG a NH1 1 
ATOM   1229 N NH2 . ARG A 1 224 ? 20.326  7.131   -13.406 1.00 31.76  ? 224 ARG a NH2 1 
ATOM   1230 N N   . ALA A 1 225 ? 16.775  -0.433  -16.255 1.00 35.12  ? 225 ALA a N   1 
ATOM   1231 C CA  . ALA A 1 225 ? 16.261  -1.150  -17.412 1.00 35.12  ? 225 ALA a CA  1 
ATOM   1232 C C   . ALA A 1 225 ? 16.929  -0.688  -18.706 1.00 35.12  ? 225 ALA a C   1 
ATOM   1233 O O   . ALA A 1 225 ? 17.310  0.476   -18.859 1.00 35.12  ? 225 ALA a O   1 
ATOM   1234 C CB  . ALA A 1 225 ? 14.750  -0.962  -17.517 1.00 35.12  ? 225 ALA a CB  1 
ATOM   1235 N N   . GLY A 1 226 ? 17.062  -1.620  -19.647 1.00 40.90  ? 226 GLY a N   1 
ATOM   1236 C CA  . GLY A 1 226 ? 17.590  -1.332  -20.960 1.00 40.90  ? 226 GLY a CA  1 
ATOM   1237 C C   . GLY A 1 226 ? 16.822  -2.062  -22.041 1.00 40.90  ? 226 GLY a C   1 
ATOM   1238 O O   . GLY A 1 226 ? 15.814  -2.718  -21.773 1.00 40.90  ? 226 GLY a O   1 
ATOM   1239 N N   . PRO A 1 227 ? 17.272  -1.957  -23.289 1.00 41.63  ? 227 PRO a N   1 
ATOM   1240 C CA  . PRO A 1 227 ? 16.666  -2.743  -24.368 1.00 41.63  ? 227 PRO a CA  1 
ATOM   1241 C C   . PRO A 1 227 ? 17.343  -4.092  -24.561 1.00 41.63  ? 227 PRO a C   1 
ATOM   1242 O O   . PRO A 1 227 ? 18.526  -4.281  -24.273 1.00 41.63  ? 227 PRO a O   1 
ATOM   1243 C CB  . PRO A 1 227 ? 16.859  -1.842  -25.596 1.00 41.63  ? 227 PRO a CB  1 
ATOM   1244 C CG  . PRO A 1 227 ? 18.082  -1.049  -25.290 1.00 41.63  ? 227 PRO a CG  1 
ATOM   1245 C CD  . PRO A 1 227 ? 18.222  -0.951  -23.797 1.00 41.63  ? 227 PRO a CD  1 
ATOM   1246 N N   . LEU A 1 228 ? 16.560  -5.046  -25.060 1.00 49.82  ? 228 LEU a N   1 
ATOM   1247 C CA  . LEU A 1 228 ? 17.036  -6.413  -25.240 1.00 49.82  ? 228 LEU a CA  1 
ATOM   1248 C C   . LEU A 1 228 ? 17.729  -6.583  -26.586 1.00 49.82  ? 228 LEU a C   1 
ATOM   1249 O O   . LEU A 1 228 ? 17.281  -6.047  -27.602 1.00 49.82  ? 228 LEU a O   1 
ATOM   1250 C CB  . LEU A 1 228 ? 15.873  -7.402  -25.135 1.00 49.82  ? 228 LEU a CB  1 
ATOM   1251 C CG  . LEU A 1 228 ? 15.170  -7.566  -23.784 1.00 49.82  ? 228 LEU a CG  1 
ATOM   1252 C CD1 . LEU A 1 228 ? 13.773  -8.120  -23.985 1.00 49.82  ? 228 LEU a CD1 1 
ATOM   1253 C CD2 . LEU A 1 228 ? 15.968  -8.457  -22.854 1.00 49.82  ? 228 LEU a CD2 1 
ATOM   1254 N N   . ARG A 1 229 ? 18.824  -7.350  -26.587 1.00 52.76  ? 229 ARG a N   1 
ATOM   1255 C CA  . ARG A 1 229 ? 19.568  -7.593  -27.821 1.00 52.76  ? 229 ARG a CA  1 
ATOM   1256 C C   . ARG A 1 229 ? 18.704  -8.250  -28.887 1.00 52.76  ? 229 ARG a C   1 
ATOM   1257 O O   . ARG A 1 229 ? 18.898  -8.003  -30.082 1.00 52.76  ? 229 ARG a O   1 
ATOM   1258 C CB  . ARG A 1 229 ? 20.789  -8.461  -27.540 1.00 52.76  ? 229 ARG a CB  1 
ATOM   1259 C CG  . ARG A 1 229 ? 21.507  -8.111  -26.268 1.00 52.76  ? 229 ARG a CG  1 
ATOM   1260 C CD  . ARG A 1 229 ? 22.895  -8.704  -26.254 1.00 52.76  ? 229 ARG a CD  1 
ATOM   1261 N NE  . ARG A 1 229 ? 23.653  -8.273  -25.086 1.00 52.76  ? 229 ARG a NE  1 
ATOM   1262 C CZ  . ARG A 1 229 ? 24.969  -8.402  -24.961 1.00 52.76  ? 229 ARG a CZ  1 
ATOM   1263 N NH1 . ARG A 1 229 ? 25.678  -8.951  -25.938 1.00 52.76  ? 229 ARG a NH1 1 
ATOM   1264 N NH2 . ARG A 1 229 ? 25.577  -7.982  -23.862 1.00 52.76  ? 229 ARG a NH2 1 
ATOM   1265 N N   . SER A 1 230 ? 17.748  -9.083  -28.479 1.00 52.66  ? 230 SER a N   1 
ATOM   1266 C CA  . SER A 1 230 ? 16.857  -9.752  -29.417 1.00 52.66  ? 230 SER a CA  1 
ATOM   1267 C C   . SER A 1 230 ? 15.994  -8.784  -30.213 1.00 52.66  ? 230 SER a C   1 
ATOM   1268 O O   . SER A 1 230 ? 15.283  -9.223  -31.121 1.00 52.66  ? 230 SER a O   1 
ATOM   1269 C CB  . SER A 1 230 ? 15.964  -10.732 -28.661 1.00 52.66  ? 230 SER a CB  1 
ATOM   1270 O OG  . SER A 1 230 ? 16.404  -10.878 -27.323 1.00 52.66  ? 230 SER a OG  1 
ATOM   1271 N N   . LEU A 1 231 ? 16.025  -7.492  -29.887 1.00 52.43  ? 231 LEU a N   1 
ATOM   1272 C CA  . LEU A 1 231 ? 15.231  -6.519  -30.627 1.00 52.43  ? 231 LEU a CA  1 
ATOM   1273 C C   . LEU A 1 231 ? 15.812  -6.250  -32.007 1.00 52.43  ? 231 LEU a C   1 
ATOM   1274 O O   . LEU A 1 231 ? 15.079  -5.867  -32.923 1.00 52.43  ? 231 LEU a O   1 
ATOM   1275 C CB  . LEU A 1 231 ? 15.140  -5.213  -29.840 1.00 52.43  ? 231 LEU a CB  1 
ATOM   1276 C CG  . LEU A 1 231 ? 13.952  -5.018  -28.904 1.00 52.43  ? 231 LEU a CG  1 
ATOM   1277 C CD1 . LEU A 1 231 ? 14.007  -3.637  -28.282 1.00 52.43  ? 231 LEU a CD1 1 
ATOM   1278 C CD2 . LEU A 1 231 ? 12.648  -5.223  -29.647 1.00 52.43  ? 231 LEU a CD2 1 
ATOM   1279 N N   . ILE A 1 232 ? 17.116  -6.449  -32.173 1.00 53.36  ? 232 ILE a N   1 
ATOM   1280 C CA  . ILE A 1 232 ? 17.826  -6.043  -33.378 1.00 53.36  ? 232 ILE a CA  1 
ATOM   1281 C C   . ILE A 1 232 ? 17.910  -7.241  -34.317 1.00 53.36  ? 232 ILE a C   1 
ATOM   1282 O O   . ILE A 1 232 ? 18.569  -8.239  -34.014 1.00 53.36  ? 232 ILE a O   1 
ATOM   1283 C CB  . ILE A 1 232 ? 19.219  -5.498  -33.043 1.00 53.36  ? 232 ILE a CB  1 
ATOM   1284 C CG1 . ILE A 1 232 ? 19.099  -4.148  -32.332 1.00 53.36  ? 232 ILE a CG1 1 
ATOM   1285 C CG2 . ILE A 1 232 ? 20.058  -5.366  -34.298 1.00 53.36  ? 232 ILE a CG2 1 
ATOM   1286 C CD1 . ILE A 1 232 ? 20.376  -3.689  -31.686 1.00 53.36  ? 232 ILE a CD1 1 
ATOM   1287 N N   . THR A 1 233 ? 17.242  -7.140  -35.465 1.00 58.26  ? 233 THR a N   1 
ATOM   1288 C CA  . THR A 1 233 ? 17.267  -8.174  -36.491 1.00 58.26  ? 233 THR a CA  1 
ATOM   1289 C C   . THR A 1 233 ? 18.119  -7.781  -37.693 1.00 58.26  ? 233 THR a C   1 
ATOM   1290 O O   . THR A 1 233 ? 19.008  -8.535  -38.093 1.00 58.26  ? 233 THR a O   1 
ATOM   1291 C CB  . THR A 1 233 ? 15.839  -8.500  -36.945 1.00 58.26  ? 233 THR a CB  1 
ATOM   1292 O OG1 . THR A 1 233 ? 15.352  -7.459  -37.797 1.00 58.26  ? 233 THR a OG1 1 
ATOM   1293 C CG2 . THR A 1 233 ? 14.924  -8.627  -35.745 1.00 58.26  ? 233 THR a CG2 1 
ATOM   1294 N N   . VAL A 1 234 ? 17.871  -6.608  -38.273 1.00 59.11  ? 234 VAL a N   1 
ATOM   1295 C CA  . VAL A 1 234 ? 18.680  -6.092  -39.372 1.00 59.11  ? 234 VAL a CA  1 
ATOM   1296 C C   . VAL A 1 234 ? 20.007  -5.603  -38.808 1.00 59.11  ? 234 VAL a C   1 
ATOM   1297 O O   . VAL A 1 234 ? 20.155  -5.445  -37.593 1.00 59.11  ? 234 VAL a O   1 
ATOM   1298 C CB  . VAL A 1 234 ? 17.943  -4.970  -40.126 1.00 59.11  ? 234 VAL a CB  1 
ATOM   1299 C CG1 . VAL A 1 234 ? 18.502  -4.800  -41.527 1.00 59.11  ? 234 VAL a CG1 1 
ATOM   1300 C CG2 . VAL A 1 234 ? 16.454  -5.259  -40.180 1.00 59.11  ? 234 VAL a CG2 1 
ATOM   1301 N N   . GLY A 1 235 ? 20.986  -5.367  -39.682 1.00 61.14  ? 235 GLY a N   1 
ATOM   1302 C CA  . GLY A 1 235 ? 22.284  -4.894  -39.250 1.00 61.14  ? 235 GLY a CA  1 
ATOM   1303 C C   . GLY A 1 235 ? 22.893  -3.990  -40.298 1.00 61.14  ? 235 GLY a C   1 
ATOM   1304 O O   . GLY A 1 235 ? 22.303  -3.737  -41.352 1.00 61.14  ? 235 GLY a O   1 
ATOM   1305 N N   . LEU A 1 236 ? 24.093  -3.507  -39.996 1.00 64.37  ? 236 LEU a N   1 
ATOM   1306 C CA  . LEU A 1 236 ? 24.782  -2.571  -40.878 1.00 64.37  ? 236 LEU a CA  1 
ATOM   1307 C C   . LEU A 1 236 ? 25.712  -3.299  -41.843 1.00 64.37  ? 236 LEU a C   1 
ATOM   1308 O O   . LEU A 1 236 ? 26.777  -3.779  -41.454 1.00 64.37  ? 236 LEU a O   1 
ATOM   1309 C CB  . LEU A 1 236 ? 25.570  -1.549  -40.055 1.00 64.37  ? 236 LEU a CB  1 
ATOM   1310 C CG  . LEU A 1 236 ? 25.971  -0.245  -40.747 1.00 64.37  ? 236 LEU a CG  1 
ATOM   1311 C CD1 . LEU A 1 236 ? 24.755  0.477   -41.296 1.00 64.37  ? 236 LEU a CD1 1 
ATOM   1312 C CD2 . LEU A 1 236 ? 26.735  0.649   -39.792 1.00 64.37  ? 236 LEU a CD2 1 
HETATM 1313 O O   . HOH B 2 .   ? 6.293   -14.415 9.968   1.00 26.78  ? 301 HOH a O   1 
HETATM 1314 O O   . HOH B 2 .   ? 13.101  -9.959  -8.512  1.00 31.27  ? 302 HOH a O   1 
HETATM 1315 O O   . HOH B 2 .   ? -1.675  3.490   12.800  1.00 59.12  ? 303 HOH a O   1 
HETATM 1316 O O   . HOH B 2 .   ? 8.741   -19.189 2.850   1.00 30.00  ? 304 HOH a O   1 
HETATM 1317 O O   . HOH B 2 .   ? -0.104  -7.978  4.760   1.00 37.73  ? 305 HOH a O   1 
HETATM 1318 O O   . HOH B 2 .   ? 6.318   -8.361  -7.095  1.00 34.18  ? 306 HOH a O   1 
HETATM 1319 O O   . HOH B 2 .   ? 4.794   -2.128  -11.364 1.00 34.43  ? 307 HOH a O   1 
HETATM 1320 O O   . HOH B 2 .   ? 20.744  -0.726  -18.338 1.00 35.68  ? 308 HOH a O   1 
HETATM 1321 O O   . HOH B 2 .   ? 6.583   7.611   8.989   1.00 44.56  ? 309 HOH a O   1 
HETATM 1322 O O   . HOH B 2 .   ? 15.151  -5.729  -1.526  1.00 27.56  ? 310 HOH a O   1 
HETATM 1323 O O   . HOH B 2 .   ? 5.659   4.632   10.270  1.00 41.49  ? 311 HOH a O   1 
HETATM 1324 O O   . HOH B 2 .   ? 18.498  -4.267  -17.299 1.00 38.41  ? 312 HOH a O   1 
HETATM 1325 O O   . HOH B 2 .   ? 3.695   -11.353 0.915   1.00 34.17  ? 313 HOH a O   1 
HETATM 1326 O O   . HOH B 2 .   ? 11.203  -10.355 -12.395 1.00 37.14  ? 314 HOH a O   1 
HETATM 1327 O O   . HOH B 2 .   ? 2.047   4.377   -8.887  1.00 43.54  ? 315 HOH a O   1 
HETATM 1328 O O   . HOH B 2 .   ? 2.766   -10.783 -1.529  1.00 41.55  ? 316 HOH a O   1 
HETATM 1329 O O   . HOH B 2 .   ? 16.618  -16.138 -5.096  1.00 25.18  ? 317 HOH a O   1 
HETATM 1330 O O   . HOH B 2 .   ? 17.283  -7.623  0.235   1.00 28.39  ? 318 HOH a O   1 
HETATM 1331 O O   . HOH B 2 .   ? 4.897   -10.612 -3.387  1.00 36.68  ? 319 HOH a O   1 
HETATM 1332 O O   . HOH B 2 .   ? 9.811   2.454   -11.221 1.00 34.97  ? 320 HOH a O   1 
HETATM 1333 O O   . HOH B 2 .   ? 14.515  5.874   -7.601  1.00 33.93  ? 321 HOH a O   1 
HETATM 1334 O O   . HOH B 2 .   ? 26.515  -5.048  -25.411 1.00 47.93  ? 322 HOH a O   1 
HETATM 1335 O O   . HOH B 2 .   ? 16.365  6.013   -6.465  1.00 36.10  ? 323 HOH a O   1 
HETATM 1336 O O   . HOH B 2 .   ? 24.673  -6.047  -28.016 1.00 51.25  ? 324 HOH a O   1 
HETATM 1337 O O   . HOH B 2 .   ? 11.127  4.788   -10.232 1.00 33.39  ? 325 HOH a O   1 
HETATM 1338 O O   . HOH B 2 .   ? 9.932   -0.864  -12.557 1.00 31.48  ? 326 HOH a O   1 
HETATM 1339 O O   . HOH B 2 .   ? 6.322   -16.930 11.026  1.00 28.42  ? 327 HOH a O   1 
HETATM 1340 O O   . HOH B 2 .   ? 7.482   11.618  -8.994  1.00 41.87  ? 328 HOH a O   1 
HETATM 1341 O O   . HOH B 2 .   ? 17.965  -10.306 -6.334  1.00 40.86  ? 329 HOH a O   1 
HETATM 1342 O O   . HOH B 2 .   ? 10.811  -13.618 -10.736 1.00 36.00  ? 330 HOH a O   1 
# 
